data_9MZW
#
_entry.id   9MZW
#
_cell.length_a   1.00
_cell.length_b   1.00
_cell.length_c   1.00
_cell.angle_alpha   90.00
_cell.angle_beta   90.00
_cell.angle_gamma   90.00
#
_symmetry.space_group_name_H-M   'P 1'
#
loop_
_entity.id
_entity.type
_entity.pdbx_description
1 polymer 'Serine/threonine-protein phosphatase 2A 65 kDa regulatory subunit A alpha isoform'
2 polymer 'Serine/threonine-protein phosphatase 2A 55 kDa regulatory subunit B alpha isoform'
3 polymer 'Serine/threonine-protein phosphatase 2A catalytic subunit alpha isoform'
#
loop_
_entity_poly.entity_id
_entity_poly.type
_entity_poly.pdbx_seq_one_letter_code
_entity_poly.pdbx_strand_id
1 'polypeptide(L)'
;GHMSLYPIAVLIDELRNEDVQLRLNSIKKLSTIALALGVERTRSELLPFLTDTIYDEDEVLLALAEQLGTFTTLVGGPEY
VHCLLPPLESLATVEETVVRDKAVESLRAISHEHSPSDLEAHFVPLVKRLAGGDWFTSRTSACGLFSVCYPRVSSAVKAE
LRQYFRNLCSDDTPMVRRAAASKLGEFAKVLELDNVKSEIIPMFSNLASDEQDSVRLLAVEACVNIAQLLPQEDLEALVM
PTLRQAAEDKSWRVRYMVADKFTELQKAVGPEITKTDLVPAFQNLMKDCEAEVRAAASHKVKEFCENLSADCRENVIMSQ
ILPCIKELVSDANQHVKSALASVIMGLSPILGKDNTIEHLLPLFLAQLKDECPEVRLNIISNLDCVNEVIGIRQLSQSLL
PAIVELAEDAKWRVRLAIIEYMPLLAGQLGVEFFDEKLNSLCMAWLVDHVYAIREAATSNLKKLVEKFGKEWAHATIIPK
VLAMSGDPNYLHRMTTLFCINVLSEVCGQDITTKHMLPTVLRMAGDPVANVRFNVAKSLQKIGPILDNSTLQSEVKPILE
KLTQDQDVDVKYFAQEALTVLSLA
;
A
2 'polypeptide(L)'
;GHMGSAGAGGGNDIQWCFSQVKGAVDDDVAEADIISTVEFNHSGELLATGDKGGRVVIFQQEQENKIQSHSRGEYNVYST
FQSHEPEFDYLKSLEIEEKINKIRWLPQKNAAQFLLSTNDKTIKLWKISERDKRPEGYNLKEEDGRYRDPTTVTTLRVPV
FRPMDLMVEASPRRIFANAHTYHINSISINSDYETYLSADDLRINLWHLEITDRSFNIVDIKPANMEELTEVITAAEFHP
NSCNTFVYSSSKGTIRLCDMRASALCDRHSKLFEEPEDPSNRSFFSEIISSISDVKFSHSGRYMMTRDYLSVKIWDLNME
NRPVETYQVHEYLRSKLCSLYENDCIFDKFECCWNGSDSVVMTGSYNNFFRMFDRNTKRDITLEASRENNKPRTVLKPRK
VCASGKRKKDEISVDSLDFNKKILHTAWHPKENIIAVATTNNLYIFQDKVN
;
B
3 'polypeptide(L)'
;GHMDEKVFTKELDQWIEQLNECKQLSESQVKSLCEKAKEILTKESNVQEVRCPVTVCGDVHGQFHDLMELFRIGGKSPDT
NYLFMGDYVDRGYYSVETVTLLVALKVRYRERITILRGNHESRQITQVYGFYDECLRKYGNANVWKYFTDLFDYLPLTAL
VDGQIFCLHGGLSPSIDTLDHIRALDRLQEVPHEGPMCDLLWSDPDDRGGWGISPRGAGYTFGQDISETFNHANGLTLVS
RAHQLVMEGYNWCHDRNVVTIFSAPNYCYRCGNQAAIMELDDTLKYSFLQFDPAPRRGEPHVTRRTPDYFL
;
C
#
# COMPACT_ATOMS: atom_id res chain seq x y z
N LEU A 5 19.48 34.66 -20.07
CA LEU A 5 18.86 35.89 -19.59
C LEU A 5 17.34 35.76 -19.58
N TYR A 6 16.75 35.64 -20.76
CA TYR A 6 15.30 35.44 -20.84
C TYR A 6 14.83 34.17 -20.16
N PRO A 7 15.46 33.00 -20.37
CA PRO A 7 15.01 31.80 -19.62
C PRO A 7 15.15 31.96 -18.11
N ILE A 8 16.14 32.71 -17.65
CA ILE A 8 16.33 32.89 -16.22
C ILE A 8 15.21 33.75 -15.64
N ALA A 9 14.81 34.80 -16.38
CA ALA A 9 13.66 35.59 -15.97
C ALA A 9 12.38 34.75 -16.02
N VAL A 10 12.27 33.86 -17.00
CA VAL A 10 11.14 32.95 -17.06
C VAL A 10 11.10 32.08 -15.81
N LEU A 11 12.26 31.58 -15.38
CA LEU A 11 12.33 30.78 -14.16
C LEU A 11 11.92 31.61 -12.94
N ILE A 12 12.41 32.86 -12.87
CA ILE A 12 12.10 33.71 -11.71
C ILE A 12 10.60 33.98 -11.63
N ASP A 13 9.98 34.32 -12.75
CA ASP A 13 8.53 34.45 -12.77
C ASP A 13 7.84 33.13 -12.51
N GLU A 14 8.52 32.01 -12.79
CA GLU A 14 7.91 30.70 -12.74
C GLU A 14 7.87 30.16 -11.33
N LEU A 15 8.62 30.77 -10.41
CA LEU A 15 8.50 30.46 -8.98
C LEU A 15 7.10 30.76 -8.49
N ARG A 16 6.49 31.80 -9.03
CA ARG A 16 5.12 32.19 -8.71
C ARG A 16 4.27 31.82 -9.93
N ASN A 17 3.73 30.61 -9.92
CA ASN A 17 2.98 30.11 -11.06
C ASN A 17 1.86 29.21 -10.56
N GLU A 18 0.81 29.09 -11.36
CA GLU A 18 -0.33 28.26 -11.02
C GLU A 18 -0.10 26.79 -11.36
N ASP A 19 0.91 26.48 -12.18
CA ASP A 19 1.20 25.10 -12.57
C ASP A 19 2.18 24.51 -11.57
N VAL A 20 1.77 23.42 -10.91
CA VAL A 20 2.62 22.78 -9.91
C VAL A 20 3.89 22.24 -10.54
N GLN A 21 3.76 21.59 -11.71
CA GLN A 21 4.93 21.02 -12.37
C GLN A 21 5.91 22.11 -12.79
N LEU A 22 5.41 23.20 -13.34
CA LEU A 22 6.30 24.29 -13.77
C LEU A 22 6.96 24.96 -12.58
N ARG A 23 6.21 25.17 -11.50
CA ARG A 23 6.81 25.74 -10.28
C ARG A 23 7.88 24.81 -9.71
N LEU A 24 7.61 23.51 -9.71
CA LEU A 24 8.59 22.55 -9.21
C LEU A 24 9.85 22.55 -10.08
N ASN A 25 9.68 22.64 -11.40
CA ASN A 25 10.84 22.75 -12.29
C ASN A 25 11.61 24.03 -12.03
N SER A 26 10.92 25.14 -11.80
CA SER A 26 11.60 26.39 -11.51
C SER A 26 12.40 26.30 -10.20
N ILE A 27 11.81 25.68 -9.18
CA ILE A 27 12.50 25.55 -7.90
C ILE A 27 13.69 24.61 -8.02
N LYS A 28 13.55 23.53 -8.82
CA LYS A 28 14.67 22.63 -9.01
C LYS A 28 15.85 23.28 -9.72
N LYS A 29 15.62 24.37 -10.45
CA LYS A 29 16.67 25.11 -11.13
C LYS A 29 17.01 26.40 -10.39
N LEU A 30 16.93 26.36 -9.06
CA LEU A 30 17.23 27.53 -8.25
C LEU A 30 18.71 27.89 -8.26
N SER A 31 19.58 26.93 -8.56
CA SER A 31 21.01 27.21 -8.58
C SER A 31 21.36 28.23 -9.67
N THR A 32 20.78 28.08 -10.86
CA THR A 32 21.03 29.04 -11.93
C THR A 32 20.48 30.42 -11.56
N ILE A 33 19.31 30.46 -10.93
CA ILE A 33 18.74 31.73 -10.50
C ILE A 33 19.68 32.43 -9.52
N ALA A 34 20.18 31.68 -8.55
CA ALA A 34 21.10 32.26 -7.57
C ALA A 34 22.40 32.71 -8.21
N LEU A 35 22.92 31.91 -9.16
CA LEU A 35 24.15 32.27 -9.85
C LEU A 35 23.98 33.57 -10.62
N ALA A 36 22.87 33.72 -11.34
CA ALA A 36 22.61 34.95 -12.06
C ALA A 36 22.44 36.12 -11.12
N LEU A 37 21.71 35.93 -10.02
CA LEU A 37 21.42 37.03 -9.11
C LEU A 37 22.69 37.52 -8.43
N GLY A 38 23.55 36.61 -7.99
CA GLY A 38 24.71 36.99 -7.22
C GLY A 38 24.53 36.72 -5.74
N VAL A 39 25.66 36.65 -5.03
CA VAL A 39 25.63 36.30 -3.62
C VAL A 39 24.87 37.35 -2.81
N GLU A 40 25.15 38.63 -3.06
CA GLU A 40 24.49 39.69 -2.31
C GLU A 40 23.00 39.72 -2.57
N ARG A 41 22.60 39.57 -3.83
CA ARG A 41 21.17 39.60 -4.16
C ARG A 41 20.45 38.40 -3.57
N THR A 42 21.07 37.21 -3.61
CA THR A 42 20.46 36.05 -3.00
C THR A 42 20.32 36.23 -1.49
N ARG A 43 21.34 36.80 -0.86
CA ARG A 43 21.28 37.04 0.58
C ARG A 43 20.25 38.11 0.94
N SER A 44 19.97 39.03 0.02
CA SER A 44 19.13 40.18 0.33
C SER A 44 17.70 40.09 -0.17
N GLU A 45 17.45 39.49 -1.34
CA GLU A 45 16.09 39.48 -1.87
C GLU A 45 15.61 38.14 -2.42
N LEU A 46 16.48 37.16 -2.68
CA LEU A 46 15.99 35.86 -3.14
C LEU A 46 15.65 34.96 -1.96
N LEU A 47 16.59 34.82 -1.01
CA LEU A 47 16.33 33.95 0.14
C LEU A 47 15.16 34.43 0.98
N PRO A 48 15.03 35.73 1.33
CA PRO A 48 13.85 36.14 2.09
C PRO A 48 12.54 35.90 1.36
N PHE A 49 12.55 35.83 0.03
CA PHE A 49 11.37 35.38 -0.69
C PHE A 49 11.10 33.89 -0.47
N LEU A 50 12.13 33.11 -0.13
CA LEU A 50 11.99 31.68 0.09
C LEU A 50 11.66 31.32 1.53
N THR A 51 11.64 32.28 2.44
CA THR A 51 11.26 31.99 3.83
C THR A 51 9.75 32.06 4.03
N ASP A 52 9.10 33.05 3.44
CA ASP A 52 7.65 33.18 3.50
C ASP A 52 6.95 32.35 2.43
N THR A 53 7.69 31.71 1.53
CA THR A 53 7.10 31.00 0.41
C THR A 53 6.44 29.70 0.81
N ILE A 54 6.23 29.41 2.09
CA ILE A 54 5.67 28.12 2.46
C ILE A 54 4.17 28.17 2.21
N TYR A 55 3.78 27.85 0.98
CA TYR A 55 2.39 27.71 0.60
C TYR A 55 2.22 26.55 -0.38
N ASP A 56 3.23 25.72 -0.56
CA ASP A 56 3.32 24.79 -1.67
C ASP A 56 2.95 23.38 -1.22
N GLU A 57 3.07 22.44 -2.14
CA GLU A 57 2.76 21.05 -1.90
C GLU A 57 3.99 20.30 -1.42
N ASP A 58 3.86 18.97 -1.29
CA ASP A 58 4.95 18.18 -0.73
C ASP A 58 6.18 18.21 -1.62
N GLU A 59 6.00 18.01 -2.93
CA GLU A 59 7.15 17.92 -3.82
C GLU A 59 7.89 19.25 -3.93
N VAL A 60 7.15 20.36 -4.01
CA VAL A 60 7.78 21.67 -4.15
C VAL A 60 8.59 22.02 -2.90
N LEU A 61 8.00 21.83 -1.73
CA LEU A 61 8.70 22.13 -0.49
C LEU A 61 9.87 21.18 -0.28
N LEU A 62 9.71 19.91 -0.65
CA LEU A 62 10.81 18.96 -0.54
C LEU A 62 11.98 19.35 -1.44
N ALA A 63 11.68 19.77 -2.67
CA ALA A 63 12.73 20.22 -3.57
C ALA A 63 13.40 21.48 -3.06
N LEU A 64 12.62 22.41 -2.50
CA LEU A 64 13.21 23.62 -1.94
C LEU A 64 14.13 23.28 -0.77
N ALA A 65 13.71 22.38 0.11
CA ALA A 65 14.54 21.97 1.23
C ALA A 65 15.80 21.28 0.77
N GLU A 66 15.71 20.44 -0.26
CA GLU A 66 16.90 19.81 -0.80
C GLU A 66 17.85 20.83 -1.42
N GLN A 67 17.32 21.81 -2.14
CA GLN A 67 18.16 22.82 -2.77
C GLN A 67 18.86 23.70 -1.75
N LEU A 68 18.15 24.08 -0.68
CA LEU A 68 18.74 24.97 0.31
C LEU A 68 19.95 24.35 1.01
N GLY A 69 20.04 23.02 1.03
CA GLY A 69 21.20 22.40 1.65
C GLY A 69 22.49 22.65 0.90
N THR A 70 22.43 22.66 -0.44
CA THR A 70 23.58 22.92 -1.29
C THR A 70 23.70 24.38 -1.69
N PHE A 71 23.21 25.30 -0.84
CA PHE A 71 23.20 26.71 -1.17
C PHE A 71 24.33 27.49 -0.49
N THR A 72 25.06 26.86 0.44
CA THR A 72 26.02 27.60 1.25
C THR A 72 27.11 28.27 0.44
N THR A 73 27.40 27.74 -0.76
CA THR A 73 28.45 28.33 -1.62
C THR A 73 27.86 29.45 -2.45
N LEU A 74 26.54 29.41 -2.67
CA LEU A 74 25.89 30.40 -3.52
C LEU A 74 25.44 31.65 -2.76
N VAL A 75 25.44 31.60 -1.43
CA VAL A 75 25.12 32.78 -0.62
C VAL A 75 26.37 33.54 -0.20
N GLY A 76 27.56 33.00 -0.44
CA GLY A 76 28.78 33.68 -0.07
C GLY A 76 29.71 32.89 0.82
N GLY A 77 29.62 31.57 0.77
CA GLY A 77 30.54 30.72 1.49
C GLY A 77 30.09 30.41 2.90
N PRO A 78 31.02 29.94 3.73
CA PRO A 78 30.68 29.54 5.10
C PRO A 78 30.58 30.69 6.09
N GLU A 79 30.72 31.93 5.65
CA GLU A 79 30.61 33.08 6.53
C GLU A 79 29.21 33.67 6.58
N TYR A 80 28.47 33.61 5.48
CA TYR A 80 27.09 34.12 5.42
C TYR A 80 26.08 32.99 5.40
N VAL A 81 26.49 31.77 5.78
CA VAL A 81 25.58 30.63 5.76
C VAL A 81 24.48 30.78 6.81
N HIS A 82 24.67 31.64 7.81
CA HIS A 82 23.62 31.88 8.79
C HIS A 82 22.37 32.48 8.16
N CYS A 83 22.51 33.16 7.01
CA CYS A 83 21.35 33.68 6.30
C CYS A 83 20.53 32.57 5.65
N LEU A 84 21.06 31.35 5.57
CA LEU A 84 20.31 30.20 5.10
C LEU A 84 19.43 29.58 6.17
N LEU A 85 19.50 30.08 7.39
CA LEU A 85 18.84 29.47 8.53
C LEU A 85 17.34 29.76 8.60
N PRO A 86 16.86 30.96 8.32
CA PRO A 86 15.41 31.22 8.41
C PRO A 86 14.58 30.34 7.50
N PRO A 87 14.94 30.18 6.21
CA PRO A 87 14.11 29.31 5.35
C PRO A 87 14.06 27.87 5.84
N LEU A 88 15.18 27.33 6.32
CA LEU A 88 15.18 25.96 6.81
C LEU A 88 14.47 25.82 8.14
N GLU A 89 14.56 26.83 9.00
CA GLU A 89 13.79 26.83 10.23
C GLU A 89 12.30 26.85 9.94
N SER A 90 11.89 27.61 8.92
CA SER A 90 10.49 27.59 8.51
C SER A 90 10.09 26.25 7.89
N LEU A 91 11.00 25.62 7.16
CA LEU A 91 10.71 24.32 6.54
C LEU A 91 10.67 23.17 7.53
N ALA A 92 11.40 23.28 8.64
CA ALA A 92 11.39 22.22 9.65
C ALA A 92 10.10 22.17 10.44
N THR A 93 9.25 23.17 10.32
CA THR A 93 7.99 23.25 11.06
C THR A 93 6.80 22.72 10.26
N VAL A 94 6.97 22.38 8.99
CA VAL A 94 5.86 21.99 8.14
C VAL A 94 5.31 20.64 8.59
N GLU A 95 4.14 20.27 8.09
CA GLU A 95 3.45 19.08 8.55
C GLU A 95 3.98 17.80 7.92
N GLU A 96 4.60 17.88 6.74
CA GLU A 96 5.04 16.70 6.03
C GLU A 96 6.34 16.18 6.64
N THR A 97 6.37 14.88 6.95
CA THR A 97 7.53 14.30 7.61
C THR A 97 8.73 14.16 6.67
N VAL A 98 8.50 13.98 5.37
CA VAL A 98 9.62 13.94 4.43
C VAL A 98 10.23 15.32 4.28
N VAL A 99 9.40 16.36 4.19
CA VAL A 99 9.92 17.72 4.12
C VAL A 99 10.65 18.08 5.41
N ARG A 100 10.09 17.68 6.55
CA ARG A 100 10.77 17.92 7.83
C ARG A 100 12.11 17.21 7.89
N ASP A 101 12.14 15.95 7.43
CA ASP A 101 13.38 15.17 7.48
C ASP A 101 14.44 15.78 6.56
N LYS A 102 14.04 16.23 5.37
CA LYS A 102 15.01 16.85 4.47
C LYS A 102 15.45 18.21 4.98
N ALA A 103 14.57 18.97 5.62
CA ALA A 103 14.99 20.23 6.24
C ALA A 103 15.99 19.99 7.36
N VAL A 104 15.74 18.96 8.18
CA VAL A 104 16.68 18.60 9.24
C VAL A 104 18.02 18.16 8.64
N GLU A 105 17.96 17.35 7.57
CA GLU A 105 19.19 16.88 6.94
C GLU A 105 19.99 18.05 6.35
N SER A 106 19.31 19.00 5.72
CA SER A 106 20.00 20.17 5.18
C SER A 106 20.55 21.07 6.29
N LEU A 107 19.82 21.21 7.39
CA LEU A 107 20.34 21.97 8.52
C LEU A 107 21.60 21.32 9.09
N ARG A 108 21.60 19.99 9.20
CA ARG A 108 22.80 19.29 9.63
C ARG A 108 23.93 19.44 8.63
N ALA A 109 23.63 19.35 7.33
CA ALA A 109 24.66 19.45 6.31
C ALA A 109 25.33 20.82 6.32
N ILE A 110 24.52 21.89 6.42
CA ILE A 110 25.09 23.23 6.51
C ILE A 110 25.59 23.58 7.91
N SER A 111 25.32 22.72 8.90
CA SER A 111 25.84 22.95 10.24
C SER A 111 27.33 22.68 10.35
N HIS A 112 27.91 21.96 9.38
CA HIS A 112 29.34 21.72 9.36
C HIS A 112 30.12 22.90 8.79
N GLU A 113 29.45 23.85 8.14
CA GLU A 113 30.09 25.05 7.63
C GLU A 113 30.06 26.20 8.62
N HIS A 114 29.32 26.07 9.72
CA HIS A 114 29.27 27.12 10.72
C HIS A 114 30.56 27.12 11.53
N SER A 115 31.18 28.29 11.67
CA SER A 115 32.28 28.42 12.61
C SER A 115 31.75 28.31 14.04
N PRO A 116 32.57 27.86 14.98
CA PRO A 116 32.06 27.66 16.35
C PRO A 116 31.43 28.91 16.95
N SER A 117 31.98 30.09 16.68
CA SER A 117 31.33 31.33 17.10
C SER A 117 29.98 31.48 16.39
N ASP A 118 29.97 31.34 15.07
CA ASP A 118 28.72 31.36 14.33
C ASP A 118 27.79 30.23 14.77
N LEU A 119 28.36 29.07 15.12
CA LEU A 119 27.57 27.97 15.64
C LEU A 119 26.78 28.43 16.86
N GLU A 120 27.50 28.77 17.94
CA GLU A 120 26.86 29.16 19.18
C GLU A 120 26.03 30.43 19.07
N ALA A 121 26.24 31.24 18.03
CA ALA A 121 25.47 32.47 17.89
C ALA A 121 24.25 32.36 16.99
N HIS A 122 24.22 31.40 16.07
CA HIS A 122 23.11 31.34 15.13
C HIS A 122 22.43 29.98 15.06
N PHE A 123 23.20 28.88 15.13
CA PHE A 123 22.59 27.57 14.95
C PHE A 123 22.13 26.97 16.26
N VAL A 124 22.93 27.08 17.32
CA VAL A 124 22.47 26.67 18.64
C VAL A 124 21.22 27.45 19.05
N PRO A 125 21.14 28.77 18.87
CA PRO A 125 19.85 29.44 19.11
C PRO A 125 18.73 28.91 18.23
N LEU A 126 19.03 28.49 17.00
CA LEU A 126 18.00 27.88 16.16
C LEU A 126 17.52 26.56 16.76
N VAL A 127 18.45 25.75 17.26
CA VAL A 127 18.06 24.49 17.89
C VAL A 127 17.22 24.76 19.13
N LYS A 128 17.59 25.75 19.94
CA LYS A 128 16.80 26.09 21.10
C LYS A 128 15.41 26.59 20.71
N ARG A 129 15.33 27.41 19.66
CA ARG A 129 14.04 27.90 19.18
C ARG A 129 13.15 26.77 18.67
N LEU A 130 13.73 25.82 17.95
CA LEU A 130 12.96 24.69 17.46
C LEU A 130 12.53 23.76 18.58
N ALA A 131 13.40 23.55 19.57
CA ALA A 131 13.09 22.65 20.68
C ALA A 131 12.24 23.31 21.77
N GLY A 132 12.05 24.62 21.71
CA GLY A 132 11.20 25.28 22.68
C GLY A 132 9.97 25.90 22.06
N GLY A 133 9.67 25.51 20.83
CA GLY A 133 8.54 26.07 20.12
C GLY A 133 7.22 25.55 20.65
N ASP A 134 6.14 26.18 20.18
CA ASP A 134 4.80 25.78 20.54
C ASP A 134 4.25 24.68 19.64
N TRP A 135 4.84 24.47 18.47
CA TRP A 135 4.44 23.42 17.56
C TRP A 135 5.32 22.20 17.79
N PHE A 136 4.71 21.03 17.98
CA PHE A 136 5.50 19.84 18.21
C PHE A 136 6.25 19.37 16.96
N THR A 137 5.90 19.89 15.79
CA THR A 137 6.70 19.60 14.60
C THR A 137 8.07 20.27 14.70
N SER A 138 8.12 21.48 15.26
CA SER A 138 9.40 22.14 15.46
C SER A 138 10.30 21.33 16.39
N ARG A 139 9.73 20.81 17.48
CA ARG A 139 10.52 20.01 18.41
C ARG A 139 10.90 18.66 17.81
N THR A 140 9.99 18.06 17.05
CA THR A 140 10.31 16.83 16.33
C THR A 140 11.50 17.05 15.39
N SER A 141 11.55 18.20 14.74
CA SER A 141 12.69 18.53 13.90
C SER A 141 13.93 18.91 14.70
N ALA A 142 13.75 19.44 15.91
CA ALA A 142 14.90 19.80 16.74
C ALA A 142 15.58 18.59 17.35
N CYS A 143 14.84 17.49 17.53
CA CYS A 143 15.43 16.29 18.11
C CYS A 143 16.64 15.82 17.32
N GLY A 144 16.67 16.05 16.02
CA GLY A 144 17.74 15.59 15.17
C GLY A 144 18.87 16.59 14.93
N LEU A 145 18.90 17.69 15.68
CA LEU A 145 19.92 18.72 15.48
C LEU A 145 20.84 18.88 16.68
N PHE A 146 20.89 17.88 17.58
CA PHE A 146 21.73 17.95 18.75
C PHE A 146 23.07 17.24 18.58
N SER A 147 23.17 16.29 17.67
CA SER A 147 24.40 15.56 17.44
C SER A 147 25.34 16.25 16.47
N VAL A 148 24.91 17.32 15.82
CA VAL A 148 25.74 18.01 14.84
C VAL A 148 26.39 19.28 15.39
N CYS A 149 25.85 19.83 16.48
CA CYS A 149 26.43 21.02 17.10
C CYS A 149 27.05 20.76 18.46
N TYR A 150 26.89 19.56 19.02
CA TYR A 150 27.43 19.30 20.36
C TYR A 150 28.94 19.27 20.39
N PRO A 151 29.63 18.46 19.57
CA PRO A 151 31.08 18.33 19.74
C PRO A 151 31.88 19.58 19.37
N ARG A 152 31.23 20.67 18.97
CA ARG A 152 31.94 21.86 18.53
C ARG A 152 31.54 23.12 19.29
N VAL A 153 30.87 22.99 20.44
CA VAL A 153 30.49 24.15 21.23
C VAL A 153 31.20 24.12 22.58
N SER A 154 31.01 25.14 23.39
CA SER A 154 31.66 25.23 24.68
C SER A 154 30.91 24.39 25.72
N SER A 155 31.49 24.31 26.92
CA SER A 155 30.91 23.46 27.97
C SER A 155 29.54 23.96 28.40
N ALA A 156 29.39 25.28 28.55
CA ALA A 156 28.09 25.83 28.94
C ALA A 156 27.03 25.54 27.90
N VAL A 157 27.37 25.74 26.62
CA VAL A 157 26.43 25.42 25.54
C VAL A 157 26.15 23.94 25.49
N LYS A 158 27.16 23.11 25.79
CA LYS A 158 26.93 21.67 25.85
C LYS A 158 25.92 21.33 26.94
N ALA A 159 26.05 21.95 28.12
CA ALA A 159 25.11 21.69 29.21
C ALA A 159 23.70 22.14 28.83
N GLU A 160 23.59 23.31 28.20
CA GLU A 160 22.27 23.78 27.78
C GLU A 160 21.66 22.84 26.75
N LEU A 161 22.46 22.35 25.81
CA LEU A 161 21.95 21.41 24.81
C LEU A 161 21.51 20.11 25.45
N ARG A 162 22.27 19.61 26.43
CA ARG A 162 21.86 18.41 27.13
C ARG A 162 20.56 18.62 27.88
N GLN A 163 20.39 19.78 28.52
CA GLN A 163 19.15 20.07 29.22
C GLN A 163 17.98 20.13 28.25
N TYR A 164 18.18 20.76 27.09
CA TYR A 164 17.11 20.84 26.10
C TYR A 164 16.74 19.47 25.55
N PHE A 165 17.73 18.62 25.31
CA PHE A 165 17.43 17.25 24.87
C PHE A 165 16.69 16.47 25.94
N ARG A 166 17.10 16.63 27.20
CA ARG A 166 16.40 15.96 28.29
C ARG A 166 14.95 16.43 28.37
N ASN A 167 14.71 17.72 28.14
CA ASN A 167 13.33 18.21 28.08
C ASN A 167 12.59 17.64 26.88
N LEU A 168 13.29 17.42 25.76
CA LEU A 168 12.65 16.83 24.59
C LEU A 168 12.21 15.40 24.86
N CYS A 169 13.06 14.61 25.54
CA CYS A 169 12.70 13.24 25.84
C CYS A 169 11.54 13.15 26.81
N SER A 170 11.36 14.17 27.66
CA SER A 170 10.30 14.20 28.64
C SER A 170 9.10 15.03 28.17
N ASP A 171 8.88 15.11 26.87
CA ASP A 171 7.81 15.94 26.33
C ASP A 171 6.45 15.29 26.60
N ASP A 172 5.39 15.95 26.14
CA ASP A 172 4.04 15.45 26.33
C ASP A 172 3.41 14.92 25.05
N THR A 173 3.86 15.35 23.88
CA THR A 173 3.37 14.81 22.63
C THR A 173 4.15 13.55 22.29
N PRO A 174 3.50 12.42 22.01
CA PRO A 174 4.26 11.19 21.73
C PRO A 174 5.23 11.31 20.58
N MET A 175 4.96 12.18 19.60
CA MET A 175 5.85 12.30 18.45
C MET A 175 7.22 12.82 18.84
N VAL A 176 7.27 13.79 19.76
CA VAL A 176 8.55 14.35 20.17
C VAL A 176 9.38 13.31 20.92
N ARG A 177 8.75 12.57 21.85
CA ARG A 177 9.48 11.53 22.55
C ARG A 177 9.94 10.44 21.60
N ARG A 178 9.08 10.07 20.64
CA ARG A 178 9.43 9.03 19.67
C ARG A 178 10.56 9.48 18.76
N ALA A 179 10.65 10.78 18.46
CA ALA A 179 11.77 11.30 17.69
C ALA A 179 13.03 11.45 18.51
N ALA A 180 12.92 11.72 19.81
CA ALA A 180 14.10 11.81 20.67
C ALA A 180 14.68 10.44 20.96
N ALA A 181 13.83 9.40 21.08
CA ALA A 181 14.33 8.05 21.28
C ALA A 181 15.15 7.58 20.09
N SER A 182 14.74 7.96 18.88
CA SER A 182 15.51 7.60 17.69
C SER A 182 16.89 8.22 17.69
N LYS A 183 17.01 9.47 18.14
CA LYS A 183 18.27 10.20 18.14
C LYS A 183 19.01 10.11 19.47
N LEU A 184 18.51 9.32 20.40
CA LEU A 184 19.24 9.11 21.65
C LEU A 184 20.56 8.38 21.43
N GLY A 185 20.57 7.36 20.57
CA GLY A 185 21.81 6.68 20.26
C GLY A 185 22.81 7.57 19.54
N GLU A 186 22.33 8.40 18.61
CA GLU A 186 23.21 9.35 17.93
C GLU A 186 23.73 10.42 18.88
N PHE A 187 22.88 10.92 19.78
CA PHE A 187 23.32 11.94 20.73
C PHE A 187 24.30 11.37 21.75
N ALA A 188 24.13 10.09 22.11
CA ALA A 188 25.05 9.48 23.07
C ALA A 188 26.43 9.23 22.49
N LYS A 189 26.57 9.18 21.17
CA LYS A 189 27.87 8.95 20.56
C LYS A 189 28.79 10.16 20.65
N VAL A 190 28.22 11.36 20.77
CA VAL A 190 29.02 12.59 20.84
C VAL A 190 29.16 13.09 22.27
N LEU A 191 28.63 12.37 23.26
CA LEU A 191 28.71 12.80 24.64
C LEU A 191 30.01 12.31 25.27
N GLU A 192 30.20 12.66 26.54
CA GLU A 192 31.30 12.13 27.33
C GLU A 192 30.80 10.94 28.13
N LEU A 193 31.70 9.98 28.38
CA LEU A 193 31.29 8.73 29.01
C LEU A 193 30.69 8.96 30.38
N ASP A 194 31.30 9.83 31.19
CA ASP A 194 30.70 10.19 32.47
C ASP A 194 29.35 10.85 32.27
N ASN A 195 29.26 11.77 31.30
CA ASN A 195 27.98 12.37 30.97
C ASN A 195 27.00 11.34 30.43
N VAL A 196 27.48 10.38 29.63
CA VAL A 196 26.60 9.31 29.16
C VAL A 196 25.95 8.61 30.35
N LYS A 197 26.78 8.09 31.26
CA LYS A 197 26.25 7.35 32.40
C LYS A 197 25.34 8.21 33.26
N SER A 198 25.69 9.49 33.43
CA SER A 198 24.93 10.35 34.34
C SER A 198 23.60 10.80 33.75
N GLU A 199 23.52 11.01 32.45
CA GLU A 199 22.35 11.64 31.84
C GLU A 199 21.62 10.75 30.84
N ILE A 200 22.33 10.11 29.91
CA ILE A 200 21.65 9.33 28.88
C ILE A 200 21.01 8.09 29.49
N ILE A 201 21.68 7.44 30.44
CA ILE A 201 21.12 6.24 31.04
C ILE A 201 19.77 6.50 31.72
N PRO A 202 19.60 7.55 32.53
CA PRO A 202 18.25 7.87 32.98
C PRO A 202 17.29 8.17 31.84
N MET A 203 17.75 8.87 30.80
CA MET A 203 16.90 9.18 29.67
C MET A 203 16.50 7.91 28.93
N PHE A 204 17.47 7.03 28.70
CA PHE A 204 17.20 5.77 27.99
C PHE A 204 16.28 4.88 28.80
N SER A 205 16.47 4.82 30.11
CA SER A 205 15.59 4.04 30.97
C SER A 205 14.19 4.62 31.04
N ASN A 206 14.04 5.94 31.00
CA ASN A 206 12.73 6.57 31.00
C ASN A 206 11.99 6.40 29.68
N LEU A 207 12.72 6.46 28.56
CA LEU A 207 12.10 6.20 27.27
C LEU A 207 11.76 4.73 27.09
N ALA A 208 12.54 3.83 27.68
CA ALA A 208 12.29 2.41 27.56
C ALA A 208 11.08 1.95 28.36
N SER A 209 10.60 2.76 29.29
CA SER A 209 9.42 2.44 30.09
C SER A 209 8.30 3.44 29.81
N ASP A 210 8.24 3.91 28.57
CA ASP A 210 7.28 4.94 28.20
C ASP A 210 5.87 4.36 28.14
N GLU A 211 4.88 5.24 28.30
CA GLU A 211 3.49 4.83 28.22
C GLU A 211 3.08 4.43 26.80
N GLN A 212 3.83 4.87 25.80
CA GLN A 212 3.55 4.58 24.40
C GLN A 212 4.50 3.49 23.93
N ASP A 213 3.95 2.41 23.41
CA ASP A 213 4.84 1.34 22.96
C ASP A 213 5.53 1.66 21.68
N SER A 214 5.13 2.73 20.97
CA SER A 214 5.86 3.18 19.79
C SER A 214 7.12 3.92 20.14
N VAL A 215 7.23 4.44 21.37
CA VAL A 215 8.48 5.01 21.86
C VAL A 215 9.32 3.96 22.57
N ARG A 216 8.72 2.85 23.01
CA ARG A 216 9.46 1.79 23.67
C ARG A 216 10.27 0.97 22.68
N LEU A 217 9.76 0.80 21.46
CA LEU A 217 10.43 -0.02 20.46
C LEU A 217 11.57 0.69 19.77
N LEU A 218 11.83 1.96 20.13
CA LEU A 218 13.05 2.64 19.72
C LEU A 218 14.13 2.63 20.79
N ALA A 219 13.74 2.39 22.04
CA ALA A 219 14.72 2.15 23.09
C ALA A 219 15.56 0.92 22.83
N VAL A 220 15.10 -0.01 22.00
CA VAL A 220 15.92 -1.17 21.64
C VAL A 220 17.12 -0.72 20.82
N GLU A 221 16.89 0.09 19.79
CA GLU A 221 18.01 0.64 19.03
C GLU A 221 18.86 1.57 19.89
N ALA A 222 18.22 2.30 20.80
CA ALA A 222 18.99 3.11 21.74
C ALA A 222 19.93 2.25 22.58
N CYS A 223 19.44 1.11 23.05
CA CYS A 223 20.28 0.19 23.83
C CYS A 223 21.41 -0.38 23.00
N VAL A 224 21.12 -0.73 21.74
CA VAL A 224 22.17 -1.24 20.86
C VAL A 224 23.26 -0.20 20.67
N ASN A 225 22.87 1.06 20.42
CA ASN A 225 23.84 2.12 20.20
C ASN A 225 24.54 2.57 21.48
N ILE A 226 23.94 2.33 22.64
CA ILE A 226 24.54 2.73 23.90
C ILE A 226 25.52 1.69 24.44
N ALA A 227 25.17 0.40 24.32
CA ALA A 227 26.04 -0.65 24.83
C ALA A 227 27.40 -0.67 24.16
N GLN A 228 27.53 -0.06 22.99
CA GLN A 228 28.80 0.03 22.29
C GLN A 228 29.68 1.18 22.80
N LEU A 229 29.17 1.99 23.73
CA LEU A 229 29.93 3.10 24.28
C LEU A 229 30.38 2.87 25.71
N LEU A 230 29.66 2.08 26.48
CA LEU A 230 29.99 1.81 27.87
C LEU A 230 30.97 0.65 27.97
N PRO A 231 31.75 0.60 29.06
CA PRO A 231 32.61 -0.57 29.29
C PRO A 231 31.78 -1.81 29.58
N GLN A 232 32.40 -2.97 29.35
CA GLN A 232 31.70 -4.23 29.54
C GLN A 232 31.20 -4.43 30.96
N GLU A 233 31.89 -3.83 31.95
CA GLU A 233 31.48 -3.99 33.33
C GLU A 233 30.25 -3.16 33.69
N ASP A 234 30.03 -2.03 33.02
CA ASP A 234 28.92 -1.15 33.33
C ASP A 234 27.62 -1.56 32.65
N LEU A 235 27.67 -2.51 31.72
CA LEU A 235 26.45 -2.95 31.04
C LEU A 235 25.50 -3.64 31.99
N GLU A 236 26.04 -4.47 32.90
CA GLU A 236 25.18 -5.22 33.82
C GLU A 236 24.40 -4.31 34.76
N ALA A 237 24.99 -3.20 35.18
CA ALA A 237 24.35 -2.34 36.16
C ALA A 237 23.49 -1.25 35.54
N LEU A 238 23.79 -0.83 34.31
CA LEU A 238 23.13 0.32 33.70
C LEU A 238 22.18 -0.07 32.57
N VAL A 239 22.63 -0.91 31.63
CA VAL A 239 21.89 -1.20 30.41
C VAL A 239 21.16 -2.53 30.50
N MET A 240 21.80 -3.56 31.04
CA MET A 240 21.23 -4.91 30.99
C MET A 240 19.86 -5.04 31.64
N PRO A 241 19.58 -4.44 32.81
CA PRO A 241 18.22 -4.58 33.36
C PRO A 241 17.14 -4.06 32.44
N THR A 242 17.39 -2.93 31.77
CA THR A 242 16.41 -2.37 30.87
C THR A 242 16.24 -3.25 29.63
N LEU A 243 17.32 -3.82 29.11
CA LEU A 243 17.22 -4.75 28.00
C LEU A 243 16.42 -5.99 28.39
N ARG A 244 16.64 -6.51 29.61
CA ARG A 244 15.86 -7.64 30.08
C ARG A 244 14.38 -7.29 30.18
N GLN A 245 14.08 -6.10 30.69
CA GLN A 245 12.70 -5.65 30.73
C GLN A 245 12.12 -5.43 29.33
N ALA A 246 12.98 -5.19 28.34
CA ALA A 246 12.53 -4.98 26.97
C ALA A 246 12.33 -6.28 26.20
N ALA A 247 13.17 -7.28 26.45
CA ALA A 247 12.95 -8.60 25.84
C ALA A 247 11.67 -9.24 26.37
N GLU A 248 11.38 -9.08 27.66
CA GLU A 248 10.16 -9.57 28.27
C GLU A 248 9.04 -8.54 28.27
N ASP A 249 9.04 -7.64 27.29
CA ASP A 249 8.07 -6.56 27.25
C ASP A 249 6.66 -7.08 27.03
N LYS A 250 5.69 -6.30 27.47
CA LYS A 250 4.28 -6.66 27.33
C LYS A 250 3.77 -6.48 25.91
N SER A 251 4.26 -5.46 25.20
CA SER A 251 3.89 -5.21 23.82
C SER A 251 4.71 -6.09 22.89
N TRP A 252 4.05 -6.73 21.92
CA TRP A 252 4.76 -7.61 21.01
C TRP A 252 5.70 -6.86 20.08
N ARG A 253 5.49 -5.56 19.88
CA ARG A 253 6.38 -4.79 19.01
C ARG A 253 7.76 -4.61 19.63
N VAL A 254 7.82 -4.39 20.94
CA VAL A 254 9.11 -4.24 21.61
C VAL A 254 9.87 -5.56 21.58
N ARG A 255 9.18 -6.68 21.85
CA ARG A 255 9.84 -7.98 21.77
C ARG A 255 10.29 -8.27 20.34
N TYR A 256 9.47 -7.89 19.35
CA TYR A 256 9.88 -8.08 17.97
C TYR A 256 11.13 -7.28 17.65
N MET A 257 11.21 -6.05 18.15
CA MET A 257 12.42 -5.25 17.91
C MET A 257 13.64 -5.86 18.59
N VAL A 258 13.46 -6.39 19.80
CA VAL A 258 14.57 -7.04 20.49
C VAL A 258 15.04 -8.25 19.70
N ALA A 259 14.10 -9.07 19.21
CA ALA A 259 14.46 -10.23 18.41
C ALA A 259 15.16 -9.80 17.12
N ASP A 260 14.67 -8.74 16.48
CA ASP A 260 15.26 -8.26 15.24
C ASP A 260 16.68 -7.76 15.43
N LYS A 261 16.95 -7.08 16.55
CA LYS A 261 18.27 -6.53 16.83
C LYS A 261 19.11 -7.44 17.71
N PHE A 262 18.69 -8.68 17.94
CA PHE A 262 19.41 -9.58 18.83
C PHE A 262 20.86 -9.80 18.43
N THR A 263 21.14 -9.93 17.13
CA THR A 263 22.52 -10.15 16.71
C THR A 263 23.41 -8.95 17.04
N GLU A 264 22.91 -7.74 16.78
CA GLU A 264 23.65 -6.54 17.15
C GLU A 264 23.79 -6.42 18.65
N LEU A 265 22.77 -6.82 19.40
CA LEU A 265 22.86 -6.80 20.86
C LEU A 265 23.95 -7.73 21.35
N GLN A 266 23.99 -8.95 20.79
CA GLN A 266 25.02 -9.92 21.17
C GLN A 266 26.41 -9.41 20.82
N LYS A 267 26.55 -8.76 19.66
CA LYS A 267 27.82 -8.16 19.30
C LYS A 267 28.22 -7.06 20.28
N ALA A 268 27.26 -6.22 20.68
CA ALA A 268 27.56 -5.04 21.49
C ALA A 268 27.89 -5.39 22.94
N VAL A 269 27.13 -6.30 23.54
CA VAL A 269 27.26 -6.53 24.98
C VAL A 269 28.46 -7.39 25.34
N GLY A 270 29.12 -8.01 24.37
CA GLY A 270 30.25 -8.86 24.65
C GLY A 270 29.84 -10.28 24.94
N PRO A 271 30.68 -11.25 24.55
CA PRO A 271 30.24 -12.65 24.57
C PRO A 271 29.84 -13.18 25.94
N GLU A 272 30.48 -12.73 27.01
CA GLU A 272 30.15 -13.25 28.33
C GLU A 272 28.71 -12.88 28.72
N ILE A 273 28.33 -11.63 28.49
CA ILE A 273 26.96 -11.22 28.80
C ILE A 273 25.97 -11.95 27.92
N THR A 274 26.33 -12.22 26.66
CA THR A 274 25.48 -13.06 25.81
C THR A 274 25.25 -14.41 26.46
N LYS A 275 26.33 -15.17 26.67
CA LYS A 275 26.21 -16.51 27.23
C LYS A 275 25.47 -16.53 28.56
N THR A 276 25.58 -15.46 29.34
CA THR A 276 24.93 -15.43 30.65
C THR A 276 23.45 -15.09 30.56
N ASP A 277 23.10 -13.94 29.96
CA ASP A 277 21.73 -13.44 29.97
C ASP A 277 21.00 -13.56 28.64
N LEU A 278 21.67 -13.38 27.51
CA LEU A 278 20.96 -13.30 26.24
C LEU A 278 20.51 -14.68 25.75
N VAL A 279 21.28 -15.73 26.04
CA VAL A 279 20.86 -17.07 25.62
C VAL A 279 19.51 -17.46 26.23
N PRO A 280 19.27 -17.30 27.53
CA PRO A 280 17.89 -17.47 28.02
C PRO A 280 16.91 -16.53 27.34
N ALA A 281 17.34 -15.29 27.06
CA ALA A 281 16.47 -14.35 26.36
C ALA A 281 16.17 -14.84 24.95
N PHE A 282 17.17 -15.37 24.25
CA PHE A 282 16.92 -15.91 22.91
C PHE A 282 15.98 -17.11 22.95
N GLN A 283 16.18 -18.01 23.92
CA GLN A 283 15.27 -19.14 24.05
C GLN A 283 13.85 -18.68 24.31
N ASN A 284 13.67 -17.71 25.20
CA ASN A 284 12.33 -17.22 25.50
C ASN A 284 11.73 -16.45 24.33
N LEU A 285 12.55 -15.85 23.48
CA LEU A 285 12.03 -15.20 22.29
C LEU A 285 11.62 -16.22 21.23
N MET A 286 12.35 -17.33 21.12
CA MET A 286 12.00 -18.35 20.14
C MET A 286 10.83 -19.21 20.59
N LYS A 287 10.46 -19.15 21.87
CA LYS A 287 9.24 -19.78 22.38
C LYS A 287 8.13 -18.77 22.63
N ASP A 288 8.23 -17.59 21.92
CA ASP A 288 7.25 -16.54 22.18
C ASP A 288 5.87 -16.95 21.67
N CYS A 289 4.83 -16.46 22.33
CA CYS A 289 3.47 -16.77 21.96
C CYS A 289 3.06 -16.02 20.70
N GLU A 290 3.91 -15.11 20.23
CA GLU A 290 3.63 -14.30 19.06
C GLU A 290 4.34 -14.90 17.85
N ALA A 291 3.60 -15.06 16.76
CA ALA A 291 4.18 -15.67 15.56
C ALA A 291 5.26 -14.79 14.95
N GLU A 292 5.04 -13.48 14.92
CA GLU A 292 6.02 -12.58 14.31
C GLU A 292 7.29 -12.49 15.14
N VAL A 293 7.17 -12.49 16.47
CA VAL A 293 8.35 -12.49 17.32
C VAL A 293 9.14 -13.79 17.14
N ARG A 294 8.44 -14.92 17.05
CA ARG A 294 9.11 -16.19 16.80
C ARG A 294 9.83 -16.17 15.46
N ALA A 295 9.18 -15.62 14.43
CA ALA A 295 9.80 -15.56 13.11
C ALA A 295 11.05 -14.67 13.13
N ALA A 296 10.96 -13.52 13.79
CA ALA A 296 12.11 -12.62 13.88
C ALA A 296 13.26 -13.27 14.64
N ALA A 297 12.94 -13.99 15.73
CA ALA A 297 13.97 -14.67 16.50
C ALA A 297 14.59 -15.84 15.75
N SER A 298 13.80 -16.54 14.93
CA SER A 298 14.33 -17.65 14.14
C SER A 298 15.14 -17.16 12.95
N HIS A 299 14.87 -15.93 12.47
CA HIS A 299 15.67 -15.38 11.39
C HIS A 299 17.14 -15.24 11.79
N LYS A 300 17.41 -15.05 13.07
CA LYS A 300 18.76 -14.77 13.57
C LYS A 300 19.44 -15.99 14.17
N VAL A 301 18.88 -17.18 13.97
CA VAL A 301 19.36 -18.36 14.70
C VAL A 301 20.81 -18.67 14.33
N LYS A 302 21.09 -18.77 13.04
CA LYS A 302 22.44 -19.17 12.62
C LYS A 302 23.46 -18.10 12.95
N GLU A 303 23.10 -16.83 12.76
CA GLU A 303 24.03 -15.74 13.06
C GLU A 303 24.35 -15.71 14.56
N PHE A 304 23.33 -15.83 15.41
CA PHE A 304 23.55 -15.82 16.84
C PHE A 304 24.39 -17.01 17.28
N CYS A 305 24.09 -18.20 16.76
CA CYS A 305 24.88 -19.38 17.11
C CYS A 305 26.30 -19.30 16.58
N GLU A 306 26.51 -18.60 15.46
CA GLU A 306 27.85 -18.46 14.91
C GLU A 306 28.68 -17.48 15.71
N ASN A 307 28.07 -16.40 16.21
CA ASN A 307 28.79 -15.39 16.96
C ASN A 307 28.86 -15.68 18.45
N LEU A 308 28.51 -16.90 18.87
CA LEU A 308 28.58 -17.25 20.28
C LEU A 308 30.03 -17.39 20.72
N SER A 309 30.22 -17.65 22.02
CA SER A 309 31.56 -17.79 22.57
C SER A 309 32.21 -19.06 22.06
N ALA A 310 33.44 -18.94 21.55
CA ALA A 310 34.11 -20.08 20.93
C ALA A 310 34.50 -21.16 21.94
N ASP A 311 34.60 -20.80 23.22
CA ASP A 311 35.02 -21.78 24.23
C ASP A 311 34.01 -22.92 24.36
N CYS A 312 32.72 -22.59 24.31
CA CYS A 312 31.67 -23.59 24.43
C CYS A 312 30.57 -23.36 23.40
N ARG A 313 30.96 -23.03 22.17
CA ARG A 313 29.98 -22.67 21.14
C ARG A 313 29.06 -23.85 20.83
N GLU A 314 29.62 -24.95 20.32
CA GLU A 314 28.78 -26.10 19.97
C GLU A 314 28.12 -26.69 21.20
N ASN A 315 28.79 -26.65 22.35
CA ASN A 315 28.19 -27.20 23.57
C ASN A 315 26.94 -26.43 23.95
N VAL A 316 27.03 -25.10 24.02
CA VAL A 316 25.85 -24.30 24.39
C VAL A 316 24.78 -24.41 23.32
N ILE A 317 25.19 -24.48 22.04
CA ILE A 317 24.21 -24.64 20.97
C ILE A 317 23.39 -25.91 21.19
N MET A 318 24.07 -27.06 21.27
CA MET A 318 23.37 -28.33 21.43
C MET A 318 22.58 -28.38 22.73
N SER A 319 23.09 -27.75 23.79
CA SER A 319 22.43 -27.85 25.09
C SER A 319 21.16 -27.00 25.14
N GLN A 320 21.19 -25.80 24.56
CA GLN A 320 20.12 -24.84 24.74
C GLN A 320 19.32 -24.57 23.48
N ILE A 321 19.99 -24.26 22.36
CA ILE A 321 19.29 -23.76 21.19
C ILE A 321 18.62 -24.90 20.41
N LEU A 322 19.23 -26.08 20.39
CA LEU A 322 18.74 -27.15 19.54
C LEU A 322 17.31 -27.60 19.87
N PRO A 323 16.92 -27.83 21.12
CA PRO A 323 15.52 -28.19 21.39
C PRO A 323 14.52 -27.17 20.87
N CYS A 324 14.83 -25.88 21.00
CA CYS A 324 13.93 -24.85 20.51
C CYS A 324 13.85 -24.85 19.00
N ILE A 325 14.95 -25.19 18.32
CA ILE A 325 14.92 -25.32 16.86
C ILE A 325 14.08 -26.52 16.46
N LYS A 326 14.23 -27.65 17.17
CA LYS A 326 13.40 -28.81 16.91
C LYS A 326 11.92 -28.52 17.12
N GLU A 327 11.60 -27.63 18.07
CA GLU A 327 10.22 -27.17 18.23
C GLU A 327 9.79 -26.22 17.12
N LEU A 328 10.68 -25.34 16.66
CA LEU A 328 10.32 -24.39 15.60
C LEU A 328 10.10 -25.09 14.27
N VAL A 329 10.79 -26.22 14.04
CA VAL A 329 10.59 -26.96 12.80
C VAL A 329 9.15 -27.45 12.70
N SER A 330 8.59 -27.89 13.82
CA SER A 330 7.23 -28.41 13.86
C SER A 330 6.19 -27.32 14.15
N ASP A 331 6.51 -26.06 13.86
CA ASP A 331 5.63 -24.97 14.21
C ASP A 331 4.38 -24.97 13.35
N ALA A 332 3.34 -24.31 13.83
CA ALA A 332 2.06 -24.20 13.13
C ALA A 332 1.96 -22.97 12.26
N ASN A 333 3.03 -22.19 12.14
CA ASN A 333 3.03 -20.96 11.36
C ASN A 333 3.95 -21.10 10.15
N GLN A 334 3.45 -20.65 9.00
CA GLN A 334 4.21 -20.78 7.76
C GLN A 334 5.47 -19.91 7.76
N HIS A 335 5.35 -18.66 8.24
CA HIS A 335 6.49 -17.75 8.21
C HIS A 335 7.61 -18.20 9.13
N VAL A 336 7.29 -18.76 10.29
CA VAL A 336 8.33 -19.20 11.22
C VAL A 336 9.15 -20.32 10.60
N LYS A 337 8.48 -21.30 10.00
CA LYS A 337 9.19 -22.38 9.34
C LYS A 337 9.98 -21.88 8.14
N SER A 338 9.38 -20.99 7.34
CA SER A 338 10.06 -20.47 6.17
C SER A 338 11.27 -19.62 6.53
N ALA A 339 11.27 -18.99 7.70
CA ALA A 339 12.38 -18.19 8.17
C ALA A 339 13.48 -19.03 8.81
N LEU A 340 13.09 -20.06 9.55
CA LEU A 340 14.09 -20.95 10.13
C LEU A 340 14.76 -21.82 9.08
N ALA A 341 14.03 -22.20 8.02
CA ALA A 341 14.58 -23.08 7.01
C ALA A 341 15.69 -22.39 6.21
N SER A 342 15.54 -21.10 5.95
CA SER A 342 16.52 -20.38 5.16
C SER A 342 17.81 -20.10 5.92
N VAL A 343 17.89 -20.47 7.20
CA VAL A 343 19.03 -20.10 8.02
C VAL A 343 19.56 -21.32 8.77
N ILE A 344 18.78 -22.39 8.81
CA ILE A 344 19.17 -23.55 9.62
C ILE A 344 20.38 -24.26 9.03
N MET A 345 20.53 -24.24 7.70
CA MET A 345 21.58 -25.03 7.08
C MET A 345 22.97 -24.53 7.45
N GLY A 346 23.10 -23.23 7.68
CA GLY A 346 24.39 -22.67 8.08
C GLY A 346 24.87 -23.13 9.44
N LEU A 347 24.01 -23.76 10.23
CA LEU A 347 24.38 -24.31 11.52
C LEU A 347 25.21 -25.59 11.41
N SER A 348 25.22 -26.23 10.24
CA SER A 348 25.89 -27.50 10.05
C SER A 348 27.40 -27.42 10.25
N PRO A 349 28.12 -26.48 9.64
CA PRO A 349 29.58 -26.45 9.85
C PRO A 349 29.98 -26.21 11.29
N ILE A 350 29.18 -25.46 12.05
CA ILE A 350 29.52 -25.18 13.45
C ILE A 350 29.47 -26.44 14.28
N LEU A 351 28.42 -27.25 14.10
CA LEU A 351 28.26 -28.46 14.90
C LEU A 351 29.20 -29.57 14.47
N GLY A 352 29.63 -29.58 13.21
CA GLY A 352 30.45 -30.65 12.68
C GLY A 352 29.63 -31.70 11.95
N LYS A 353 30.34 -32.65 11.37
CA LYS A 353 29.67 -33.67 10.55
C LYS A 353 28.83 -34.61 11.39
N ASP A 354 29.40 -35.13 12.49
CA ASP A 354 28.70 -36.13 13.28
C ASP A 354 27.45 -35.54 13.93
N ASN A 355 27.58 -34.36 14.54
CA ASN A 355 26.42 -33.71 15.15
C ASN A 355 25.38 -33.37 14.10
N THR A 356 25.82 -32.95 12.91
CA THR A 356 24.88 -32.68 11.83
C THR A 356 24.06 -33.93 11.51
N ILE A 357 24.75 -35.04 11.23
CA ILE A 357 24.06 -36.27 10.85
C ILE A 357 23.13 -36.72 11.94
N GLU A 358 23.55 -36.60 13.21
CA GLU A 358 22.72 -37.08 14.31
C GLU A 358 21.47 -36.22 14.49
N HIS A 359 21.63 -34.90 14.53
CA HIS A 359 20.53 -34.03 14.95
C HIS A 359 19.89 -33.27 13.79
N LEU A 360 20.70 -32.61 12.96
CA LEU A 360 20.16 -31.69 11.98
C LEU A 360 19.49 -32.41 10.82
N LEU A 361 20.02 -33.58 10.43
CA LEU A 361 19.48 -34.28 9.27
C LEU A 361 18.00 -34.61 9.37
N PRO A 362 17.47 -35.12 10.48
CA PRO A 362 16.01 -35.27 10.57
C PRO A 362 15.26 -33.97 10.40
N LEU A 363 15.80 -32.85 10.91
CA LEU A 363 15.17 -31.56 10.71
C LEU A 363 15.18 -31.17 9.24
N PHE A 364 16.31 -31.40 8.55
CA PHE A 364 16.38 -31.10 7.12
C PHE A 364 15.36 -31.92 6.33
N LEU A 365 15.22 -33.21 6.67
CA LEU A 365 14.24 -34.05 5.99
C LEU A 365 12.82 -33.56 6.26
N ALA A 366 12.52 -33.24 7.52
CA ALA A 366 11.18 -32.77 7.86
C ALA A 366 10.86 -31.45 7.16
N GLN A 367 11.85 -30.61 6.93
CA GLN A 367 11.62 -29.35 6.23
C GLN A 367 11.57 -29.53 4.72
N LEU A 368 12.28 -30.51 4.17
CA LEU A 368 12.14 -30.82 2.74
C LEU A 368 10.79 -31.42 2.41
N LYS A 369 10.23 -32.24 3.32
CA LYS A 369 8.91 -32.81 3.11
C LYS A 369 7.81 -31.93 3.71
N ASP A 370 8.09 -30.65 3.95
CA ASP A 370 7.10 -29.76 4.53
C ASP A 370 6.05 -29.37 3.50
N GLU A 371 4.82 -29.20 3.97
CA GLU A 371 3.71 -28.83 3.09
C GLU A 371 3.81 -27.42 2.54
N CYS A 372 4.67 -26.57 3.12
CA CYS A 372 4.83 -25.19 2.68
C CYS A 372 5.91 -25.08 1.61
N PRO A 373 5.59 -24.48 0.47
CA PRO A 373 6.60 -24.35 -0.60
C PRO A 373 7.81 -23.54 -0.19
N GLU A 374 7.66 -22.52 0.64
CA GLU A 374 8.79 -21.68 1.01
C GLU A 374 9.83 -22.42 1.82
N VAL A 375 9.40 -23.31 2.72
CA VAL A 375 10.34 -24.09 3.51
C VAL A 375 11.23 -24.94 2.60
N ARG A 376 10.60 -25.68 1.69
CA ARG A 376 11.37 -26.51 0.77
C ARG A 376 12.27 -25.66 -0.12
N LEU A 377 11.75 -24.54 -0.63
CA LEU A 377 12.56 -23.68 -1.48
C LEU A 377 13.80 -23.18 -0.76
N ASN A 378 13.65 -22.75 0.49
CA ASN A 378 14.80 -22.26 1.25
C ASN A 378 15.79 -23.37 1.60
N ILE A 379 15.27 -24.56 1.94
CA ILE A 379 16.16 -25.67 2.26
C ILE A 379 17.01 -26.05 1.05
N ILE A 380 16.37 -26.14 -0.13
CA ILE A 380 17.14 -26.45 -1.32
C ILE A 380 18.09 -25.30 -1.67
N SER A 381 17.70 -24.06 -1.40
CA SER A 381 18.60 -22.95 -1.66
C SER A 381 19.86 -23.02 -0.81
N ASN A 382 19.76 -23.51 0.42
CA ASN A 382 20.90 -23.54 1.32
C ASN A 382 21.51 -24.93 1.51
N LEU A 383 21.09 -25.92 0.71
CA LEU A 383 21.62 -27.28 0.84
C LEU A 383 23.13 -27.37 0.68
N ASP A 384 23.76 -26.45 -0.05
CA ASP A 384 25.20 -26.55 -0.28
C ASP A 384 25.99 -26.48 1.01
N CYS A 385 25.48 -25.74 2.01
CA CYS A 385 26.21 -25.59 3.27
C CYS A 385 26.40 -26.93 3.96
N VAL A 386 25.37 -27.78 3.99
CA VAL A 386 25.54 -29.09 4.60
C VAL A 386 26.22 -30.05 3.63
N ASN A 387 26.01 -29.87 2.32
CA ASN A 387 26.65 -30.75 1.35
C ASN A 387 28.17 -30.63 1.42
N GLU A 388 28.68 -29.44 1.73
CA GLU A 388 30.12 -29.25 1.86
C GLU A 388 30.68 -29.86 3.14
N VAL A 389 29.91 -29.90 4.22
CA VAL A 389 30.42 -30.30 5.52
C VAL A 389 30.26 -31.79 5.78
N ILE A 390 29.21 -32.42 5.23
CA ILE A 390 29.04 -33.86 5.40
C ILE A 390 29.50 -34.63 4.17
N GLY A 391 30.09 -33.95 3.20
CA GLY A 391 30.62 -34.63 2.04
C GLY A 391 29.54 -35.15 1.12
N ILE A 392 29.99 -35.97 0.16
CA ILE A 392 29.08 -36.59 -0.80
C ILE A 392 28.82 -38.06 -0.50
N ARG A 393 29.71 -38.74 0.21
CA ARG A 393 29.51 -40.15 0.50
C ARG A 393 28.42 -40.37 1.55
N GLN A 394 28.12 -39.34 2.36
CA GLN A 394 27.08 -39.44 3.38
C GLN A 394 25.81 -38.71 3.00
N LEU A 395 25.88 -37.75 2.07
CA LEU A 395 24.70 -36.98 1.69
C LEU A 395 23.64 -37.87 1.05
N SER A 396 24.06 -38.71 0.10
CA SER A 396 23.12 -39.37 -0.80
C SER A 396 22.15 -40.28 -0.05
N GLN A 397 22.64 -40.99 0.97
CA GLN A 397 21.81 -41.97 1.65
C GLN A 397 20.58 -41.35 2.30
N SER A 398 20.68 -40.09 2.75
CA SER A 398 19.57 -39.46 3.46
C SER A 398 18.91 -38.33 2.69
N LEU A 399 19.64 -37.69 1.77
CA LEU A 399 19.17 -36.49 1.09
C LEU A 399 18.76 -36.71 -0.35
N LEU A 400 19.44 -37.61 -1.07
CA LEU A 400 19.13 -37.82 -2.47
C LEU A 400 17.68 -38.24 -2.74
N PRO A 401 17.08 -39.16 -1.97
CA PRO A 401 15.66 -39.47 -2.21
C PRO A 401 14.75 -38.26 -2.10
N ALA A 402 15.03 -37.34 -1.18
CA ALA A 402 14.21 -36.14 -1.04
C ALA A 402 14.30 -35.27 -2.29
N ILE A 403 15.50 -35.08 -2.83
CA ILE A 403 15.66 -34.26 -4.03
C ILE A 403 14.96 -34.91 -5.22
N VAL A 404 15.12 -36.22 -5.38
CA VAL A 404 14.48 -36.91 -6.50
C VAL A 404 12.97 -36.82 -6.39
N GLU A 405 12.43 -37.02 -5.19
CA GLU A 405 10.99 -36.95 -5.01
C GLU A 405 10.46 -35.53 -5.16
N LEU A 406 11.25 -34.52 -4.82
CA LEU A 406 10.79 -33.14 -4.84
C LEU A 406 11.08 -32.43 -6.15
N ALA A 407 11.85 -33.04 -7.04
CA ALA A 407 12.11 -32.46 -8.37
C ALA A 407 10.86 -32.52 -9.24
N GLU A 408 9.83 -33.23 -8.79
CA GLU A 408 8.58 -33.33 -9.53
C GLU A 408 7.40 -32.78 -8.74
N ASP A 409 7.64 -31.87 -7.80
CA ASP A 409 6.57 -31.35 -6.97
C ASP A 409 5.77 -30.30 -7.72
N ALA A 410 4.72 -29.79 -7.08
CA ALA A 410 3.78 -28.91 -7.77
C ALA A 410 4.39 -27.54 -8.04
N LYS A 411 4.85 -26.86 -6.99
CA LYS A 411 5.35 -25.50 -7.15
C LYS A 411 6.59 -25.47 -8.02
N TRP A 412 6.54 -24.73 -9.12
CA TRP A 412 7.63 -24.74 -10.07
C TRP A 412 8.85 -23.99 -9.57
N ARG A 413 8.71 -23.14 -8.55
CA ARG A 413 9.89 -22.49 -7.98
C ARG A 413 10.80 -23.50 -7.29
N VAL A 414 10.21 -24.51 -6.63
CA VAL A 414 11.01 -25.57 -6.03
C VAL A 414 11.74 -26.38 -7.09
N ARG A 415 11.04 -26.69 -8.19
CA ARG A 415 11.68 -27.39 -9.29
C ARG A 415 12.82 -26.57 -9.87
N LEU A 416 12.61 -25.25 -10.01
CA LEU A 416 13.68 -24.38 -10.50
C LEU A 416 14.88 -24.38 -9.55
N ALA A 417 14.63 -24.34 -8.24
CA ALA A 417 15.72 -24.38 -7.28
C ALA A 417 16.51 -25.68 -7.41
N ILE A 418 15.81 -26.80 -7.56
CA ILE A 418 16.50 -28.07 -7.75
C ILE A 418 17.28 -28.06 -9.06
N ILE A 419 16.75 -27.43 -10.11
CA ILE A 419 17.47 -27.36 -11.37
C ILE A 419 18.77 -26.58 -11.20
N GLU A 420 18.72 -25.44 -10.50
CA GLU A 420 19.95 -24.69 -10.25
C GLU A 420 20.94 -25.49 -9.41
N TYR A 421 20.46 -26.22 -8.42
CA TYR A 421 21.36 -27.02 -7.59
C TYR A 421 21.89 -28.26 -8.31
N MET A 422 21.22 -28.68 -9.39
CA MET A 422 21.57 -29.95 -10.03
C MET A 422 22.99 -30.01 -10.60
N PRO A 423 23.49 -29.01 -11.33
CA PRO A 423 24.86 -29.15 -11.85
C PRO A 423 25.91 -29.33 -10.77
N LEU A 424 25.85 -28.52 -9.72
CA LEU A 424 26.82 -28.65 -8.62
C LEU A 424 26.68 -30.00 -7.94
N LEU A 425 25.43 -30.46 -7.73
CA LEU A 425 25.22 -31.74 -7.07
C LEU A 425 25.79 -32.87 -7.91
N ALA A 426 25.45 -32.91 -9.20
CA ALA A 426 25.87 -34.02 -10.05
C ALA A 426 27.35 -33.96 -10.39
N GLY A 427 27.99 -32.80 -10.23
CA GLY A 427 29.42 -32.73 -10.46
C GLY A 427 30.21 -33.61 -9.52
N GLN A 428 29.76 -33.73 -8.26
CA GLN A 428 30.44 -34.53 -7.26
C GLN A 428 30.11 -36.01 -7.34
N LEU A 429 29.12 -36.40 -8.15
CA LEU A 429 28.69 -37.77 -8.28
C LEU A 429 29.23 -38.46 -9.53
N GLY A 430 29.83 -37.72 -10.45
CA GLY A 430 30.42 -38.31 -11.63
C GLY A 430 29.42 -38.69 -12.70
N VAL A 431 29.91 -38.99 -13.90
CA VAL A 431 29.02 -39.35 -15.00
C VAL A 431 28.43 -40.74 -14.82
N GLU A 432 29.16 -41.66 -14.20
CA GLU A 432 28.72 -43.05 -14.15
C GLU A 432 27.42 -43.21 -13.35
N PHE A 433 27.30 -42.52 -12.22
CA PHE A 433 26.15 -42.74 -11.37
C PHE A 433 25.02 -41.76 -11.69
N PHE A 434 25.37 -40.55 -12.13
CA PHE A 434 24.36 -39.56 -12.48
C PHE A 434 23.50 -40.03 -13.66
N ASP A 435 24.12 -40.71 -14.62
CA ASP A 435 23.39 -41.20 -15.78
C ASP A 435 22.28 -42.16 -15.37
N GLU A 436 22.54 -42.99 -14.35
CA GLU A 436 21.59 -44.04 -13.99
C GLU A 436 20.35 -43.48 -13.30
N LYS A 437 20.51 -42.43 -12.49
CA LYS A 437 19.41 -41.96 -11.65
C LYS A 437 18.87 -40.59 -12.05
N LEU A 438 19.74 -39.61 -12.30
CA LEU A 438 19.30 -38.23 -12.45
C LEU A 438 19.21 -37.75 -13.89
N ASN A 439 19.78 -38.49 -14.85
CA ASN A 439 19.67 -38.09 -16.25
C ASN A 439 18.22 -38.06 -16.70
N SER A 440 17.44 -39.06 -16.27
CA SER A 440 16.02 -39.07 -16.61
C SER A 440 15.31 -37.87 -16.02
N LEU A 441 15.69 -37.46 -14.81
CA LEU A 441 15.11 -36.28 -14.19
C LEU A 441 15.42 -35.02 -15.00
N CYS A 442 16.68 -34.85 -15.37
CA CYS A 442 17.08 -33.69 -16.15
C CYS A 442 16.44 -33.67 -17.54
N MET A 443 16.16 -34.83 -18.12
CA MET A 443 15.46 -34.87 -19.40
C MET A 443 13.96 -34.61 -19.25
N ALA A 444 13.35 -35.09 -18.16
CA ALA A 444 11.93 -34.84 -17.95
C ALA A 444 11.67 -33.40 -17.58
N TRP A 445 12.69 -32.69 -17.08
CA TRP A 445 12.53 -31.26 -16.85
C TRP A 445 12.31 -30.49 -18.15
N LEU A 446 12.92 -30.96 -19.25
CA LEU A 446 12.82 -30.24 -20.52
C LEU A 446 11.39 -30.19 -21.06
N VAL A 447 10.54 -31.13 -20.66
CA VAL A 447 9.18 -31.23 -21.17
C VAL A 447 8.19 -30.57 -20.21
N ASP A 448 8.70 -29.89 -19.18
CA ASP A 448 7.83 -29.34 -18.14
C ASP A 448 6.90 -28.29 -18.71
N HIS A 449 5.72 -28.19 -18.12
CA HIS A 449 4.65 -27.33 -18.61
C HIS A 449 4.88 -25.86 -18.26
N VAL A 450 6.06 -25.50 -17.76
CA VAL A 450 6.39 -24.12 -17.42
C VAL A 450 7.63 -23.73 -18.20
N TYR A 451 7.55 -22.63 -18.95
CA TYR A 451 8.68 -22.22 -19.77
C TYR A 451 9.90 -21.89 -18.93
N ALA A 452 9.69 -21.35 -17.73
CA ALA A 452 10.83 -21.09 -16.85
C ALA A 452 11.58 -22.37 -16.52
N ILE A 453 10.85 -23.46 -16.29
CA ILE A 453 11.50 -24.73 -15.99
C ILE A 453 12.22 -25.27 -17.22
N ARG A 454 11.62 -25.11 -18.41
CA ARG A 454 12.29 -25.58 -19.62
C ARG A 454 13.59 -24.81 -19.87
N GLU A 455 13.56 -23.48 -19.70
CA GLU A 455 14.77 -22.69 -19.86
C GLU A 455 15.81 -23.04 -18.81
N ALA A 456 15.37 -23.26 -17.56
CA ALA A 456 16.29 -23.63 -16.50
C ALA A 456 16.94 -24.98 -16.79
N ALA A 457 16.16 -25.95 -17.25
CA ALA A 457 16.71 -27.25 -17.59
C ALA A 457 17.64 -27.17 -18.79
N THR A 458 17.36 -26.25 -19.73
CA THR A 458 18.26 -26.01 -20.84
C THR A 458 19.62 -25.50 -20.36
N SER A 459 19.61 -24.49 -19.48
CA SER A 459 20.86 -23.98 -18.93
C SER A 459 21.58 -25.05 -18.11
N ASN A 460 20.82 -25.83 -17.34
CA ASN A 460 21.41 -26.92 -16.57
C ASN A 460 22.02 -27.98 -17.48
N LEU A 461 21.40 -28.22 -18.64
CA LEU A 461 21.99 -29.14 -19.61
C LEU A 461 23.31 -28.61 -20.13
N LYS A 462 23.38 -27.30 -20.38
CA LYS A 462 24.67 -26.71 -20.78
C LYS A 462 25.70 -26.97 -19.68
N LYS A 463 25.33 -26.67 -18.44
CA LYS A 463 26.27 -26.83 -17.34
C LYS A 463 26.72 -28.28 -17.18
N LEU A 464 25.79 -29.22 -17.31
CA LEU A 464 26.14 -30.63 -17.22
C LEU A 464 27.09 -31.04 -18.34
N VAL A 465 26.85 -30.53 -19.55
CA VAL A 465 27.71 -30.86 -20.67
C VAL A 465 29.12 -30.30 -20.44
N GLU A 466 29.20 -29.04 -19.99
CA GLU A 466 30.49 -28.44 -19.74
C GLU A 466 31.21 -29.09 -18.56
N LYS A 467 30.47 -29.77 -17.68
CA LYS A 467 31.11 -30.46 -16.57
C LYS A 467 31.58 -31.85 -16.96
N PHE A 468 30.77 -32.58 -17.72
CA PHE A 468 31.04 -33.99 -18.00
C PHE A 468 31.71 -34.24 -19.35
N GLY A 469 31.74 -33.25 -20.23
CA GLY A 469 32.36 -33.39 -21.54
C GLY A 469 31.33 -33.48 -22.65
N LYS A 470 31.84 -33.62 -23.86
CA LYS A 470 30.98 -33.68 -25.04
C LYS A 470 30.62 -35.09 -25.46
N GLU A 471 31.44 -36.09 -25.12
CA GLU A 471 31.14 -37.46 -25.52
C GLU A 471 29.87 -37.96 -24.84
N TRP A 472 29.71 -37.66 -23.54
CA TRP A 472 28.50 -38.06 -22.83
C TRP A 472 27.27 -37.40 -23.43
N ALA A 473 27.37 -36.13 -23.81
CA ALA A 473 26.26 -35.45 -24.47
C ALA A 473 25.94 -36.11 -25.81
N HIS A 474 26.97 -36.44 -26.58
CA HIS A 474 26.78 -37.02 -27.90
C HIS A 474 26.21 -38.42 -27.83
N ALA A 475 26.45 -39.13 -26.74
CA ALA A 475 25.97 -40.50 -26.58
C ALA A 475 24.59 -40.60 -25.94
N THR A 476 24.32 -39.82 -24.90
CA THR A 476 23.11 -40.02 -24.11
C THR A 476 22.20 -38.81 -24.00
N ILE A 477 22.65 -37.61 -24.36
CA ILE A 477 21.87 -36.40 -24.08
C ILE A 477 21.28 -35.85 -25.37
N ILE A 478 22.13 -35.71 -26.39
CA ILE A 478 21.70 -35.07 -27.63
C ILE A 478 20.57 -35.84 -28.32
N PRO A 479 20.63 -37.18 -28.49
CA PRO A 479 19.51 -37.89 -29.11
C PRO A 479 18.18 -37.64 -28.41
N LYS A 480 18.22 -37.56 -27.07
CA LYS A 480 17.01 -37.28 -26.32
C LYS A 480 16.51 -35.86 -26.61
N VAL A 481 17.43 -34.92 -26.81
CA VAL A 481 17.03 -33.55 -27.13
C VAL A 481 16.34 -33.49 -28.48
N LEU A 482 16.95 -34.11 -29.51
CA LEU A 482 16.32 -34.16 -30.82
C LEU A 482 15.03 -34.99 -30.83
N ALA A 483 14.85 -35.89 -29.86
CA ALA A 483 13.61 -36.66 -29.80
C ALA A 483 12.38 -35.77 -29.60
N MET A 484 12.55 -34.57 -29.03
CA MET A 484 11.42 -33.68 -28.79
C MET A 484 11.05 -32.85 -30.01
N SER A 485 11.82 -32.92 -31.09
CA SER A 485 11.51 -32.14 -32.28
C SER A 485 10.23 -32.61 -32.97
N GLY A 486 9.76 -33.81 -32.68
CA GLY A 486 8.53 -34.31 -33.25
C GLY A 486 7.34 -34.16 -32.32
N ASP A 487 7.49 -33.34 -31.29
CA ASP A 487 6.42 -33.17 -30.31
C ASP A 487 5.23 -32.48 -30.96
N PRO A 488 4.01 -32.96 -30.70
CA PRO A 488 2.82 -32.28 -31.24
C PRO A 488 2.56 -30.91 -30.64
N ASN A 489 3.15 -30.60 -29.49
CA ASN A 489 3.03 -29.27 -28.87
C ASN A 489 4.25 -28.45 -29.29
N TYR A 490 4.01 -27.39 -30.04
CA TYR A 490 5.10 -26.65 -30.66
C TYR A 490 5.96 -25.91 -29.65
N LEU A 491 5.45 -25.71 -28.43
CA LEU A 491 6.29 -25.17 -27.36
C LEU A 491 7.50 -26.07 -27.11
N HIS A 492 7.29 -27.38 -27.19
CA HIS A 492 8.40 -28.31 -26.98
C HIS A 492 9.34 -28.36 -28.17
N ARG A 493 8.85 -28.11 -29.40
CA ARG A 493 9.77 -27.95 -30.52
C ARG A 493 10.64 -26.72 -30.34
N MET A 494 10.04 -25.60 -29.90
CA MET A 494 10.85 -24.44 -29.55
C MET A 494 11.84 -24.77 -28.45
N THR A 495 11.45 -25.64 -27.52
CA THR A 495 12.37 -26.05 -26.46
C THR A 495 13.55 -26.84 -27.02
N THR A 496 13.29 -27.71 -28.00
CA THR A 496 14.39 -28.40 -28.69
C THR A 496 15.31 -27.41 -29.37
N LEU A 497 14.73 -26.40 -30.02
CA LEU A 497 15.55 -25.37 -30.65
C LEU A 497 16.40 -24.63 -29.62
N PHE A 498 15.80 -24.29 -28.48
CA PHE A 498 16.54 -23.60 -27.42
C PHE A 498 17.69 -24.47 -26.90
N CYS A 499 17.44 -25.76 -26.72
CA CYS A 499 18.48 -26.67 -26.26
C CYS A 499 19.61 -26.74 -27.26
N ILE A 500 19.29 -26.80 -28.55
CA ILE A 500 20.34 -26.82 -29.58
C ILE A 500 21.12 -25.52 -29.55
N ASN A 501 20.45 -24.39 -29.37
CA ASN A 501 21.13 -23.11 -29.26
C ASN A 501 22.11 -23.10 -28.10
N VAL A 502 21.69 -23.59 -26.93
CA VAL A 502 22.59 -23.48 -25.74
C VAL A 502 23.62 -24.63 -25.75
N LEU A 503 23.45 -25.63 -26.61
CA LEU A 503 24.41 -26.71 -26.69
C LEU A 503 25.42 -26.53 -27.82
N SER A 504 25.12 -25.65 -28.78
CA SER A 504 26.01 -25.49 -29.93
C SER A 504 27.39 -25.01 -29.50
N GLU A 505 27.47 -24.03 -28.60
CA GLU A 505 28.75 -23.43 -28.26
C GLU A 505 29.63 -24.33 -27.41
N VAL A 506 29.08 -25.39 -26.83
CA VAL A 506 29.79 -26.14 -25.80
C VAL A 506 29.96 -27.60 -26.20
N CYS A 507 29.12 -28.09 -27.10
CA CYS A 507 29.19 -29.50 -27.47
C CYS A 507 30.19 -29.79 -28.57
N GLY A 508 30.53 -28.82 -29.42
CA GLY A 508 31.62 -29.05 -30.34
C GLY A 508 31.24 -28.79 -31.80
N GLN A 509 32.24 -28.39 -32.59
CA GLN A 509 32.02 -27.99 -33.97
C GLN A 509 31.49 -29.14 -34.83
N ASP A 510 32.26 -30.23 -34.90
CA ASP A 510 31.92 -31.31 -35.82
C ASP A 510 30.61 -31.98 -35.41
N ILE A 511 30.39 -32.13 -34.11
CA ILE A 511 29.16 -32.72 -33.61
C ILE A 511 27.96 -31.82 -33.93
N THR A 512 28.10 -30.50 -33.77
CA THR A 512 27.00 -29.62 -34.18
C THR A 512 26.73 -29.75 -35.67
N THR A 513 27.79 -29.84 -36.48
CA THR A 513 27.61 -29.96 -37.92
C THR A 513 26.90 -31.26 -38.29
N LYS A 514 27.22 -32.36 -37.61
CA LYS A 514 26.77 -33.67 -38.06
C LYS A 514 25.48 -34.16 -37.41
N HIS A 515 25.15 -33.71 -36.20
CA HIS A 515 24.03 -34.30 -35.47
C HIS A 515 22.83 -33.37 -35.33
N MET A 516 23.01 -32.18 -34.77
CA MET A 516 21.88 -31.32 -34.49
C MET A 516 21.56 -30.32 -35.61
N LEU A 517 22.50 -30.07 -36.51
CA LEU A 517 22.26 -29.19 -37.64
C LEU A 517 21.14 -29.69 -38.55
N PRO A 518 21.10 -30.97 -38.92
CA PRO A 518 20.00 -31.44 -39.78
C PRO A 518 18.62 -31.17 -39.22
N THR A 519 18.42 -31.34 -37.90
CA THR A 519 17.11 -31.09 -37.32
C THR A 519 16.77 -29.61 -37.35
N VAL A 520 17.73 -28.74 -37.08
CA VAL A 520 17.47 -27.30 -37.14
C VAL A 520 17.09 -26.91 -38.57
N LEU A 521 17.81 -27.44 -39.56
CA LEU A 521 17.46 -27.15 -40.95
C LEU A 521 16.09 -27.69 -41.31
N ARG A 522 15.77 -28.91 -40.86
CA ARG A 522 14.50 -29.54 -41.23
C ARG A 522 13.32 -28.82 -40.60
N MET A 523 13.48 -28.36 -39.35
CA MET A 523 12.37 -27.73 -38.64
C MET A 523 11.95 -26.40 -39.25
N ALA A 524 12.66 -25.93 -40.29
CA ALA A 524 12.26 -24.71 -40.98
C ALA A 524 10.96 -24.87 -41.76
N GLY A 525 10.49 -26.10 -41.96
CA GLY A 525 9.25 -26.32 -42.67
C GLY A 525 8.07 -26.59 -41.75
N ASP A 526 8.23 -26.24 -40.48
CA ASP A 526 7.17 -26.44 -39.50
C ASP A 526 5.98 -25.54 -39.86
N PRO A 527 4.76 -26.07 -39.80
CA PRO A 527 3.59 -25.25 -40.14
C PRO A 527 3.18 -24.25 -39.07
N VAL A 528 4.04 -23.97 -38.09
CA VAL A 528 3.83 -22.90 -37.13
C VAL A 528 4.94 -21.88 -37.33
N ALA A 529 4.55 -20.63 -37.62
CA ALA A 529 5.55 -19.61 -37.95
C ALA A 529 6.48 -19.33 -36.79
N ASN A 530 6.03 -19.60 -35.56
CA ASN A 530 6.89 -19.41 -34.40
C ASN A 530 8.12 -20.30 -34.50
N VAL A 531 7.92 -21.57 -34.85
CA VAL A 531 9.06 -22.47 -35.00
C VAL A 531 9.92 -22.05 -36.18
N ARG A 532 9.32 -21.49 -37.23
CA ARG A 532 10.10 -21.05 -38.38
C ARG A 532 11.05 -19.91 -38.00
N PHE A 533 10.52 -18.86 -37.37
CA PHE A 533 11.42 -17.76 -37.03
C PHE A 533 12.33 -18.12 -35.86
N ASN A 534 11.96 -19.09 -35.02
CA ASN A 534 12.89 -19.59 -34.02
C ASN A 534 14.00 -20.41 -34.67
N VAL A 535 13.71 -21.12 -35.76
CA VAL A 535 14.75 -21.75 -36.54
C VAL A 535 15.69 -20.71 -37.14
N ALA A 536 15.12 -19.59 -37.60
CA ALA A 536 15.95 -18.50 -38.08
C ALA A 536 16.87 -17.98 -36.99
N LYS A 537 16.32 -17.74 -35.80
CA LYS A 537 17.13 -17.29 -34.68
C LYS A 537 18.20 -18.30 -34.31
N SER A 538 17.84 -19.60 -34.31
CA SER A 538 18.78 -20.65 -33.99
C SER A 538 19.91 -20.71 -34.99
N LEU A 539 19.60 -20.58 -36.27
CA LEU A 539 20.63 -20.57 -37.31
C LEU A 539 21.54 -19.36 -37.15
N GLN A 540 20.98 -18.19 -36.85
CA GLN A 540 21.81 -17.02 -36.60
C GLN A 540 22.73 -17.23 -35.41
N LYS A 541 22.22 -17.82 -34.33
CA LYS A 541 23.02 -18.09 -33.14
C LYS A 541 24.13 -19.10 -33.43
N ILE A 542 23.81 -20.15 -34.20
CA ILE A 542 24.75 -21.25 -34.40
C ILE A 542 25.77 -20.98 -35.49
N GLY A 543 25.46 -20.10 -36.44
CA GLY A 543 26.33 -19.80 -37.56
C GLY A 543 27.82 -19.65 -37.27
N PRO A 544 28.17 -18.87 -36.24
CA PRO A 544 29.60 -18.61 -36.00
C PRO A 544 30.45 -19.86 -35.82
N ILE A 545 29.89 -20.96 -35.29
CA ILE A 545 30.74 -22.12 -35.04
C ILE A 545 30.88 -22.99 -36.28
N LEU A 546 29.89 -22.96 -37.18
CA LEU A 546 29.99 -23.76 -38.39
C LEU A 546 31.13 -23.28 -39.29
N ASP A 547 31.62 -24.20 -40.12
CA ASP A 547 32.59 -23.88 -41.14
C ASP A 547 31.90 -23.28 -42.36
N ASN A 548 32.70 -22.73 -43.26
CA ASN A 548 32.14 -22.01 -44.41
C ASN A 548 31.37 -22.95 -45.34
N SER A 549 31.91 -24.14 -45.57
CA SER A 549 31.32 -25.04 -46.57
C SER A 549 29.92 -25.47 -46.17
N THR A 550 29.77 -26.01 -44.96
CA THR A 550 28.44 -26.43 -44.52
C THR A 550 27.48 -25.26 -44.43
N LEU A 551 27.95 -24.12 -43.92
CA LEU A 551 27.12 -22.93 -43.81
C LEU A 551 26.58 -22.54 -45.17
N GLN A 552 27.45 -22.07 -46.06
CA GLN A 552 26.99 -21.57 -47.38
C GLN A 552 26.27 -22.67 -48.18
N SER A 553 26.54 -23.95 -47.91
CA SER A 553 25.93 -25.03 -48.75
C SER A 553 24.52 -25.38 -48.28
N GLU A 554 24.29 -25.48 -46.96
CA GLU A 554 22.99 -25.93 -46.51
C GLU A 554 22.20 -24.87 -45.74
N VAL A 555 22.86 -24.09 -44.88
CA VAL A 555 22.14 -23.13 -44.06
C VAL A 555 21.62 -21.98 -44.91
N LYS A 556 22.44 -21.48 -45.83
CA LYS A 556 22.04 -20.35 -46.68
C LYS A 556 20.79 -20.62 -47.50
N PRO A 557 20.65 -21.75 -48.22
CA PRO A 557 19.38 -21.97 -48.94
C PRO A 557 18.17 -22.05 -48.03
N ILE A 558 18.29 -22.73 -46.88
CA ILE A 558 17.16 -22.89 -45.98
C ILE A 558 16.78 -21.56 -45.36
N LEU A 559 17.77 -20.80 -44.87
CA LEU A 559 17.49 -19.51 -44.26
C LEU A 559 16.94 -18.54 -45.29
N GLU A 560 17.46 -18.58 -46.51
CA GLU A 560 16.93 -17.73 -47.58
C GLU A 560 15.50 -18.08 -47.91
N LYS A 561 15.18 -19.37 -47.94
CA LYS A 561 13.80 -19.79 -48.23
C LYS A 561 12.82 -19.23 -47.20
N LEU A 562 13.29 -19.00 -45.96
CA LEU A 562 12.44 -18.38 -44.95
C LEU A 562 12.12 -16.93 -45.26
N THR A 563 12.83 -16.31 -46.19
CA THR A 563 12.62 -14.92 -46.55
C THR A 563 11.56 -14.74 -47.63
N GLN A 564 10.89 -15.83 -48.04
CA GLN A 564 9.74 -15.75 -48.91
C GLN A 564 8.43 -16.09 -48.21
N ASP A 565 8.48 -16.34 -46.90
CA ASP A 565 7.28 -16.74 -46.17
C ASP A 565 6.34 -15.56 -45.98
N GLN A 566 5.06 -15.88 -45.78
CA GLN A 566 4.04 -14.84 -45.68
C GLN A 566 4.12 -14.08 -44.36
N ASP A 567 4.55 -14.73 -43.29
CA ASP A 567 4.59 -14.08 -41.99
C ASP A 567 5.69 -13.03 -41.97
N VAL A 568 5.36 -11.86 -41.39
CA VAL A 568 6.33 -10.77 -41.33
C VAL A 568 7.48 -11.12 -40.38
N ASP A 569 7.18 -11.80 -39.27
CA ASP A 569 8.20 -12.10 -38.28
C ASP A 569 9.28 -13.00 -38.84
N VAL A 570 8.90 -14.04 -39.60
CA VAL A 570 9.89 -14.92 -40.20
C VAL A 570 10.76 -14.13 -41.17
N LYS A 571 10.14 -13.27 -41.98
CA LYS A 571 10.90 -12.44 -42.92
C LYS A 571 11.93 -11.59 -42.19
N TYR A 572 11.49 -10.90 -41.13
CA TYR A 572 12.40 -10.01 -40.41
C TYR A 572 13.52 -10.78 -39.74
N PHE A 573 13.21 -11.91 -39.11
CA PHE A 573 14.23 -12.63 -38.36
C PHE A 573 15.15 -13.45 -39.27
N ALA A 574 14.77 -13.67 -40.53
CA ALA A 574 15.73 -14.19 -41.49
C ALA A 574 16.56 -13.09 -42.11
N GLN A 575 15.96 -11.92 -42.34
CA GLN A 575 16.69 -10.79 -42.89
C GLN A 575 17.78 -10.33 -41.92
N GLU A 576 17.45 -10.14 -40.64
CA GLU A 576 18.49 -9.88 -39.66
C GLU A 576 19.05 -11.17 -39.09
N ALA A 577 19.32 -12.11 -39.97
CA ALA A 577 20.14 -13.30 -39.80
C ALA A 577 21.13 -13.45 -40.94
N LEU A 578 20.71 -13.11 -42.16
CA LEU A 578 21.64 -13.07 -43.28
C LEU A 578 22.69 -11.98 -43.10
N THR A 579 22.29 -10.81 -42.62
CA THR A 579 23.23 -9.69 -42.52
C THR A 579 24.21 -9.87 -41.36
N VAL A 580 23.73 -10.38 -40.22
CA VAL A 580 24.63 -10.55 -39.08
C VAL A 580 25.65 -11.64 -39.38
N LEU A 581 25.28 -12.63 -40.19
CA LEU A 581 26.21 -13.66 -40.64
C LEU A 581 27.01 -13.24 -41.87
N SER A 582 26.77 -12.03 -42.38
CA SER A 582 27.42 -11.54 -43.60
C SER A 582 27.17 -12.48 -44.77
N LEU A 583 25.94 -12.98 -44.88
CA LEU A 583 25.56 -13.86 -45.98
C LEU A 583 24.83 -13.13 -47.10
N ALA A 584 24.43 -11.88 -46.88
CA ALA A 584 23.72 -11.12 -47.90
C ALA A 584 24.64 -10.78 -49.06
N ASP B 13 -28.17 26.72 40.47
CA ASP B 13 -28.78 26.41 39.18
C ASP B 13 -27.89 26.88 38.03
N ILE B 14 -27.96 26.17 36.91
CA ILE B 14 -27.14 26.45 35.74
C ILE B 14 -28.06 26.90 34.61
N GLN B 15 -27.87 28.14 34.13
CA GLN B 15 -28.69 28.69 33.08
C GLN B 15 -28.01 28.53 31.73
N TRP B 16 -28.69 27.86 30.81
CA TRP B 16 -28.19 27.64 29.45
C TRP B 16 -28.96 28.54 28.50
N CYS B 17 -28.28 29.49 27.89
CA CYS B 17 -28.93 30.51 27.06
C CYS B 17 -28.50 30.33 25.61
N PHE B 18 -29.45 30.54 24.70
CA PHE B 18 -29.16 30.57 23.27
C PHE B 18 -28.08 31.59 22.95
N SER B 19 -27.11 31.18 22.14
CA SER B 19 -25.98 32.02 21.78
C SER B 19 -25.92 32.30 20.28
N GLN B 20 -25.95 31.26 19.44
CA GLN B 20 -25.78 31.43 18.01
C GLN B 20 -26.68 30.44 17.26
N VAL B 21 -26.94 30.77 16.00
CA VAL B 21 -27.66 29.89 15.09
C VAL B 21 -27.17 30.16 13.68
N LYS B 22 -27.00 29.11 12.89
CA LYS B 22 -26.67 29.24 11.48
C LYS B 22 -27.69 28.45 10.69
N GLY B 23 -28.24 29.06 9.65
CA GLY B 23 -29.26 28.41 8.85
C GLY B 23 -29.52 29.19 7.58
N ALA B 24 -30.34 28.60 6.72
CA ALA B 24 -30.65 29.23 5.44
C ALA B 24 -31.54 30.46 5.65
N VAL B 25 -31.51 31.34 4.65
CA VAL B 25 -32.33 32.56 4.70
C VAL B 25 -33.81 32.21 4.69
N ASP B 26 -34.21 31.26 3.86
CA ASP B 26 -35.60 30.83 3.73
C ASP B 26 -35.85 29.61 4.62
N ASP B 27 -37.07 29.10 4.56
CA ASP B 27 -37.48 27.95 5.36
C ASP B 27 -37.69 26.69 4.51
N ASP B 28 -37.15 26.67 3.30
CA ASP B 28 -37.25 25.52 2.40
C ASP B 28 -35.85 25.05 2.07
N VAL B 29 -35.51 23.84 2.51
CA VAL B 29 -34.18 23.29 2.32
C VAL B 29 -34.27 21.90 1.73
N ALA B 30 -33.21 21.50 1.04
CA ALA B 30 -33.10 20.18 0.42
C ALA B 30 -32.16 19.30 1.25
N GLU B 31 -31.85 18.13 0.71
CA GLU B 31 -30.96 17.19 1.37
C GLU B 31 -29.49 17.47 1.02
N ALA B 32 -29.10 18.73 1.19
CA ALA B 32 -27.71 19.13 1.03
C ALA B 32 -27.26 20.12 2.08
N ASP B 33 -28.11 20.46 3.04
CA ASP B 33 -27.74 21.32 4.16
C ASP B 33 -28.08 20.71 5.51
N ILE B 34 -28.58 19.47 5.53
CA ILE B 34 -28.89 18.81 6.79
C ILE B 34 -27.56 18.51 7.49
N ILE B 35 -27.40 19.03 8.71
CA ILE B 35 -26.13 18.89 9.40
C ILE B 35 -25.92 17.43 9.78
N SER B 36 -24.76 16.89 9.37
CA SER B 36 -24.50 15.47 9.53
C SER B 36 -23.50 15.14 10.62
N THR B 37 -22.69 16.09 11.06
CA THR B 37 -21.77 15.86 12.17
C THR B 37 -21.29 17.19 12.71
N VAL B 38 -20.99 17.21 14.00
CA VAL B 38 -20.44 18.38 14.68
C VAL B 38 -19.33 17.90 15.60
N GLU B 39 -18.17 18.54 15.51
CA GLU B 39 -17.02 18.13 16.33
C GLU B 39 -16.15 19.34 16.61
N PHE B 40 -15.94 19.64 17.90
CA PHE B 40 -15.08 20.75 18.28
C PHE B 40 -13.62 20.41 18.06
N ASN B 41 -12.79 21.44 18.09
CA ASN B 41 -11.34 21.28 18.03
C ASN B 41 -10.87 20.68 19.35
N HIS B 42 -9.59 20.33 19.42
CA HIS B 42 -9.01 19.88 20.68
C HIS B 42 -8.93 21.01 21.69
N SER B 43 -8.62 22.23 21.25
CA SER B 43 -8.59 23.39 22.11
C SER B 43 -9.94 24.11 22.16
N GLY B 44 -10.90 23.71 21.34
CA GLY B 44 -12.24 24.26 21.40
C GLY B 44 -12.44 25.57 20.68
N GLU B 45 -11.37 26.22 20.20
CA GLU B 45 -11.52 27.49 19.51
C GLU B 45 -12.15 27.33 18.13
N LEU B 46 -12.12 26.13 17.55
CA LEU B 46 -12.71 25.85 16.26
C LEU B 46 -13.86 24.87 16.40
N LEU B 47 -14.69 24.81 15.37
CA LEU B 47 -15.88 23.97 15.38
C LEU B 47 -16.26 23.64 13.94
N ALA B 48 -16.16 22.38 13.57
CA ALA B 48 -16.49 21.94 12.22
C ALA B 48 -17.86 21.28 12.20
N THR B 49 -18.59 21.50 11.11
CA THR B 49 -19.93 20.91 10.95
C THR B 49 -20.10 20.49 9.50
N GLY B 50 -19.80 19.23 9.23
CA GLY B 50 -19.90 18.68 7.89
C GLY B 50 -21.28 18.19 7.50
N ASP B 51 -22.17 19.10 7.13
CA ASP B 51 -23.52 18.70 6.72
C ASP B 51 -23.46 17.80 5.49
N LYS B 52 -24.60 17.17 5.19
CA LYS B 52 -24.68 16.29 4.03
C LYS B 52 -24.42 17.08 2.76
N GLY B 53 -23.83 16.40 1.77
CA GLY B 53 -23.34 17.05 0.58
C GLY B 53 -21.85 17.27 0.57
N GLY B 54 -21.14 16.87 1.63
CA GLY B 54 -19.71 17.03 1.68
C GLY B 54 -19.25 18.43 1.92
N ARG B 55 -20.13 19.30 2.42
CA ARG B 55 -19.83 20.72 2.63
C ARG B 55 -19.49 20.91 4.10
N VAL B 56 -18.20 21.06 4.40
CA VAL B 56 -17.76 21.26 5.78
C VAL B 56 -17.62 22.76 6.03
N VAL B 57 -18.23 23.22 7.13
CA VAL B 57 -18.15 24.62 7.56
C VAL B 57 -17.43 24.65 8.89
N ILE B 58 -16.44 25.52 9.00
CA ILE B 58 -15.62 25.64 10.21
C ILE B 58 -15.95 26.97 10.87
N PHE B 59 -16.35 26.92 12.14
CA PHE B 59 -16.74 28.10 12.90
C PHE B 59 -15.67 28.39 13.94
N GLN B 60 -15.04 29.56 13.83
CA GLN B 60 -14.06 29.98 14.81
C GLN B 60 -14.71 30.86 15.86
N GLN B 61 -14.42 30.56 17.13
CA GLN B 61 -14.93 31.37 18.22
C GLN B 61 -14.30 32.76 18.18
N GLU B 62 -15.12 33.78 18.43
CA GLU B 62 -14.63 35.14 18.48
C GLU B 62 -13.58 35.27 19.58
N GLN B 63 -12.45 35.90 19.23
CA GLN B 63 -11.32 35.95 20.14
C GLN B 63 -11.68 36.73 21.40
N GLU B 64 -11.58 36.06 22.55
CA GLU B 64 -11.84 36.72 23.82
C GLU B 64 -10.65 37.57 24.22
N ASN B 65 -10.82 38.88 24.19
CA ASN B 65 -9.77 39.78 24.64
C ASN B 65 -9.57 39.65 26.15
N LYS B 66 -8.32 39.75 26.58
CA LYS B 66 -7.99 39.65 28.00
C LYS B 66 -8.34 40.91 28.77
N ILE B 67 -8.94 41.90 28.12
CA ILE B 67 -9.36 43.12 28.77
C ILE B 67 -10.88 43.18 28.96
N GLN B 68 -11.65 42.74 27.96
CA GLN B 68 -13.10 42.75 28.05
C GLN B 68 -13.62 41.37 28.46
N SER B 69 -14.55 41.36 29.43
CA SER B 69 -15.13 40.12 29.90
C SER B 69 -16.65 40.13 30.01
N HIS B 70 -17.30 41.26 29.74
CA HIS B 70 -18.75 41.34 29.87
C HIS B 70 -19.51 40.54 28.82
N SER B 71 -18.82 40.05 27.78
CA SER B 71 -19.46 39.27 26.74
C SER B 71 -18.48 38.22 26.23
N ARG B 72 -18.97 37.00 26.03
CA ARG B 72 -18.16 35.93 25.49
C ARG B 72 -18.32 35.86 23.98
N GLY B 73 -17.33 35.28 23.32
CA GLY B 73 -17.32 35.26 21.87
C GLY B 73 -18.31 34.27 21.29
N GLU B 74 -18.89 34.64 20.16
CA GLU B 74 -19.75 33.77 19.39
C GLU B 74 -18.93 33.06 18.31
N TYR B 75 -19.56 32.10 17.65
CA TYR B 75 -18.87 31.28 16.64
C TYR B 75 -19.27 31.79 15.26
N ASN B 76 -18.34 32.50 14.62
CA ASN B 76 -18.56 33.04 13.29
C ASN B 76 -17.95 32.11 12.24
N VAL B 77 -18.44 32.24 11.00
CA VAL B 77 -17.91 31.42 9.92
C VAL B 77 -16.44 31.74 9.70
N TYR B 78 -15.65 30.69 9.51
CA TYR B 78 -14.20 30.86 9.42
C TYR B 78 -13.66 30.22 8.14
N SER B 79 -14.28 29.12 7.72
CA SER B 79 -13.87 28.46 6.48
C SER B 79 -15.03 27.61 5.97
N THR B 80 -15.00 27.31 4.68
CA THR B 80 -16.02 26.48 4.05
C THR B 80 -15.40 25.81 2.84
N PHE B 81 -15.58 24.49 2.73
CA PHE B 81 -15.00 23.76 1.62
C PHE B 81 -15.82 22.51 1.37
N GLN B 82 -15.78 22.05 0.12
CA GLN B 82 -16.48 20.82 -0.28
C GLN B 82 -15.58 19.64 0.01
N SER B 83 -15.89 18.90 1.08
CA SER B 83 -15.04 17.78 1.47
C SER B 83 -15.15 16.64 0.45
N HIS B 84 -16.36 16.26 0.08
CA HIS B 84 -16.59 15.16 -0.83
C HIS B 84 -17.55 15.59 -1.92
N GLU B 85 -17.15 15.40 -3.16
CA GLU B 85 -18.02 15.62 -4.31
C GLU B 85 -18.80 14.36 -4.63
N PRO B 86 -19.95 14.48 -5.27
CA PRO B 86 -20.72 13.28 -5.63
C PRO B 86 -19.90 12.34 -6.52
N GLU B 87 -20.01 11.04 -6.24
CA GLU B 87 -19.23 10.04 -6.94
C GLU B 87 -20.10 8.84 -7.28
N PHE B 88 -19.70 8.12 -8.32
CA PHE B 88 -20.44 6.98 -8.84
C PHE B 88 -19.46 5.85 -9.10
N ASP B 89 -19.63 4.73 -8.40
CA ASP B 89 -18.77 3.57 -8.62
C ASP B 89 -19.39 2.70 -9.71
N TYR B 90 -18.67 2.55 -10.81
CA TYR B 90 -19.21 1.92 -12.00
C TYR B 90 -19.30 0.40 -11.88
N LEU B 91 -18.37 -0.22 -11.14
CA LEU B 91 -18.33 -1.67 -11.05
C LEU B 91 -19.53 -2.24 -10.29
N LYS B 92 -20.26 -1.42 -9.55
CA LYS B 92 -21.45 -1.86 -8.84
C LYS B 92 -22.70 -1.08 -9.22
N SER B 93 -22.54 0.05 -9.92
CA SER B 93 -23.65 0.83 -10.47
C SER B 93 -24.59 1.35 -9.37
N LEU B 94 -23.99 1.79 -8.26
CA LEU B 94 -24.68 2.64 -7.30
C LEU B 94 -23.93 3.96 -7.19
N GLU B 95 -24.51 4.88 -6.43
CA GLU B 95 -23.94 6.21 -6.26
C GLU B 95 -23.30 6.29 -4.89
N ILE B 96 -22.00 6.63 -4.85
CA ILE B 96 -21.30 6.80 -3.59
C ILE B 96 -21.83 8.09 -2.95
N GLU B 97 -22.44 7.96 -1.78
CA GLU B 97 -23.04 9.12 -1.14
C GLU B 97 -21.97 10.11 -0.70
N GLU B 98 -22.26 11.39 -0.92
CA GLU B 98 -21.37 12.48 -0.58
C GLU B 98 -21.53 12.92 0.87
N LYS B 99 -22.44 12.32 1.62
CA LYS B 99 -22.72 12.73 2.99
C LYS B 99 -21.48 12.57 3.86
N ILE B 100 -21.21 13.60 4.66
CA ILE B 100 -20.08 13.56 5.60
C ILE B 100 -20.51 12.78 6.83
N ASN B 101 -19.71 11.78 7.21
CA ASN B 101 -20.06 10.89 8.30
C ASN B 101 -19.44 11.32 9.63
N LYS B 102 -18.12 11.45 9.67
CA LYS B 102 -17.42 11.73 10.92
C LYS B 102 -16.30 12.72 10.67
N ILE B 103 -16.21 13.74 11.52
CA ILE B 103 -15.12 14.72 11.49
C ILE B 103 -14.30 14.54 12.75
N ARG B 104 -12.98 14.40 12.59
CA ARG B 104 -12.09 14.19 13.72
C ARG B 104 -10.93 15.16 13.62
N TRP B 105 -10.83 16.06 14.60
CA TRP B 105 -9.78 17.09 14.59
C TRP B 105 -8.47 16.50 15.08
N LEU B 106 -7.45 16.53 14.23
CA LEU B 106 -6.13 16.13 14.65
C LEU B 106 -5.56 17.17 15.62
N PRO B 107 -4.69 16.76 16.53
CA PRO B 107 -4.00 17.74 17.38
C PRO B 107 -3.11 18.64 16.55
N GLN B 108 -2.94 19.87 17.02
CA GLN B 108 -2.27 20.90 16.23
C GLN B 108 -0.80 20.55 16.01
N LYS B 109 -0.44 20.33 14.75
CA LYS B 109 0.96 20.12 14.39
C LYS B 109 1.70 21.45 14.31
N ASN B 110 1.17 22.37 13.53
CA ASN B 110 1.73 23.71 13.39
C ASN B 110 0.56 24.68 13.33
N ALA B 111 0.81 25.90 12.84
CA ALA B 111 -0.23 26.92 12.80
C ALA B 111 -1.43 26.49 11.98
N ALA B 112 -1.28 25.52 11.08
CA ALA B 112 -2.41 25.00 10.33
C ALA B 112 -3.31 24.15 11.22
N GLN B 113 -4.46 23.77 10.69
CA GLN B 113 -5.42 22.95 11.42
C GLN B 113 -5.83 21.77 10.55
N PHE B 114 -5.87 20.59 11.13
CA PHE B 114 -6.13 19.36 10.40
C PHE B 114 -7.40 18.70 10.90
N LEU B 115 -8.04 17.93 10.02
CA LEU B 115 -9.21 17.17 10.41
C LEU B 115 -9.41 16.04 9.41
N LEU B 116 -9.87 14.89 9.92
CA LEU B 116 -10.26 13.78 9.07
C LEU B 116 -11.77 13.82 8.86
N SER B 117 -12.19 14.05 7.62
CA SER B 117 -13.59 14.02 7.25
C SER B 117 -13.81 12.80 6.35
N THR B 118 -14.80 11.99 6.70
CA THR B 118 -15.05 10.74 5.98
C THR B 118 -16.47 10.72 5.42
N ASN B 119 -16.58 10.29 4.18
CA ASN B 119 -17.87 9.89 3.61
C ASN B 119 -18.01 8.38 3.79
N ASP B 120 -18.99 7.78 3.11
CA ASP B 120 -19.22 6.36 3.29
C ASP B 120 -18.10 5.48 2.75
N LYS B 121 -17.16 6.03 1.98
CA LYS B 121 -16.13 5.18 1.37
C LYS B 121 -14.71 5.69 1.60
N THR B 122 -14.53 7.00 1.69
CA THR B 122 -13.20 7.59 1.70
C THR B 122 -13.02 8.45 2.96
N ILE B 123 -11.76 8.60 3.35
CA ILE B 123 -11.37 9.48 4.45
C ILE B 123 -10.35 10.46 3.91
N LYS B 124 -10.57 11.74 4.17
CA LYS B 124 -9.69 12.80 3.68
C LYS B 124 -9.05 13.53 4.86
N LEU B 125 -7.83 14.00 4.65
CA LEU B 125 -7.10 14.80 5.64
C LEU B 125 -6.96 16.21 5.09
N TRP B 126 -7.78 17.12 5.60
CA TRP B 126 -7.80 18.49 5.14
C TRP B 126 -6.94 19.38 6.03
N LYS B 127 -6.32 20.38 5.42
CA LYS B 127 -5.45 21.33 6.11
C LYS B 127 -6.06 22.72 5.97
N ILE B 128 -6.43 23.33 7.09
CA ILE B 128 -7.06 24.65 7.10
C ILE B 128 -5.96 25.65 7.50
N SER B 129 -5.27 26.18 6.50
CA SER B 129 -4.22 27.16 6.71
C SER B 129 -4.75 28.57 6.46
N GLU B 130 -3.98 29.55 6.92
CA GLU B 130 -4.32 30.95 6.78
C GLU B 130 -3.24 31.66 5.98
N ARG B 131 -3.66 32.46 5.00
CA ARG B 131 -2.76 33.28 4.20
C ARG B 131 -2.98 34.75 4.55
N ASP B 132 -1.89 35.46 4.81
CA ASP B 132 -1.97 36.89 5.07
C ASP B 132 -1.01 37.68 4.19
N LYS B 133 -0.18 37.01 3.39
CA LYS B 133 0.75 37.66 2.49
C LYS B 133 0.72 36.96 1.14
N ARG B 134 0.80 37.75 0.08
CA ARG B 134 0.83 37.23 -1.28
C ARG B 134 1.98 37.88 -2.04
N PRO B 135 2.55 37.17 -3.02
CA PRO B 135 3.63 37.76 -3.80
C PRO B 135 3.10 38.82 -4.76
N GLU B 136 3.86 39.90 -4.90
CA GLU B 136 3.50 41.02 -5.78
C GLU B 136 4.69 41.36 -6.65
N GLY B 137 4.57 41.11 -7.94
CA GLY B 137 5.59 41.48 -8.90
C GLY B 137 5.84 40.39 -9.93
N TYR B 138 6.36 40.79 -11.08
CA TYR B 138 6.76 39.89 -12.14
C TYR B 138 7.95 40.48 -12.86
N ASN B 139 8.78 39.61 -13.44
CA ASN B 139 9.91 40.10 -14.24
C ASN B 139 9.46 40.45 -15.65
N LEU B 140 8.87 39.49 -16.36
CA LEU B 140 8.40 39.75 -17.73
C LEU B 140 7.02 40.41 -17.73
N LYS B 141 6.03 39.73 -17.17
CA LYS B 141 4.66 40.25 -17.18
C LYS B 141 4.56 41.45 -16.22
N GLU B 142 3.37 42.03 -16.17
CA GLU B 142 3.09 43.13 -15.26
C GLU B 142 2.44 42.59 -13.99
N GLU B 143 2.23 43.49 -13.02
CA GLU B 143 1.62 43.13 -11.75
C GLU B 143 0.14 42.77 -11.87
N ASP B 144 -0.44 42.75 -13.08
CA ASP B 144 -1.83 42.37 -13.25
C ASP B 144 -2.04 41.23 -14.24
N GLY B 145 -1.00 40.75 -14.91
CA GLY B 145 -1.10 39.63 -15.83
C GLY B 145 -0.91 39.98 -17.29
N ARG B 146 -0.81 41.27 -17.63
CA ARG B 146 -0.61 41.67 -19.01
C ARG B 146 0.86 41.50 -19.39
N TYR B 147 1.10 40.76 -20.48
CA TYR B 147 2.46 40.44 -20.88
C TYR B 147 3.17 41.66 -21.45
N ARG B 148 4.50 41.63 -21.37
CA ARG B 148 5.34 42.68 -21.90
C ARG B 148 6.47 42.05 -22.71
N ASP B 149 6.99 42.82 -23.67
CA ASP B 149 8.10 42.35 -24.48
C ASP B 149 9.37 42.24 -23.65
N PRO B 150 10.22 41.24 -23.91
CA PRO B 150 11.46 41.10 -23.16
C PRO B 150 12.55 42.04 -23.63
N THR B 151 12.22 42.91 -24.58
CA THR B 151 13.18 43.84 -25.16
C THR B 151 13.32 45.13 -24.36
N THR B 152 12.55 45.28 -23.28
CA THR B 152 12.62 46.48 -22.45
C THR B 152 13.06 46.19 -21.02
N VAL B 153 13.35 44.94 -20.68
CA VAL B 153 13.77 44.57 -19.33
C VAL B 153 15.17 43.97 -19.40
N THR B 154 16.04 44.44 -18.52
CA THR B 154 17.41 43.92 -18.45
C THR B 154 17.84 43.50 -17.06
N THR B 155 17.24 44.04 -15.99
CA THR B 155 17.59 43.69 -14.64
C THR B 155 16.57 42.71 -14.08
N LEU B 156 17.06 41.70 -13.35
CA LEU B 156 16.20 40.69 -12.75
C LEU B 156 15.75 41.15 -11.37
N ARG B 157 14.45 41.12 -11.11
CA ARG B 157 13.90 41.42 -9.80
C ARG B 157 13.03 40.25 -9.36
N VAL B 158 13.18 39.87 -8.08
CA VAL B 158 12.46 38.73 -7.53
C VAL B 158 11.21 39.24 -6.82
N PRO B 159 10.16 38.43 -6.71
CA PRO B 159 8.93 38.89 -6.06
C PRO B 159 9.14 39.18 -4.58
N VAL B 160 8.27 40.02 -4.04
CA VAL B 160 8.31 40.42 -2.64
C VAL B 160 6.93 40.15 -2.04
N PHE B 161 6.90 39.45 -0.91
CA PHE B 161 5.65 39.13 -0.24
C PHE B 161 5.11 40.38 0.44
N ARG B 162 3.93 40.83 0.00
CA ARG B 162 3.28 41.98 0.61
C ARG B 162 2.05 41.55 1.38
N PRO B 163 1.77 42.17 2.53
CA PRO B 163 0.62 41.76 3.33
C PRO B 163 -0.70 41.95 2.60
N MET B 164 -1.63 41.04 2.85
CA MET B 164 -2.95 41.05 2.25
C MET B 164 -3.97 40.65 3.31
N ASP B 165 -5.25 40.89 3.02
CA ASP B 165 -6.31 40.56 3.97
C ASP B 165 -6.33 39.05 4.22
N LEU B 166 -6.70 38.69 5.45
CA LEU B 166 -6.68 37.29 5.84
C LEU B 166 -7.61 36.47 4.98
N MET B 167 -7.12 35.35 4.47
CA MET B 167 -7.88 34.46 3.61
C MET B 167 -7.61 33.03 4.09
N VAL B 168 -8.68 32.27 4.28
CA VAL B 168 -8.59 30.90 4.77
C VAL B 168 -8.82 29.94 3.62
N GLU B 169 -7.93 28.96 3.48
CA GLU B 169 -8.00 27.99 2.39
C GLU B 169 -7.82 26.60 2.94
N ALA B 170 -8.58 25.65 2.39
CA ALA B 170 -8.53 24.25 2.79
C ALA B 170 -8.16 23.39 1.59
N SER B 171 -7.15 22.54 1.76
CA SER B 171 -6.67 21.70 0.68
C SER B 171 -6.46 20.28 1.19
N PRO B 172 -6.98 19.26 0.51
CA PRO B 172 -6.82 17.89 0.99
C PRO B 172 -5.37 17.44 0.87
N ARG B 173 -4.86 16.84 1.95
CA ARG B 173 -3.48 16.39 2.01
C ARG B 173 -3.33 14.91 1.68
N ARG B 174 -4.10 14.05 2.34
CA ARG B 174 -4.07 12.62 2.08
C ARG B 174 -5.50 12.13 1.93
N ILE B 175 -5.69 11.15 1.04
CA ILE B 175 -6.98 10.53 0.82
C ILE B 175 -6.81 9.04 1.06
N PHE B 176 -7.55 8.50 2.03
CA PHE B 176 -7.48 7.10 2.40
C PHE B 176 -8.73 6.42 1.84
N ALA B 177 -8.57 5.74 0.70
CA ALA B 177 -9.71 5.22 -0.04
C ALA B 177 -9.46 3.77 -0.43
N ASN B 178 -10.52 3.14 -0.94
CA ASN B 178 -10.47 1.81 -1.51
C ASN B 178 -9.95 0.77 -0.51
N ALA B 179 -10.50 0.83 0.70
CA ALA B 179 -10.20 -0.18 1.70
C ALA B 179 -11.39 -0.60 2.54
N HIS B 180 -12.58 -0.09 2.27
CA HIS B 180 -13.78 -0.42 3.05
C HIS B 180 -14.91 -0.74 2.08
N THR B 181 -15.33 -2.00 2.06
CA THR B 181 -16.41 -2.43 1.18
C THR B 181 -17.79 -2.19 1.77
N TYR B 182 -17.86 -1.67 2.99
CA TYR B 182 -19.12 -1.32 3.64
C TYR B 182 -19.08 0.13 4.06
N HIS B 183 -20.22 0.63 4.54
CA HIS B 183 -20.33 2.03 4.92
C HIS B 183 -19.43 2.35 6.11
N ILE B 184 -18.46 3.25 5.90
CA ILE B 184 -17.64 3.72 7.02
C ILE B 184 -18.52 4.54 7.96
N ASN B 185 -18.53 4.17 9.23
CA ASN B 185 -19.39 4.81 10.21
C ASN B 185 -18.65 5.57 11.29
N SER B 186 -17.38 5.25 11.55
CA SER B 186 -16.66 5.91 12.62
C SER B 186 -15.17 5.88 12.35
N ILE B 187 -14.49 6.94 12.79
CA ILE B 187 -13.04 7.01 12.80
C ILE B 187 -12.61 7.55 14.15
N SER B 188 -11.36 7.27 14.52
CA SER B 188 -10.84 7.76 15.78
C SER B 188 -9.32 7.82 15.71
N ILE B 189 -8.76 8.91 16.18
CA ILE B 189 -7.32 9.12 16.13
C ILE B 189 -6.67 8.49 17.36
N ASN B 190 -5.64 7.69 17.11
CA ASN B 190 -4.93 7.02 18.20
C ASN B 190 -4.16 8.05 19.03
N SER B 191 -3.93 7.70 20.30
CA SER B 191 -3.18 8.58 21.19
C SER B 191 -1.68 8.36 21.04
N ASP B 192 -1.21 8.38 19.80
CA ASP B 192 0.21 8.31 19.51
C ASP B 192 0.61 9.21 18.35
N TYR B 193 -0.31 10.00 17.80
CA TYR B 193 -0.05 11.07 16.85
C TYR B 193 0.42 10.56 15.49
N GLU B 194 0.28 9.26 15.21
CA GLU B 194 0.73 8.74 13.92
C GLU B 194 -0.19 7.71 13.30
N THR B 195 -1.32 7.37 13.90
CA THR B 195 -2.20 6.37 13.32
C THR B 195 -3.63 6.60 13.80
N TYR B 196 -4.58 5.97 13.10
CA TYR B 196 -5.98 6.05 13.46
C TYR B 196 -6.70 4.85 12.88
N LEU B 197 -7.94 4.65 13.30
CA LEU B 197 -8.75 3.53 12.83
C LEU B 197 -9.97 4.04 12.08
N SER B 198 -10.44 3.22 11.14
CA SER B 198 -11.71 3.46 10.45
C SER B 198 -12.52 2.18 10.52
N ALA B 199 -13.77 2.30 10.93
CA ALA B 199 -14.63 1.13 11.14
C ALA B 199 -15.82 1.20 10.20
N ASP B 200 -15.96 0.20 9.35
CA ASP B 200 -17.18 0.01 8.59
C ASP B 200 -18.04 -1.02 9.31
N ASP B 201 -19.12 -1.46 8.67
CA ASP B 201 -20.10 -2.28 9.36
C ASP B 201 -19.51 -3.61 9.84
N LEU B 202 -18.53 -4.16 9.11
CA LEU B 202 -18.11 -5.52 9.37
C LEU B 202 -16.60 -5.70 9.52
N ARG B 203 -15.81 -4.63 9.43
CA ARG B 203 -14.38 -4.76 9.68
C ARG B 203 -13.81 -3.41 10.08
N ILE B 204 -12.62 -3.44 10.68
CA ILE B 204 -11.94 -2.25 11.16
C ILE B 204 -10.54 -2.25 10.54
N ASN B 205 -10.17 -1.14 9.92
CA ASN B 205 -8.84 -0.97 9.35
C ASN B 205 -8.06 0.05 10.16
N LEU B 206 -6.80 -0.25 10.41
CA LEU B 206 -5.90 0.65 11.12
C LEU B 206 -4.98 1.31 10.10
N TRP B 207 -5.12 2.63 9.94
CA TRP B 207 -4.35 3.36 8.90
C TRP B 207 -3.19 4.13 9.50
N HIS B 208 -2.21 4.50 8.67
CA HIS B 208 -1.12 5.39 9.17
C HIS B 208 -1.45 6.79 8.65
N LEU B 209 -1.16 7.83 9.43
CA LEU B 209 -1.57 9.15 9.02
C LEU B 209 -0.79 9.69 7.84
N GLU B 210 0.15 8.91 7.30
CA GLU B 210 0.96 9.33 6.16
C GLU B 210 1.17 8.21 5.16
N ILE B 211 0.50 7.06 5.33
CA ILE B 211 0.54 5.96 4.39
C ILE B 211 -0.88 5.72 3.92
N THR B 212 -1.17 6.09 2.67
CA THR B 212 -2.52 6.01 2.13
C THR B 212 -2.78 4.76 1.32
N ASP B 213 -1.74 4.01 0.95
CA ASP B 213 -1.87 2.86 0.08
C ASP B 213 -2.08 1.54 0.82
N ARG B 214 -1.97 1.54 2.15
CA ARG B 214 -2.08 0.31 2.92
C ARG B 214 -2.83 0.56 4.21
N SER B 215 -3.72 -0.37 4.55
CA SER B 215 -4.43 -0.34 5.82
C SER B 215 -4.36 -1.72 6.44
N PHE B 216 -3.91 -1.79 7.70
CA PHE B 216 -3.75 -3.06 8.39
C PHE B 216 -5.04 -3.39 9.11
N ASN B 217 -5.81 -4.33 8.55
CA ASN B 217 -7.09 -4.71 9.13
C ASN B 217 -6.89 -5.40 10.47
N ILE B 218 -7.36 -4.78 11.56
CA ILE B 218 -7.14 -5.31 12.89
C ILE B 218 -8.36 -6.03 13.46
N VAL B 219 -9.56 -5.78 12.92
CA VAL B 219 -10.76 -6.46 13.37
C VAL B 219 -11.57 -6.88 12.16
N ASP B 220 -12.02 -8.13 12.15
CA ASP B 220 -12.89 -8.64 11.11
C ASP B 220 -13.95 -9.52 11.75
N ILE B 221 -15.21 -9.17 11.57
CA ILE B 221 -16.32 -9.94 12.13
C ILE B 221 -17.22 -10.44 11.02
N LYS B 222 -16.73 -10.40 9.78
CA LYS B 222 -17.52 -10.87 8.65
C LYS B 222 -17.70 -12.38 8.74
N PRO B 223 -18.93 -12.89 8.75
CA PRO B 223 -19.15 -14.32 8.75
C PRO B 223 -18.88 -14.93 7.38
N ALA B 224 -18.68 -16.24 7.37
CA ALA B 224 -18.41 -16.95 6.12
C ALA B 224 -19.59 -16.84 5.17
N ASN B 225 -20.81 -17.01 5.69
CA ASN B 225 -22.03 -16.86 4.92
C ASN B 225 -22.69 -15.55 5.32
N MET B 226 -22.96 -14.69 4.34
CA MET B 226 -23.54 -13.38 4.60
C MET B 226 -25.00 -13.46 5.01
N GLU B 227 -25.64 -14.62 4.93
CA GLU B 227 -27.02 -14.79 5.34
C GLU B 227 -27.18 -14.91 6.85
N GLU B 228 -26.07 -15.03 7.59
CA GLU B 228 -26.11 -15.19 9.04
C GLU B 228 -25.56 -13.96 9.76
N LEU B 229 -25.87 -12.77 9.26
CA LEU B 229 -25.42 -11.54 9.90
C LEU B 229 -26.14 -11.36 11.24
N THR B 230 -25.41 -11.48 12.33
CA THR B 230 -25.96 -11.27 13.66
C THR B 230 -25.38 -10.06 14.37
N GLU B 231 -24.38 -9.39 13.79
CA GLU B 231 -23.70 -8.30 14.47
C GLU B 231 -23.01 -7.42 13.44
N VAL B 232 -23.16 -6.11 13.58
CA VAL B 232 -22.46 -5.14 12.75
C VAL B 232 -21.83 -4.09 13.66
N ILE B 233 -20.63 -3.67 13.30
CA ILE B 233 -19.96 -2.61 14.05
C ILE B 233 -20.66 -1.28 13.80
N THR B 234 -21.05 -0.60 14.87
CA THR B 234 -21.73 0.67 14.76
C THR B 234 -20.93 1.84 15.30
N ALA B 235 -19.81 1.59 15.96
CA ALA B 235 -18.92 2.64 16.44
C ALA B 235 -17.59 2.01 16.82
N ALA B 236 -16.55 2.83 16.85
CA ALA B 236 -15.22 2.35 17.22
C ALA B 236 -14.37 3.55 17.59
N GLU B 237 -13.93 3.60 18.85
CA GLU B 237 -13.13 4.71 19.34
C GLU B 237 -11.86 4.20 19.98
N PHE B 238 -10.75 4.89 19.74
CA PHE B 238 -9.49 4.55 20.38
C PHE B 238 -9.53 4.95 21.86
N HIS B 239 -8.42 4.71 22.56
CA HIS B 239 -8.37 5.15 23.94
C HIS B 239 -7.65 6.49 24.03
N PRO B 240 -8.19 7.43 24.80
CA PRO B 240 -7.56 8.76 24.89
C PRO B 240 -6.15 8.74 25.44
N ASN B 241 -5.78 7.75 26.25
CA ASN B 241 -4.46 7.68 26.85
C ASN B 241 -3.62 6.51 26.36
N SER B 242 -4.22 5.34 26.19
CA SER B 242 -3.48 4.17 25.74
C SER B 242 -3.25 4.23 24.24
N CYS B 243 -2.00 3.96 23.84
CA CYS B 243 -1.65 3.93 22.43
C CYS B 243 -2.29 2.78 21.68
N ASN B 244 -2.81 1.79 22.39
CA ASN B 244 -3.21 0.51 21.81
C ASN B 244 -4.65 0.14 22.09
N THR B 245 -5.13 0.37 23.31
CA THR B 245 -6.50 0.01 23.65
C THR B 245 -7.47 0.78 22.76
N PHE B 246 -8.45 0.07 22.24
CA PHE B 246 -9.53 0.70 21.48
C PHE B 246 -10.77 -0.15 21.63
N VAL B 247 -11.92 0.52 21.69
CA VAL B 247 -13.19 -0.15 21.89
C VAL B 247 -14.02 0.01 20.62
N TYR B 248 -14.90 -0.94 20.37
CA TYR B 248 -15.81 -0.85 19.24
C TYR B 248 -17.12 -1.53 19.60
N SER B 249 -18.23 -0.85 19.31
CA SER B 249 -19.55 -1.36 19.66
C SER B 249 -20.04 -2.32 18.58
N SER B 250 -21.27 -2.79 18.75
CA SER B 250 -21.91 -3.67 17.80
C SER B 250 -23.41 -3.43 17.85
N SER B 251 -24.15 -4.10 16.97
CA SER B 251 -25.59 -3.94 16.91
C SER B 251 -26.34 -4.86 17.87
N LYS B 252 -25.64 -5.77 18.54
CA LYS B 252 -26.27 -6.68 19.49
C LYS B 252 -25.99 -6.29 20.94
N GLY B 253 -25.39 -5.12 21.15
CA GLY B 253 -25.09 -4.63 22.48
C GLY B 253 -23.69 -4.94 22.96
N THR B 254 -22.97 -5.85 22.29
CA THR B 254 -21.63 -6.19 22.72
C THR B 254 -20.69 -5.00 22.57
N ILE B 255 -19.74 -4.90 23.48
CA ILE B 255 -18.83 -3.76 23.57
C ILE B 255 -17.44 -4.35 23.75
N ARG B 256 -16.72 -4.53 22.65
CA ARG B 256 -15.44 -5.21 22.72
C ARG B 256 -14.29 -4.21 22.83
N LEU B 257 -13.44 -4.44 23.82
CA LEU B 257 -12.31 -3.56 24.13
C LEU B 257 -11.03 -4.28 23.72
N CYS B 258 -10.60 -4.06 22.49
CA CYS B 258 -9.40 -4.71 22.00
C CYS B 258 -8.15 -4.10 22.62
N ASP B 259 -7.08 -4.89 22.64
CA ASP B 259 -5.81 -4.48 23.23
C ASP B 259 -4.70 -5.01 22.32
N MET B 260 -4.10 -4.11 21.54
CA MET B 260 -3.18 -4.51 20.49
C MET B 260 -1.77 -4.84 20.99
N ARG B 261 -1.55 -4.87 22.30
CA ARG B 261 -0.27 -5.39 22.79
C ARG B 261 -0.15 -6.89 22.62
N ALA B 262 -1.26 -7.62 22.63
CA ALA B 262 -1.21 -9.07 22.70
C ALA B 262 -0.71 -9.68 21.40
N SER B 263 -1.45 -9.46 20.31
CA SER B 263 -1.09 -10.05 19.02
C SER B 263 -1.21 -9.01 17.93
N ALA B 264 -0.58 -9.30 16.79
CA ALA B 264 -0.68 -8.42 15.64
C ALA B 264 -2.12 -8.29 15.17
N LEU B 265 -2.71 -9.41 14.75
CA LEU B 265 -4.12 -9.43 14.38
C LEU B 265 -4.98 -9.54 15.64
N CYS B 266 -5.92 -8.62 15.80
CA CYS B 266 -6.76 -8.57 17.00
C CYS B 266 -8.01 -9.41 16.76
N ASP B 267 -7.81 -10.72 16.70
CA ASP B 267 -8.91 -11.67 16.58
C ASP B 267 -9.56 -11.97 17.91
N ARG B 268 -8.95 -11.57 19.03
CA ARG B 268 -9.46 -11.88 20.35
C ARG B 268 -9.47 -10.60 21.18
N HIS B 269 -10.68 -10.13 21.53
CA HIS B 269 -10.80 -8.95 22.36
C HIS B 269 -10.32 -9.26 23.79
N SER B 270 -9.58 -8.32 24.37
CA SER B 270 -9.10 -8.51 25.73
C SER B 270 -10.24 -8.46 26.74
N LYS B 271 -11.29 -7.70 26.48
CA LYS B 271 -12.44 -7.61 27.36
C LYS B 271 -13.70 -7.54 26.51
N LEU B 272 -14.84 -7.87 27.13
CA LEU B 272 -16.12 -7.83 26.45
C LEU B 272 -17.15 -7.29 27.43
N PHE B 273 -17.51 -6.02 27.26
CA PHE B 273 -18.50 -5.39 28.12
C PHE B 273 -19.89 -5.73 27.63
N GLU B 274 -20.71 -6.32 28.50
CA GLU B 274 -22.02 -6.80 28.09
C GLU B 274 -22.89 -6.99 29.32
N GLU B 275 -24.16 -6.60 29.20
CA GLU B 275 -25.15 -6.80 30.25
C GLU B 275 -25.94 -8.06 29.94
N PRO B 276 -25.89 -9.08 30.79
CA PRO B 276 -26.59 -10.33 30.50
C PRO B 276 -28.10 -10.11 30.40
N GLU B 277 -28.69 -10.66 29.34
CA GLU B 277 -30.12 -10.53 29.13
C GLU B 277 -30.88 -11.61 29.89
N ASP B 278 -32.07 -11.26 30.37
CA ASP B 278 -32.93 -12.17 31.10
C ASP B 278 -34.32 -12.16 30.48
N PRO B 279 -34.97 -13.33 30.39
CA PRO B 279 -36.32 -13.36 29.80
C PRO B 279 -37.34 -12.51 30.53
N SER B 280 -37.18 -12.31 31.84
CA SER B 280 -38.15 -11.51 32.60
C SER B 280 -38.04 -10.03 32.27
N ASN B 281 -36.94 -9.58 31.67
CA ASN B 281 -36.71 -8.17 31.38
C ASN B 281 -36.80 -7.86 29.89
N ARG B 282 -37.41 -8.74 29.10
CA ARG B 282 -37.49 -8.55 27.65
C ARG B 282 -38.84 -9.06 27.16
N SER B 283 -39.44 -8.31 26.23
CA SER B 283 -40.69 -8.75 25.61
C SER B 283 -40.53 -9.01 24.11
N PHE B 284 -40.15 -8.00 23.32
CA PHE B 284 -39.94 -8.22 21.89
C PHE B 284 -38.76 -7.47 21.30
N PHE B 285 -38.23 -6.44 21.95
CA PHE B 285 -37.21 -5.58 21.35
C PHE B 285 -35.84 -5.75 22.02
N SER B 286 -35.54 -6.94 22.53
CA SER B 286 -34.22 -7.17 23.12
C SER B 286 -33.13 -7.06 22.07
N GLU B 287 -33.41 -7.51 20.84
CA GLU B 287 -32.40 -7.55 19.79
C GLU B 287 -32.31 -6.25 18.99
N ILE B 288 -33.23 -5.31 19.18
CA ILE B 288 -33.34 -4.14 18.32
C ILE B 288 -32.91 -2.86 19.04
N ILE B 289 -33.45 -2.61 20.22
CA ILE B 289 -33.20 -1.35 20.93
C ILE B 289 -31.92 -1.45 21.74
N SER B 290 -31.22 -2.58 21.64
CA SER B 290 -29.98 -2.79 22.37
C SER B 290 -28.75 -2.46 21.54
N SER B 291 -28.92 -1.99 20.31
CA SER B 291 -27.78 -1.66 19.46
C SER B 291 -27.15 -0.35 19.92
N ILE B 292 -25.83 -0.37 20.08
CA ILE B 292 -25.11 0.83 20.50
C ILE B 292 -24.96 1.77 19.32
N SER B 293 -25.35 3.03 19.50
CA SER B 293 -25.26 4.02 18.44
C SER B 293 -23.88 4.65 18.34
N ASP B 294 -23.30 5.04 19.48
CA ASP B 294 -21.94 5.55 19.49
C ASP B 294 -21.36 5.34 20.89
N VAL B 295 -20.07 5.03 20.94
CA VAL B 295 -19.35 4.82 22.19
C VAL B 295 -18.30 5.91 22.32
N LYS B 296 -18.35 6.64 23.44
CA LYS B 296 -17.40 7.69 23.72
C LYS B 296 -16.64 7.37 25.00
N PHE B 297 -15.31 7.46 24.93
CA PHE B 297 -14.48 7.28 26.10
C PHE B 297 -14.45 8.56 26.92
N SER B 298 -14.35 8.41 28.24
CA SER B 298 -14.17 9.57 29.10
C SER B 298 -12.83 10.23 28.80
N HIS B 299 -12.76 11.53 29.05
CA HIS B 299 -11.53 12.27 28.76
C HIS B 299 -10.36 11.73 29.57
N SER B 300 -10.62 11.20 30.76
CA SER B 300 -9.59 10.57 31.58
C SER B 300 -9.32 9.13 31.17
N GLY B 301 -10.20 8.52 30.38
CA GLY B 301 -10.04 7.15 29.96
C GLY B 301 -10.47 6.13 30.99
N ARG B 302 -10.82 6.55 32.21
CA ARG B 302 -11.22 5.62 33.24
C ARG B 302 -12.59 5.01 32.94
N TYR B 303 -13.55 5.84 32.57
CA TYR B 303 -14.91 5.41 32.29
C TYR B 303 -15.13 5.36 30.78
N MET B 304 -16.36 5.00 30.39
CA MET B 304 -16.72 4.89 28.99
C MET B 304 -18.21 5.06 28.86
N MET B 305 -18.65 5.60 27.74
CA MET B 305 -20.05 5.88 27.48
C MET B 305 -20.53 5.13 26.25
N THR B 306 -21.74 4.60 26.32
CA THR B 306 -22.40 3.98 25.18
C THR B 306 -23.87 4.37 25.18
N ARG B 307 -24.33 4.88 24.04
CA ARG B 307 -25.70 5.37 23.91
C ARG B 307 -26.46 4.44 22.97
N ASP B 308 -27.45 3.74 23.51
CA ASP B 308 -28.39 2.99 22.68
C ASP B 308 -29.59 3.90 22.39
N TYR B 309 -30.66 3.32 21.85
CA TYR B 309 -31.79 4.14 21.43
C TYR B 309 -32.56 4.75 22.59
N LEU B 310 -32.56 4.12 23.76
CA LEU B 310 -33.39 4.58 24.87
C LEU B 310 -32.66 4.74 26.19
N SER B 311 -31.43 4.24 26.32
CA SER B 311 -30.73 4.30 27.61
C SER B 311 -29.28 4.68 27.39
N VAL B 312 -28.73 5.42 28.34
CA VAL B 312 -27.32 5.75 28.35
C VAL B 312 -26.64 4.96 29.45
N LYS B 313 -25.57 4.24 29.10
CA LYS B 313 -24.87 3.38 30.04
C LYS B 313 -23.43 3.83 30.15
N ILE B 314 -22.94 3.98 31.38
CA ILE B 314 -21.58 4.41 31.64
C ILE B 314 -20.84 3.23 32.27
N TRP B 315 -19.96 2.61 31.51
CA TRP B 315 -19.21 1.44 31.96
C TRP B 315 -17.88 1.85 32.57
N ASP B 316 -17.49 1.18 33.64
CA ASP B 316 -16.14 1.29 34.16
C ASP B 316 -15.26 0.26 33.45
N LEU B 317 -14.04 0.66 33.10
CA LEU B 317 -13.19 -0.18 32.28
C LEU B 317 -12.78 -1.48 32.97
N ASN B 318 -12.97 -1.60 34.28
CA ASN B 318 -12.66 -2.81 35.01
C ASN B 318 -13.87 -3.75 35.12
N MET B 319 -15.04 -3.21 35.41
CA MET B 319 -16.25 -4.01 35.54
C MET B 319 -16.81 -4.28 34.15
N GLU B 320 -16.76 -5.54 33.72
CA GLU B 320 -17.09 -5.92 32.36
C GLU B 320 -18.47 -6.55 32.23
N ASN B 321 -19.29 -6.52 33.28
CA ASN B 321 -20.57 -7.21 33.23
C ASN B 321 -21.72 -6.39 33.81
N ARG B 322 -21.52 -5.11 34.10
CA ARG B 322 -22.60 -4.29 34.61
C ARG B 322 -22.30 -2.81 34.40
N PRO B 323 -23.23 -2.05 33.86
CA PRO B 323 -23.00 -0.59 33.74
C PRO B 323 -23.06 0.06 35.11
N VAL B 324 -22.12 0.99 35.34
CA VAL B 324 -22.07 1.68 36.62
C VAL B 324 -23.27 2.61 36.79
N GLU B 325 -23.63 3.35 35.74
CA GLU B 325 -24.75 4.29 35.80
C GLU B 325 -25.58 4.14 34.54
N THR B 326 -26.90 4.09 34.71
CA THR B 326 -27.84 4.00 33.61
C THR B 326 -28.76 5.20 33.61
N TYR B 327 -28.87 5.86 32.47
CA TYR B 327 -29.72 7.04 32.32
C TYR B 327 -30.71 6.79 31.19
N GLN B 328 -31.98 7.11 31.43
CA GLN B 328 -33.04 6.94 30.44
C GLN B 328 -33.31 8.28 29.79
N VAL B 329 -33.16 8.34 28.47
CA VAL B 329 -33.34 9.60 27.75
C VAL B 329 -34.82 9.84 27.44
N HIS B 330 -35.41 8.98 26.63
CA HIS B 330 -36.80 9.13 26.19
C HIS B 330 -37.57 7.86 26.50
N GLU B 331 -37.47 7.40 27.75
CA GLU B 331 -38.23 6.23 28.20
C GLU B 331 -39.72 6.46 28.09
N TYR B 332 -40.17 7.71 28.00
CA TYR B 332 -41.57 8.02 27.77
C TYR B 332 -42.02 7.76 26.33
N LEU B 333 -41.14 7.23 25.46
CA LEU B 333 -41.56 6.67 24.18
C LEU B 333 -41.71 5.15 24.20
N ARG B 334 -41.39 4.49 25.32
CA ARG B 334 -41.45 3.03 25.37
C ARG B 334 -42.85 2.52 25.05
N SER B 335 -43.88 3.30 25.37
CA SER B 335 -45.23 2.91 25.03
C SER B 335 -45.52 3.05 23.54
N LYS B 336 -44.67 3.78 22.81
CA LYS B 336 -44.91 4.04 21.39
C LYS B 336 -43.77 3.53 20.50
N LEU B 337 -43.00 2.55 20.96
CA LEU B 337 -41.98 1.96 20.10
C LEU B 337 -42.60 1.24 18.92
N CYS B 338 -43.76 0.61 19.12
CA CYS B 338 -44.42 -0.09 18.02
C CYS B 338 -44.79 0.87 16.90
N SER B 339 -45.27 2.06 17.24
CA SER B 339 -45.57 3.06 16.22
C SER B 339 -44.30 3.56 15.54
N LEU B 340 -43.17 3.48 16.23
CA LEU B 340 -41.90 3.90 15.67
C LEU B 340 -41.28 2.85 14.74
N TYR B 341 -41.80 1.64 14.74
CA TYR B 341 -41.27 0.57 13.89
C TYR B 341 -41.88 0.58 12.50
N GLU B 342 -43.08 1.15 12.33
CA GLU B 342 -43.74 1.17 11.03
C GLU B 342 -43.33 2.37 10.18
N ASN B 343 -42.97 3.49 10.80
CA ASN B 343 -42.55 4.67 10.06
C ASN B 343 -41.04 4.72 9.85
N ASP B 344 -40.31 3.68 10.24
CA ASP B 344 -38.86 3.60 10.05
C ASP B 344 -38.14 4.75 10.74
N CYS B 345 -38.58 5.07 11.97
CA CYS B 345 -37.96 6.13 12.76
C CYS B 345 -37.29 5.61 14.02
N ILE B 346 -37.26 4.29 14.23
CA ILE B 346 -36.58 3.71 15.38
C ILE B 346 -35.11 3.45 15.12
N PHE B 347 -34.69 3.46 13.85
CA PHE B 347 -33.31 3.18 13.48
C PHE B 347 -32.42 4.41 13.50
N ASP B 348 -32.81 5.44 14.27
CA ASP B 348 -31.98 6.63 14.39
C ASP B 348 -30.69 6.31 15.16
N LYS B 349 -29.63 7.03 14.83
CA LYS B 349 -28.32 6.83 15.44
C LYS B 349 -27.94 8.10 16.20
N PHE B 350 -28.39 8.19 17.44
CA PHE B 350 -28.06 9.33 18.28
C PHE B 350 -26.60 9.26 18.73
N GLU B 351 -26.05 10.41 19.08
CA GLU B 351 -24.66 10.51 19.50
C GLU B 351 -24.59 11.16 20.88
N CYS B 352 -23.72 10.63 21.73
CA CYS B 352 -23.52 11.14 23.07
C CYS B 352 -22.18 11.85 23.19
N CYS B 353 -22.08 12.73 24.19
CA CYS B 353 -20.86 13.50 24.40
C CYS B 353 -20.58 13.64 25.89
N TRP B 354 -19.31 13.78 26.24
CA TRP B 354 -18.87 13.89 27.62
C TRP B 354 -18.64 15.35 27.99
N ASN B 355 -18.66 15.61 29.30
CA ASN B 355 -18.26 16.90 29.82
C ASN B 355 -16.76 17.09 29.64
N GLY B 356 -16.32 18.34 29.75
CA GLY B 356 -14.90 18.62 29.73
C GLY B 356 -14.15 18.00 30.89
N SER B 357 -14.79 17.84 32.03
CA SER B 357 -14.19 17.22 33.20
C SER B 357 -14.84 15.88 33.58
N ASP B 358 -15.61 15.29 32.66
CA ASP B 358 -16.29 14.03 32.90
C ASP B 358 -17.20 14.11 34.13
N SER B 359 -17.90 15.24 34.27
CA SER B 359 -18.80 15.45 35.39
C SER B 359 -20.27 15.50 34.99
N VAL B 360 -20.57 15.78 33.72
CA VAL B 360 -21.93 15.86 33.23
C VAL B 360 -21.98 15.17 31.87
N VAL B 361 -23.10 14.52 31.58
CA VAL B 361 -23.28 13.80 30.33
C VAL B 361 -24.50 14.33 29.61
N MET B 362 -24.40 14.48 28.30
CA MET B 362 -25.43 15.09 27.48
C MET B 362 -25.59 14.33 26.17
N THR B 363 -26.84 14.16 25.73
CA THR B 363 -27.14 13.44 24.50
C THR B 363 -28.46 13.96 23.94
N GLY B 364 -28.65 13.78 22.64
CA GLY B 364 -29.80 14.34 21.95
C GLY B 364 -31.07 13.54 22.18
N SER B 365 -32.15 14.05 21.59
CA SER B 365 -33.48 13.47 21.71
C SER B 365 -34.36 14.05 20.62
N TYR B 366 -35.65 13.73 20.70
CA TYR B 366 -36.60 14.18 19.69
C TYR B 366 -37.22 15.53 20.06
N ASN B 367 -37.77 16.19 19.05
CA ASN B 367 -38.38 17.52 19.15
C ASN B 367 -37.38 18.46 19.84
N ASN B 368 -36.30 18.77 19.12
CA ASN B 368 -35.32 19.79 19.51
C ASN B 368 -34.96 19.70 21.00
N PHE B 369 -34.91 18.48 21.51
CA PHE B 369 -34.58 18.24 22.91
C PHE B 369 -33.28 17.46 23.02
N PHE B 370 -32.54 17.74 24.09
CA PHE B 370 -31.29 17.05 24.36
C PHE B 370 -31.07 17.10 25.87
N ARG B 371 -30.97 15.95 26.50
CA ARG B 371 -30.98 15.89 27.96
C ARG B 371 -29.56 15.99 28.52
N MET B 372 -29.48 16.38 29.79
CA MET B 372 -28.22 16.69 30.44
C MET B 372 -28.24 16.06 31.83
N PHE B 373 -27.65 14.88 31.97
CA PHE B 373 -27.62 14.20 33.25
C PHE B 373 -26.39 14.60 34.04
N ASP B 374 -26.59 14.93 35.32
CA ASP B 374 -25.48 15.27 36.19
C ASP B 374 -25.00 14.01 36.91
N ARG B 375 -23.72 13.69 36.75
CA ARG B 375 -23.17 12.48 37.37
C ARG B 375 -23.19 12.57 38.88
N ASN B 376 -22.88 13.75 39.43
CA ASN B 376 -22.74 13.88 40.88
C ASN B 376 -24.07 14.17 41.55
N THR B 377 -24.80 15.17 41.07
CA THR B 377 -26.03 15.61 41.72
C THR B 377 -27.25 14.79 41.29
N LYS B 378 -27.13 13.92 40.29
CA LYS B 378 -28.21 13.08 39.81
C LYS B 378 -29.42 13.88 39.33
N ARG B 379 -29.24 15.17 39.06
CA ARG B 379 -30.31 16.03 38.56
C ARG B 379 -30.22 16.10 37.04
N ASP B 380 -31.34 15.86 36.38
CA ASP B 380 -31.41 15.92 34.92
C ASP B 380 -32.16 17.16 34.45
N ILE B 381 -31.75 17.68 33.30
CA ILE B 381 -32.37 18.86 32.72
C ILE B 381 -32.56 18.63 31.22
N THR B 382 -33.75 19.00 30.73
CA THR B 382 -34.08 18.87 29.31
C THR B 382 -34.21 20.26 28.73
N LEU B 383 -33.32 20.61 27.81
CA LEU B 383 -33.34 21.91 27.15
C LEU B 383 -33.89 21.79 25.74
N GLU B 384 -34.30 22.93 25.18
CA GLU B 384 -34.90 22.99 23.86
C GLU B 384 -34.05 23.86 22.96
N ALA B 385 -33.88 23.42 21.71
CA ALA B 385 -33.11 24.14 20.70
C ALA B 385 -34.08 24.68 19.65
N SER B 386 -34.57 25.90 19.88
CA SER B 386 -35.46 26.56 18.94
C SER B 386 -35.22 28.06 18.98
N ARG B 387 -35.55 28.74 17.89
CA ARG B 387 -35.36 30.18 17.78
C ARG B 387 -36.62 30.96 17.48
N GLU B 388 -37.68 30.31 17.01
CA GLU B 388 -38.94 31.01 16.74
C GLU B 388 -39.67 31.41 18.00
N ASN B 389 -39.26 30.89 19.16
CA ASN B 389 -39.89 31.23 20.43
C ASN B 389 -38.92 31.79 21.46
N ASN B 390 -37.68 32.08 21.07
CA ASN B 390 -36.70 32.68 21.97
C ASN B 390 -36.32 34.05 21.45
N LYS B 391 -36.21 35.01 22.36
CA LYS B 391 -35.96 36.40 21.99
C LYS B 391 -34.71 36.93 22.67
N PRO B 392 -34.05 37.94 22.12
CA PRO B 392 -32.89 38.53 22.79
C PRO B 392 -33.24 39.06 24.17
N ARG B 393 -32.32 38.88 25.11
CA ARG B 393 -32.48 39.31 26.49
C ARG B 393 -33.76 38.73 27.10
N THR B 394 -33.86 37.41 27.05
CA THR B 394 -35.01 36.68 27.58
C THR B 394 -34.53 35.34 28.11
N VAL B 395 -34.86 35.05 29.37
CA VAL B 395 -34.46 33.80 29.98
C VAL B 395 -35.23 32.64 29.34
N LEU B 396 -34.64 31.45 29.40
CA LEU B 396 -35.24 30.25 28.82
C LEU B 396 -35.59 29.27 29.93
N LYS B 397 -36.84 28.83 29.96
CA LYS B 397 -37.34 27.86 30.93
C LYS B 397 -36.90 26.46 30.55
N PRO B 398 -36.43 25.64 31.50
CA PRO B 398 -36.13 24.24 31.18
C PRO B 398 -37.39 23.45 30.88
N ARG B 399 -37.52 22.97 29.65
CA ARG B 399 -38.73 22.30 29.21
C ARG B 399 -38.94 20.99 29.97
N LYS B 400 -40.20 20.60 30.11
CA LYS B 400 -40.59 19.40 30.82
C LYS B 400 -41.57 18.60 29.98
N VAL B 401 -41.62 17.30 30.24
CA VAL B 401 -42.46 16.38 29.50
C VAL B 401 -43.41 15.68 30.46
N CYS B 402 -44.51 15.17 29.92
CA CYS B 402 -45.49 14.39 30.67
C CYS B 402 -45.30 12.92 30.32
N ALA B 403 -45.07 12.10 31.34
CA ALA B 403 -44.78 10.68 31.16
C ALA B 403 -45.67 9.83 32.06
N GLU B 411 -48.69 20.72 30.55
CA GLU B 411 -47.45 20.07 30.15
C GLU B 411 -47.49 19.69 28.67
N ILE B 412 -46.52 18.90 28.25
CA ILE B 412 -46.37 18.49 26.85
C ILE B 412 -46.72 17.02 26.74
N SER B 413 -47.67 16.71 25.86
CA SER B 413 -48.10 15.33 25.66
C SER B 413 -47.06 14.54 24.87
N VAL B 414 -47.19 13.22 24.93
CA VAL B 414 -46.27 12.36 24.19
C VAL B 414 -46.56 12.34 22.70
N ASP B 415 -47.78 12.65 22.29
CA ASP B 415 -48.14 12.70 20.88
C ASP B 415 -47.83 14.05 20.24
N SER B 416 -47.36 15.02 21.01
CA SER B 416 -47.02 16.34 20.50
C SER B 416 -45.55 16.46 20.14
N LEU B 417 -44.81 15.36 20.15
CA LEU B 417 -43.39 15.37 19.83
C LEU B 417 -43.22 15.27 18.31
N ASP B 418 -42.60 16.28 17.72
CA ASP B 418 -42.30 16.26 16.28
C ASP B 418 -41.14 15.29 16.07
N PHE B 419 -41.45 14.09 15.61
CA PHE B 419 -40.44 13.05 15.43
C PHE B 419 -39.49 13.33 14.29
N ASN B 420 -39.67 14.39 13.51
CA ASN B 420 -38.71 14.75 12.47
C ASN B 420 -37.66 15.74 12.94
N LYS B 421 -37.99 16.58 13.92
CA LYS B 421 -37.04 17.57 14.45
C LYS B 421 -36.18 16.92 15.54
N LYS B 422 -35.35 15.98 15.09
CA LYS B 422 -34.50 15.22 16.00
C LYS B 422 -33.13 15.87 16.11
N ILE B 423 -32.42 15.51 17.17
CA ILE B 423 -31.07 15.99 17.43
C ILE B 423 -30.16 14.77 17.39
N LEU B 424 -29.58 14.51 16.23
CA LEU B 424 -28.78 13.31 15.99
C LEU B 424 -27.28 13.55 16.17
N HIS B 425 -26.87 14.79 16.48
CA HIS B 425 -25.45 15.12 16.52
C HIS B 425 -25.21 16.19 17.57
N THR B 426 -24.25 15.95 18.46
CA THR B 426 -23.96 16.83 19.57
C THR B 426 -22.46 16.91 19.78
N ALA B 427 -22.02 17.99 20.42
CA ALA B 427 -20.61 18.17 20.77
C ALA B 427 -20.51 19.06 21.99
N TRP B 428 -19.37 18.98 22.66
CA TRP B 428 -19.11 19.73 23.88
C TRP B 428 -17.73 20.38 23.80
N HIS B 429 -17.61 21.59 24.32
CA HIS B 429 -16.32 22.26 24.37
C HIS B 429 -15.36 21.46 25.26
N PRO B 430 -14.08 21.37 24.87
CA PRO B 430 -13.15 20.58 25.69
C PRO B 430 -12.90 21.17 27.08
N LYS B 431 -12.70 22.49 27.18
CA LYS B 431 -12.30 23.10 28.45
C LYS B 431 -13.23 24.22 28.88
N GLU B 432 -14.44 24.28 28.34
CA GLU B 432 -15.41 25.30 28.75
C GLU B 432 -16.79 24.65 28.81
N ASN B 433 -17.82 25.48 28.91
CA ASN B 433 -19.20 25.01 29.02
C ASN B 433 -20.01 25.36 27.78
N ILE B 434 -19.40 25.31 26.61
CA ILE B 434 -20.08 25.58 25.35
C ILE B 434 -20.39 24.26 24.67
N ILE B 435 -21.66 24.05 24.32
CA ILE B 435 -22.09 22.85 23.62
C ILE B 435 -22.73 23.26 22.31
N ALA B 436 -22.45 22.49 21.26
CA ALA B 436 -23.00 22.73 19.94
C ALA B 436 -24.03 21.65 19.65
N VAL B 437 -25.27 22.07 19.39
CA VAL B 437 -26.37 21.16 19.13
C VAL B 437 -26.85 21.44 17.71
N ALA B 438 -26.77 20.42 16.85
CA ALA B 438 -27.13 20.56 15.45
C ALA B 438 -28.52 19.95 15.22
N THR B 439 -29.45 20.79 14.80
CA THR B 439 -30.80 20.35 14.47
C THR B 439 -30.81 19.87 13.02
N THR B 440 -32.00 19.67 12.45
CA THR B 440 -32.10 19.16 11.09
C THR B 440 -31.43 20.09 10.08
N ASN B 441 -31.66 21.40 10.23
CA ASN B 441 -31.10 22.35 9.28
C ASN B 441 -30.21 23.37 9.97
N ASN B 442 -30.62 23.84 11.14
CA ASN B 442 -29.95 24.91 11.85
C ASN B 442 -29.03 24.36 12.92
N LEU B 443 -27.84 24.94 13.04
CA LEU B 443 -26.87 24.56 14.06
C LEU B 443 -27.02 25.51 15.24
N TYR B 444 -27.29 24.97 16.43
CA TYR B 444 -27.49 25.77 17.62
C TYR B 444 -26.30 25.61 18.55
N ILE B 445 -25.87 26.73 19.14
CA ILE B 445 -24.77 26.74 20.09
C ILE B 445 -25.29 27.25 21.42
N PHE B 446 -25.19 26.42 22.46
CA PHE B 446 -25.58 26.80 23.80
C PHE B 446 -24.35 27.12 24.63
N GLN B 447 -24.48 28.14 25.48
CA GLN B 447 -23.37 28.58 26.33
C GLN B 447 -23.96 29.07 27.64
N ASP B 448 -23.45 28.55 28.75
CA ASP B 448 -23.94 28.97 30.06
C ASP B 448 -23.58 30.42 30.31
N LYS B 449 -24.47 31.11 31.04
CA LYS B 449 -24.29 32.53 31.32
C LYS B 449 -23.70 32.70 32.72
N VAL B 450 -22.54 33.33 32.80
CA VAL B 450 -21.88 33.63 34.06
C VAL B 450 -21.73 35.13 34.18
N ASN B 451 -22.36 35.72 35.18
CA ASN B 451 -22.30 37.17 35.38
C ASN B 451 -21.15 37.54 36.31
N MET C 3 15.00 0.99 -43.87
CA MET C 3 15.71 2.10 -43.27
C MET C 3 15.02 2.58 -42.00
N ASP C 4 13.92 3.32 -42.18
CA ASP C 4 13.15 3.81 -41.04
C ASP C 4 12.55 2.65 -40.25
N GLU C 5 12.08 1.63 -40.96
CA GLU C 5 11.47 0.48 -40.28
C GLU C 5 12.48 -0.24 -39.39
N LYS C 6 13.72 -0.37 -39.86
CA LYS C 6 14.75 -1.06 -39.07
C LYS C 6 15.00 -0.34 -37.76
N VAL C 7 15.29 0.96 -37.83
CA VAL C 7 15.59 1.71 -36.62
C VAL C 7 14.37 1.81 -35.71
N PHE C 8 13.16 1.90 -36.29
CA PHE C 8 11.96 1.91 -35.47
C PHE C 8 11.79 0.59 -34.73
N THR C 9 12.07 -0.53 -35.40
CA THR C 9 12.00 -1.82 -34.72
C THR C 9 13.05 -1.93 -33.62
N LYS C 10 14.24 -1.39 -33.86
CA LYS C 10 15.25 -1.35 -32.79
C LYS C 10 14.75 -0.54 -31.60
N GLU C 11 14.13 0.61 -31.85
CA GLU C 11 13.58 1.42 -30.77
C GLU C 11 12.49 0.67 -30.02
N LEU C 12 11.63 -0.03 -30.75
CA LEU C 12 10.57 -0.82 -30.11
C LEU C 12 11.17 -1.91 -29.23
N ASP C 13 12.19 -2.61 -29.74
CA ASP C 13 12.83 -3.67 -28.96
C ASP C 13 13.47 -3.11 -27.70
N GLN C 14 14.14 -1.96 -27.81
CA GLN C 14 14.73 -1.33 -26.64
C GLN C 14 13.65 -0.91 -25.65
N TRP C 15 12.52 -0.41 -26.15
CA TRP C 15 11.43 -0.02 -25.26
C TRP C 15 10.87 -1.22 -24.51
N ILE C 16 10.68 -2.34 -25.20
CA ILE C 16 10.21 -3.55 -24.52
C ILE C 16 11.23 -4.03 -23.50
N GLU C 17 12.51 -3.97 -23.86
CA GLU C 17 13.55 -4.40 -22.93
C GLU C 17 13.57 -3.53 -21.68
N GLN C 18 13.43 -2.22 -21.84
CA GLN C 18 13.40 -1.32 -20.70
C GLN C 18 12.15 -1.54 -19.86
N LEU C 19 11.00 -1.73 -20.51
CA LEU C 19 9.76 -1.98 -19.78
C LEU C 19 9.86 -3.27 -18.96
N ASN C 20 10.54 -4.28 -19.51
CA ASN C 20 10.72 -5.53 -18.77
C ASN C 20 11.43 -5.33 -17.44
N GLU C 21 12.17 -4.22 -17.29
CA GLU C 21 12.86 -3.90 -16.05
C GLU C 21 12.04 -3.00 -15.14
N CYS C 22 10.71 -3.00 -15.31
CA CYS C 22 9.73 -2.27 -14.50
C CYS C 22 9.83 -0.76 -14.68
N LYS C 23 10.72 -0.27 -15.55
CA LYS C 23 10.90 1.15 -15.76
C LYS C 23 9.94 1.63 -16.85
N GLN C 24 9.25 2.74 -16.57
CA GLN C 24 8.25 3.26 -17.48
C GLN C 24 8.90 3.93 -18.69
N LEU C 25 8.07 4.50 -19.57
CA LEU C 25 8.59 5.18 -20.78
C LEU C 25 8.45 6.70 -20.60
N SER C 26 8.86 7.48 -21.61
CA SER C 26 8.72 8.96 -21.55
C SER C 26 7.42 9.38 -22.26
N GLU C 27 6.96 10.60 -22.00
CA GLU C 27 5.71 11.06 -22.60
C GLU C 27 5.75 11.00 -24.12
N SER C 28 6.87 11.42 -24.72
CA SER C 28 6.98 11.36 -26.18
C SER C 28 6.97 9.92 -26.68
N GLN C 29 7.64 9.03 -25.96
CA GLN C 29 7.63 7.62 -26.34
C GLN C 29 6.23 7.03 -26.26
N VAL C 30 5.48 7.37 -25.22
CA VAL C 30 4.11 6.90 -25.09
C VAL C 30 3.24 7.47 -26.23
N LYS C 31 3.48 8.74 -26.58
CA LYS C 31 2.75 9.35 -27.69
C LYS C 31 2.99 8.58 -28.98
N SER C 32 4.26 8.35 -29.32
CA SER C 32 4.58 7.64 -30.55
C SER C 32 4.05 6.22 -30.53
N LEU C 33 4.15 5.55 -29.38
CA LEU C 33 3.65 4.18 -29.25
C LEU C 33 2.14 4.13 -29.47
N CYS C 34 1.40 5.06 -28.86
CA CYS C 34 -0.05 5.09 -29.03
C CYS C 34 -0.42 5.39 -30.48
N GLU C 35 0.28 6.32 -31.12
CA GLU C 35 0.00 6.63 -32.52
C GLU C 35 0.22 5.40 -33.41
N LYS C 36 1.36 4.72 -33.22
CA LYS C 36 1.64 3.53 -34.03
C LYS C 36 0.65 2.42 -33.73
N ALA C 37 0.27 2.24 -32.46
CA ALA C 37 -0.67 1.20 -32.11
C ALA C 37 -2.04 1.47 -32.71
N LYS C 38 -2.49 2.73 -32.72
CA LYS C 38 -3.75 3.06 -33.37
C LYS C 38 -3.67 2.81 -34.87
N GLU C 39 -2.55 3.19 -35.48
CA GLU C 39 -2.36 2.94 -36.91
C GLU C 39 -2.43 1.44 -37.22
N ILE C 40 -1.91 0.61 -36.32
CA ILE C 40 -1.96 -0.84 -36.52
C ILE C 40 -3.37 -1.38 -36.28
N LEU C 41 -4.01 -0.94 -35.20
CA LEU C 41 -5.27 -1.51 -34.76
C LEU C 41 -6.46 -1.07 -35.59
N THR C 42 -6.34 0.05 -36.32
CA THR C 42 -7.49 0.51 -37.11
C THR C 42 -7.88 -0.48 -38.20
N LYS C 43 -6.97 -1.36 -38.61
CA LYS C 43 -7.27 -2.37 -39.62
C LYS C 43 -7.81 -3.66 -39.03
N GLU C 44 -7.78 -3.83 -37.71
CA GLU C 44 -8.29 -5.05 -37.09
C GLU C 44 -9.79 -4.96 -36.92
N SER C 45 -10.49 -5.99 -37.35
CA SER C 45 -11.96 -5.98 -37.34
C SER C 45 -12.49 -6.12 -35.92
N ASN C 46 -13.81 -6.07 -35.80
CA ASN C 46 -14.46 -6.27 -34.50
C ASN C 46 -14.29 -7.70 -33.99
N VAL C 47 -14.13 -8.66 -34.88
CA VAL C 47 -13.72 -10.01 -34.52
C VAL C 47 -12.39 -10.25 -35.23
N GLN C 48 -11.33 -10.43 -34.44
CA GLN C 48 -10.00 -10.60 -34.98
C GLN C 48 -9.72 -12.10 -35.15
N GLU C 49 -9.65 -12.56 -36.39
CA GLU C 49 -9.41 -13.96 -36.65
C GLU C 49 -7.94 -14.27 -36.42
N VAL C 50 -7.66 -15.10 -35.41
CA VAL C 50 -6.30 -15.44 -35.01
C VAL C 50 -6.15 -16.96 -35.09
N ARG C 51 -5.01 -17.40 -35.62
CA ARG C 51 -4.78 -18.82 -35.86
C ARG C 51 -4.05 -19.47 -34.69
N CYS C 52 -4.30 -20.77 -34.51
CA CYS C 52 -3.59 -21.57 -33.54
C CYS C 52 -2.15 -21.80 -33.99
N PRO C 53 -1.22 -22.01 -33.05
CA PRO C 53 -1.38 -22.09 -31.60
C PRO C 53 -1.49 -20.73 -30.94
N VAL C 54 -2.11 -20.63 -29.77
CA VAL C 54 -2.30 -19.38 -29.07
C VAL C 54 -2.33 -19.66 -27.57
N THR C 55 -2.10 -18.63 -26.77
CA THR C 55 -2.08 -18.72 -25.31
C THR C 55 -3.02 -17.66 -24.75
N VAL C 56 -4.27 -18.03 -24.55
CA VAL C 56 -5.30 -17.06 -24.17
C VAL C 56 -5.12 -16.66 -22.72
N CYS C 57 -4.83 -15.39 -22.49
CA CYS C 57 -4.74 -14.82 -21.16
C CYS C 57 -5.97 -13.95 -20.88
N GLY C 58 -6.20 -13.68 -19.60
CA GLY C 58 -7.35 -12.90 -19.20
C GLY C 58 -7.00 -11.58 -18.54
N ASP C 59 -7.70 -11.26 -17.45
CA ASP C 59 -7.45 -10.01 -16.75
C ASP C 59 -6.05 -9.98 -16.17
N VAL C 60 -5.32 -8.90 -16.44
CA VAL C 60 -4.06 -8.62 -15.79
C VAL C 60 -4.21 -7.55 -14.71
N HIS C 61 -4.96 -6.50 -15.01
CA HIS C 61 -5.31 -5.45 -14.04
C HIS C 61 -4.05 -4.82 -13.44
N GLY C 62 -3.16 -4.36 -14.31
CA GLY C 62 -2.05 -3.52 -13.89
C GLY C 62 -0.94 -4.20 -13.14
N GLN C 63 -1.19 -5.39 -12.61
CA GLN C 63 -0.16 -6.12 -11.88
C GLN C 63 0.97 -6.49 -12.84
N PHE C 64 2.11 -5.80 -12.72
CA PHE C 64 3.18 -5.94 -13.69
C PHE C 64 4.12 -7.10 -13.37
N HIS C 65 4.52 -7.25 -12.12
CA HIS C 65 5.33 -8.40 -11.76
C HIS C 65 4.55 -9.70 -11.96
N ASP C 66 3.24 -9.66 -11.75
CA ASP C 66 2.40 -10.82 -12.01
C ASP C 66 2.33 -11.13 -13.49
N LEU C 67 2.31 -10.09 -14.34
CA LEU C 67 2.38 -10.29 -15.78
C LEU C 67 3.72 -10.87 -16.19
N MET C 68 4.81 -10.44 -15.52
CA MET C 68 6.11 -11.05 -15.78
C MET C 68 6.12 -12.52 -15.40
N GLU C 69 5.47 -12.86 -14.28
CA GLU C 69 5.30 -14.28 -13.93
C GLU C 69 4.53 -15.02 -15.02
N LEU C 70 3.46 -14.40 -15.52
CA LEU C 70 2.72 -14.98 -16.64
C LEU C 70 3.65 -15.30 -17.81
N PHE C 71 4.47 -14.32 -18.19
CA PHE C 71 5.41 -14.53 -19.29
C PHE C 71 6.45 -15.59 -18.94
N ARG C 72 6.73 -15.81 -17.66
CA ARG C 72 7.64 -16.87 -17.24
C ARG C 72 6.99 -18.25 -17.23
N ILE C 73 5.66 -18.32 -17.20
CA ILE C 73 4.98 -19.62 -17.23
C ILE C 73 4.75 -20.09 -18.66
N GLY C 74 4.21 -19.24 -19.52
CA GLY C 74 3.88 -19.62 -20.87
C GLY C 74 4.90 -19.27 -21.92
N GLY C 75 6.02 -18.66 -21.54
CA GLY C 75 7.02 -18.22 -22.49
C GLY C 75 6.92 -16.75 -22.80
N LYS C 76 7.93 -16.26 -23.52
CA LYS C 76 8.03 -14.86 -23.86
C LYS C 76 7.58 -14.63 -25.30
N SER C 77 7.15 -13.40 -25.57
CA SER C 77 6.90 -13.00 -26.94
C SER C 77 8.22 -12.68 -27.63
N PRO C 78 8.33 -12.91 -28.94
CA PRO C 78 7.32 -13.43 -29.87
C PRO C 78 7.31 -14.94 -29.95
N ASP C 79 8.03 -15.60 -29.04
CA ASP C 79 8.11 -17.05 -29.09
C ASP C 79 6.75 -17.69 -28.83
N THR C 80 5.98 -17.13 -27.89
CA THR C 80 4.66 -17.64 -27.56
C THR C 80 3.60 -16.66 -28.07
N ASN C 81 2.64 -17.17 -28.82
CA ASN C 81 1.56 -16.34 -29.35
C ASN C 81 0.50 -16.15 -28.27
N TYR C 82 0.27 -14.90 -27.88
CA TYR C 82 -0.65 -14.57 -26.81
C TYR C 82 -1.92 -13.95 -27.34
N LEU C 83 -2.92 -13.88 -26.47
CA LEU C 83 -4.20 -13.25 -26.80
C LEU C 83 -4.77 -12.74 -25.48
N PHE C 84 -4.58 -11.45 -25.22
CA PHE C 84 -5.10 -10.84 -24.00
C PHE C 84 -6.49 -10.29 -24.24
N MET C 85 -7.33 -10.41 -23.22
CA MET C 85 -8.72 -9.94 -23.28
C MET C 85 -8.99 -9.02 -22.09
N GLY C 86 -8.63 -7.74 -22.27
CA GLY C 86 -9.06 -6.67 -21.39
C GLY C 86 -8.38 -6.53 -20.05
N ASP C 87 -8.62 -5.39 -19.41
CA ASP C 87 -8.23 -5.13 -18.02
C ASP C 87 -6.72 -5.23 -17.81
N TYR C 88 -5.99 -4.34 -18.48
CA TYR C 88 -4.56 -4.19 -18.23
C TYR C 88 -4.26 -3.04 -17.29
N VAL C 89 -5.29 -2.35 -16.80
CA VAL C 89 -5.17 -1.11 -16.05
C VAL C 89 -6.12 -1.18 -14.86
N ASP C 90 -6.29 -0.06 -14.16
CA ASP C 90 -7.39 0.02 -13.19
C ASP C 90 -7.24 -0.87 -11.97
N ARG C 91 -6.49 -0.38 -10.97
CA ARG C 91 -6.26 -0.97 -9.65
C ARG C 91 -5.03 -1.86 -9.65
N GLY C 92 -4.28 -1.84 -10.74
CA GLY C 92 -2.91 -2.29 -10.71
C GLY C 92 -2.00 -1.18 -10.21
N TYR C 93 -1.04 -1.56 -9.38
CA TYR C 93 -0.06 -0.60 -8.88
C TYR C 93 0.96 -0.21 -9.94
N TYR C 94 0.97 -0.90 -11.08
CA TYR C 94 1.86 -0.58 -12.19
C TYR C 94 1.08 -0.65 -13.49
N SER C 95 -0.11 -0.05 -13.51
CA SER C 95 -1.00 -0.16 -14.67
C SER C 95 -0.36 0.41 -15.92
N VAL C 96 0.34 1.55 -15.79
CA VAL C 96 0.93 2.19 -16.96
C VAL C 96 1.99 1.29 -17.58
N GLU C 97 2.81 0.64 -16.77
CA GLU C 97 3.84 -0.24 -17.31
C GLU C 97 3.22 -1.48 -17.97
N THR C 98 2.19 -2.05 -17.35
CA THR C 98 1.51 -3.20 -17.94
C THR C 98 0.94 -2.86 -19.31
N VAL C 99 0.16 -1.77 -19.38
CA VAL C 99 -0.49 -1.43 -20.64
C VAL C 99 0.54 -1.01 -21.69
N THR C 100 1.61 -0.32 -21.28
CA THR C 100 2.64 0.07 -22.22
C THR C 100 3.37 -1.13 -22.76
N LEU C 101 3.67 -2.12 -21.92
CA LEU C 101 4.34 -3.32 -22.38
C LEU C 101 3.47 -4.10 -23.35
N LEU C 102 2.18 -4.26 -23.02
CA LEU C 102 1.29 -4.99 -23.91
C LEU C 102 1.13 -4.28 -25.25
N VAL C 103 1.00 -2.95 -25.22
CA VAL C 103 0.84 -2.20 -26.47
C VAL C 103 2.13 -2.25 -27.30
N ALA C 104 3.29 -2.17 -26.64
CA ALA C 104 4.55 -2.28 -27.36
C ALA C 104 4.71 -3.65 -27.99
N LEU C 105 4.31 -4.70 -27.27
CA LEU C 105 4.35 -6.04 -27.84
C LEU C 105 3.43 -6.16 -29.04
N LYS C 106 2.25 -5.56 -28.95
CA LYS C 106 1.32 -5.58 -30.09
C LYS C 106 1.90 -4.82 -31.28
N VAL C 107 2.55 -3.69 -31.04
CA VAL C 107 3.11 -2.91 -32.15
C VAL C 107 4.27 -3.65 -32.79
N ARG C 108 5.18 -4.19 -31.98
CA ARG C 108 6.39 -4.81 -32.49
C ARG C 108 6.12 -6.20 -33.09
N TYR C 109 5.15 -6.92 -32.54
CA TYR C 109 4.87 -8.29 -32.98
C TYR C 109 3.42 -8.44 -33.39
N ARG C 110 2.94 -7.54 -34.27
CA ARG C 110 1.53 -7.44 -34.61
C ARG C 110 0.88 -8.78 -34.97
N GLU C 111 1.65 -9.74 -35.48
CA GLU C 111 1.11 -11.04 -35.84
C GLU C 111 1.23 -12.06 -34.71
N ARG C 112 1.71 -11.65 -33.54
CA ARG C 112 1.91 -12.55 -32.41
C ARG C 112 1.02 -12.24 -31.22
N ILE C 113 0.62 -10.99 -31.03
CA ILE C 113 -0.20 -10.59 -29.90
C ILE C 113 -1.56 -10.13 -30.43
N THR C 114 -2.56 -10.20 -29.55
CA THR C 114 -3.90 -9.71 -29.87
C THR C 114 -4.51 -9.20 -28.56
N ILE C 115 -4.39 -7.89 -28.34
CA ILE C 115 -4.90 -7.28 -27.12
C ILE C 115 -6.35 -6.87 -27.39
N LEU C 116 -7.28 -7.54 -26.71
CA LEU C 116 -8.69 -7.24 -26.86
C LEU C 116 -9.04 -6.04 -25.98
N ARG C 117 -10.33 -5.69 -25.94
CA ARG C 117 -10.81 -4.55 -25.17
C ARG C 117 -11.67 -5.05 -24.03
N GLY C 118 -11.42 -4.54 -22.82
CA GLY C 118 -12.17 -4.90 -21.65
C GLY C 118 -13.06 -3.78 -21.15
N ASN C 119 -13.69 -4.02 -20.00
CA ASN C 119 -14.56 -3.03 -19.40
C ASN C 119 -13.79 -1.93 -18.68
N HIS C 120 -12.64 -2.27 -18.08
CA HIS C 120 -11.79 -1.29 -17.43
C HIS C 120 -10.94 -0.51 -18.40
N GLU C 121 -11.26 -0.56 -19.69
CA GLU C 121 -10.53 0.18 -20.74
C GLU C 121 -11.49 1.17 -21.36
N SER C 122 -11.62 2.33 -20.71
CA SER C 122 -12.49 3.42 -21.15
C SER C 122 -12.21 4.61 -20.25
N ARG C 123 -12.52 5.80 -20.76
CA ARG C 123 -12.24 7.01 -19.98
C ARG C 123 -13.03 7.05 -18.68
N GLN C 124 -14.24 6.50 -18.67
CA GLN C 124 -15.05 6.52 -17.45
C GLN C 124 -14.41 5.70 -16.34
N ILE C 125 -14.06 4.45 -16.65
CA ILE C 125 -13.52 3.56 -15.61
C ILE C 125 -12.12 3.97 -15.21
N THR C 126 -11.28 4.39 -16.16
CA THR C 126 -9.88 4.67 -15.89
C THR C 126 -9.66 5.87 -14.99
N GLN C 127 -10.68 6.68 -14.73
CA GLN C 127 -10.53 7.86 -13.89
C GLN C 127 -10.78 7.56 -12.41
N VAL C 128 -11.66 6.62 -12.10
CA VAL C 128 -12.07 6.42 -10.72
C VAL C 128 -11.25 5.34 -10.04
N TYR C 129 -10.85 4.30 -10.78
CA TYR C 129 -10.24 3.12 -10.18
C TYR C 129 -8.73 3.07 -10.38
N GLY C 130 -8.05 4.19 -10.28
CA GLY C 130 -6.63 4.22 -10.09
C GLY C 130 -5.76 4.16 -11.32
N PHE C 131 -6.29 4.49 -12.50
CA PHE C 131 -5.43 4.69 -13.65
C PHE C 131 -5.14 6.16 -13.92
N TYR C 132 -6.14 7.02 -13.81
CA TYR C 132 -5.89 8.46 -13.91
C TYR C 132 -5.00 8.93 -12.76
N ASP C 133 -5.30 8.47 -11.54
CA ASP C 133 -4.50 8.88 -10.38
C ASP C 133 -3.07 8.36 -10.49
N GLU C 134 -2.90 7.09 -10.86
CA GLU C 134 -1.55 6.55 -11.05
C GLU C 134 -0.82 7.29 -12.17
N CYS C 135 -1.53 7.61 -13.25
CA CYS C 135 -0.92 8.32 -14.36
C CYS C 135 -0.46 9.71 -13.94
N LEU C 136 -1.26 10.42 -13.14
CA LEU C 136 -0.85 11.70 -12.61
C LEU C 136 0.34 11.57 -11.67
N ARG C 137 0.35 10.52 -10.84
CA ARG C 137 1.48 10.30 -9.94
C ARG C 137 2.77 10.00 -10.69
N LYS C 138 2.68 9.28 -11.81
CA LYS C 138 3.86 8.86 -12.56
C LYS C 138 4.25 9.82 -13.67
N TYR C 139 3.37 10.74 -14.07
CA TYR C 139 3.67 11.67 -15.16
C TYR C 139 3.38 13.13 -14.84
N GLY C 140 2.51 13.44 -13.89
CA GLY C 140 2.22 14.80 -13.53
C GLY C 140 1.22 15.52 -14.42
N ASN C 141 0.71 14.86 -15.45
CA ASN C 141 -0.26 15.47 -16.35
C ASN C 141 -1.19 14.41 -16.89
N ALA C 142 -2.32 14.86 -17.43
CA ALA C 142 -3.32 13.98 -18.02
C ALA C 142 -3.09 13.72 -19.49
N ASN C 143 -1.85 13.83 -19.97
CA ASN C 143 -1.57 13.67 -21.39
C ASN C 143 -1.48 12.20 -21.77
N VAL C 144 -0.51 11.48 -21.21
CA VAL C 144 -0.31 10.08 -21.60
C VAL C 144 -1.52 9.24 -21.22
N TRP C 145 -2.21 9.60 -20.14
CA TRP C 145 -3.51 8.97 -19.86
C TRP C 145 -4.47 9.20 -21.01
N LYS C 146 -4.52 10.43 -21.53
CA LYS C 146 -5.45 10.72 -22.62
C LYS C 146 -5.13 9.92 -23.87
N TYR C 147 -3.85 9.81 -24.23
CA TYR C 147 -3.53 9.05 -25.43
C TYR C 147 -3.73 7.55 -25.22
N PHE C 148 -3.51 7.07 -23.99
CA PHE C 148 -3.85 5.67 -23.72
C PHE C 148 -5.35 5.42 -23.86
N THR C 149 -6.18 6.31 -23.34
CA THR C 149 -7.62 6.08 -23.41
C THR C 149 -8.18 6.23 -24.82
N ASP C 150 -7.66 7.14 -25.65
CA ASP C 150 -8.21 7.16 -26.99
C ASP C 150 -7.50 6.19 -27.93
N LEU C 151 -6.41 5.56 -27.47
CA LEU C 151 -5.92 4.36 -28.14
C LEU C 151 -6.80 3.16 -27.80
N PHE C 152 -7.32 3.11 -26.58
CA PHE C 152 -8.23 2.06 -26.17
C PHE C 152 -9.44 1.93 -27.09
N ASP C 153 -9.74 2.97 -27.87
CA ASP C 153 -10.90 2.93 -28.75
C ASP C 153 -10.75 1.87 -29.84
N TYR C 154 -9.56 1.76 -30.41
CA TYR C 154 -9.34 0.90 -31.58
C TYR C 154 -9.06 -0.55 -31.23
N LEU C 155 -9.01 -0.89 -29.95
CA LEU C 155 -8.77 -2.28 -29.57
C LEU C 155 -9.93 -3.15 -30.03
N PRO C 156 -9.67 -4.34 -30.57
CA PRO C 156 -10.75 -5.21 -31.03
C PRO C 156 -11.64 -5.66 -29.89
N LEU C 157 -12.90 -5.89 -30.21
CA LEU C 157 -13.88 -6.31 -29.21
C LEU C 157 -13.86 -7.82 -28.97
N THR C 158 -13.56 -8.62 -29.99
CA THR C 158 -13.62 -10.06 -29.91
C THR C 158 -12.45 -10.67 -30.65
N ALA C 159 -12.32 -11.99 -30.56
CA ALA C 159 -11.30 -12.72 -31.28
C ALA C 159 -11.82 -14.14 -31.55
N LEU C 160 -11.49 -14.66 -32.72
CA LEU C 160 -11.95 -15.98 -33.15
C LEU C 160 -10.73 -16.85 -33.41
N VAL C 161 -10.49 -17.82 -32.54
CA VAL C 161 -9.34 -18.70 -32.66
C VAL C 161 -9.71 -19.87 -33.55
N ASP C 162 -9.20 -19.88 -34.78
CA ASP C 162 -9.44 -20.94 -35.76
C ASP C 162 -10.92 -21.14 -36.06
N GLY C 163 -11.74 -20.13 -35.79
CA GLY C 163 -13.16 -20.24 -36.07
C GLY C 163 -13.94 -21.12 -35.11
N GLN C 164 -13.30 -21.61 -34.04
CA GLN C 164 -13.96 -22.50 -33.09
C GLN C 164 -13.93 -22.02 -31.66
N ILE C 165 -13.02 -21.13 -31.30
CA ILE C 165 -12.92 -20.57 -29.95
C ILE C 165 -13.24 -19.09 -30.05
N PHE C 166 -14.27 -18.66 -29.34
CA PHE C 166 -14.74 -17.28 -29.40
C PHE C 166 -14.31 -16.56 -28.14
N CYS C 167 -13.29 -15.71 -28.26
CA CYS C 167 -12.63 -15.07 -27.13
C CYS C 167 -13.07 -13.61 -27.05
N LEU C 168 -13.78 -13.26 -25.98
CA LEU C 168 -14.22 -11.90 -25.74
C LEU C 168 -14.04 -11.61 -24.26
N HIS C 169 -13.96 -10.33 -23.89
CA HIS C 169 -13.67 -10.02 -22.50
C HIS C 169 -14.90 -10.21 -21.60
N GLY C 170 -16.09 -10.02 -22.13
CA GLY C 170 -17.29 -10.07 -21.30
C GLY C 170 -18.19 -11.26 -21.54
N GLY C 171 -19.29 -11.04 -22.24
CA GLY C 171 -20.22 -12.12 -22.49
C GLY C 171 -21.11 -11.81 -23.68
N LEU C 172 -22.07 -12.70 -23.92
CA LEU C 172 -22.97 -12.58 -25.04
C LEU C 172 -23.98 -11.46 -24.83
N SER C 173 -24.56 -10.99 -25.94
CA SER C 173 -25.47 -9.86 -25.94
C SER C 173 -26.88 -10.30 -26.32
N PRO C 174 -27.91 -9.70 -25.71
CA PRO C 174 -29.29 -9.99 -26.14
C PRO C 174 -29.56 -9.60 -27.58
N SER C 175 -28.93 -8.54 -28.06
CA SER C 175 -29.16 -8.06 -29.42
C SER C 175 -28.26 -8.73 -30.44
N ILE C 176 -27.28 -9.51 -30.00
CA ILE C 176 -26.33 -10.18 -30.89
C ILE C 176 -26.64 -11.67 -30.89
N ASP C 177 -26.81 -12.24 -32.07
CA ASP C 177 -27.02 -13.67 -32.25
C ASP C 177 -25.89 -14.35 -33.00
N THR C 178 -25.35 -13.71 -34.03
CA THR C 178 -24.27 -14.25 -34.83
C THR C 178 -23.05 -13.32 -34.75
N LEU C 179 -21.93 -13.83 -35.26
CA LEU C 179 -20.70 -13.03 -35.30
C LEU C 179 -20.83 -11.83 -36.22
N ASP C 180 -21.65 -11.95 -37.28
CA ASP C 180 -21.80 -10.84 -38.22
C ASP C 180 -22.42 -9.62 -37.56
N HIS C 181 -23.28 -9.83 -36.56
CA HIS C 181 -23.82 -8.71 -35.80
C HIS C 181 -22.72 -7.96 -35.06
N ILE C 182 -21.77 -8.70 -34.48
CA ILE C 182 -20.62 -8.06 -33.85
C ILE C 182 -19.79 -7.34 -34.89
N ARG C 183 -19.67 -7.92 -36.09
CA ARG C 183 -18.94 -7.25 -37.16
C ARG C 183 -19.60 -5.92 -37.55
N ALA C 184 -20.94 -5.89 -37.53
CA ALA C 184 -21.66 -4.69 -37.91
C ALA C 184 -21.51 -3.56 -36.91
N LEU C 185 -21.05 -3.84 -35.69
CA LEU C 185 -20.92 -2.82 -34.68
C LEU C 185 -19.80 -1.84 -35.03
N ASP C 186 -19.94 -0.61 -34.54
CA ASP C 186 -18.95 0.45 -34.72
C ASP C 186 -18.21 0.60 -33.40
N ARG C 187 -16.98 0.08 -33.34
CA ARG C 187 -16.19 0.07 -32.12
C ARG C 187 -15.26 1.27 -32.01
N LEU C 188 -15.31 2.20 -32.95
CA LEU C 188 -14.45 3.39 -32.92
C LEU C 188 -15.07 4.48 -32.05
N GLN C 189 -15.36 4.10 -30.81
CA GLN C 189 -15.94 5.01 -29.84
C GLN C 189 -15.79 4.39 -28.46
N GLU C 190 -15.98 5.22 -27.44
CA GLU C 190 -15.97 4.71 -26.07
C GLU C 190 -17.15 3.78 -25.86
N VAL C 191 -17.00 2.89 -24.87
CA VAL C 191 -18.06 1.90 -24.65
C VAL C 191 -19.34 2.61 -24.22
N PRO C 192 -20.48 2.25 -24.77
CA PRO C 192 -21.74 2.89 -24.35
C PRO C 192 -22.22 2.34 -23.02
N HIS C 193 -23.22 3.00 -22.42
CA HIS C 193 -23.81 2.51 -21.19
C HIS C 193 -24.83 1.40 -21.44
N GLU C 194 -25.21 1.17 -22.69
CA GLU C 194 -26.17 0.13 -23.03
C GLU C 194 -25.93 -0.30 -24.47
N GLY C 195 -26.48 -1.46 -24.82
CA GLY C 195 -26.40 -1.95 -26.17
C GLY C 195 -25.53 -3.20 -26.28
N PRO C 196 -25.13 -3.53 -27.50
CA PRO C 196 -24.31 -4.73 -27.71
C PRO C 196 -22.87 -4.57 -27.24
N MET C 197 -22.27 -3.42 -27.54
CA MET C 197 -20.87 -3.19 -27.21
C MET C 197 -20.61 -3.18 -25.71
N CYS C 198 -21.52 -2.62 -24.91
CA CYS C 198 -21.35 -2.66 -23.46
C CYS C 198 -21.48 -4.08 -22.92
N ASP C 199 -22.42 -4.86 -23.45
CA ASP C 199 -22.61 -6.21 -22.95
C ASP C 199 -21.48 -7.14 -23.39
N LEU C 200 -20.83 -6.85 -24.51
CA LEU C 200 -19.71 -7.67 -24.93
C LEU C 200 -18.51 -7.55 -23.99
N LEU C 201 -18.51 -6.58 -23.08
CA LEU C 201 -17.43 -6.42 -22.11
C LEU C 201 -17.89 -6.43 -20.66
N TRP C 202 -19.20 -6.33 -20.38
CA TRP C 202 -19.69 -6.24 -19.02
C TRP C 202 -20.55 -7.43 -18.59
N SER C 203 -20.84 -8.37 -19.50
CA SER C 203 -21.76 -9.45 -19.18
C SER C 203 -21.08 -10.49 -18.28
N ASP C 204 -21.91 -11.39 -17.74
CA ASP C 204 -21.44 -12.42 -16.82
C ASP C 204 -22.28 -13.68 -16.99
N PRO C 205 -21.67 -14.87 -17.00
CA PRO C 205 -22.46 -16.11 -17.00
C PRO C 205 -22.95 -16.46 -15.61
N ASP C 206 -24.21 -16.88 -15.53
CA ASP C 206 -24.81 -17.22 -14.25
C ASP C 206 -25.29 -18.65 -14.22
N ASP C 207 -25.95 -19.05 -13.14
CA ASP C 207 -26.46 -20.41 -13.00
C ASP C 207 -27.89 -20.58 -13.47
N ARG C 208 -28.69 -19.53 -13.45
CA ARG C 208 -30.08 -19.59 -13.88
C ARG C 208 -30.19 -19.42 -15.39
N GLY C 209 -31.17 -20.10 -15.98
CA GLY C 209 -31.34 -20.07 -17.42
C GLY C 209 -31.94 -18.75 -17.90
N GLY C 210 -31.70 -18.46 -19.17
CA GLY C 210 -32.23 -17.26 -19.78
C GLY C 210 -31.43 -16.02 -19.44
N TRP C 211 -31.83 -14.91 -20.06
CA TRP C 211 -31.21 -13.63 -19.78
C TRP C 211 -31.58 -13.16 -18.37
N GLY C 212 -30.67 -12.39 -17.77
CA GLY C 212 -30.88 -11.92 -16.42
C GLY C 212 -30.22 -10.57 -16.19
N ILE C 213 -30.55 -9.98 -15.06
CA ILE C 213 -30.00 -8.68 -14.68
C ILE C 213 -28.64 -8.87 -14.04
N SER C 214 -27.68 -8.04 -14.44
CA SER C 214 -26.33 -8.16 -13.91
C SER C 214 -26.24 -7.63 -12.48
N PRO C 215 -25.50 -8.33 -11.62
CA PRO C 215 -25.24 -7.79 -10.27
C PRO C 215 -24.41 -6.52 -10.27
N ARG C 216 -23.68 -6.23 -11.35
CA ARG C 216 -22.93 -4.99 -11.47
C ARG C 216 -23.76 -3.86 -12.06
N GLY C 217 -25.04 -4.09 -12.34
CA GLY C 217 -25.90 -3.09 -12.91
C GLY C 217 -25.62 -2.73 -14.36
N ALA C 218 -24.48 -3.14 -14.91
CA ALA C 218 -24.14 -2.89 -16.30
C ALA C 218 -24.09 -4.20 -17.06
N GLY C 219 -24.71 -4.22 -18.22
CA GLY C 219 -24.78 -5.44 -19.01
C GLY C 219 -25.82 -6.41 -18.48
N TYR C 220 -25.91 -7.56 -19.14
CA TYR C 220 -26.85 -8.61 -18.77
C TYR C 220 -26.08 -9.88 -18.42
N THR C 221 -26.82 -10.89 -17.97
CA THR C 221 -26.28 -12.21 -17.69
C THR C 221 -26.96 -13.23 -18.58
N PHE C 222 -26.21 -14.26 -18.97
CA PHE C 222 -26.69 -15.30 -19.87
C PHE C 222 -26.58 -16.65 -19.20
N GLY C 223 -27.60 -17.48 -19.39
CA GLY C 223 -27.64 -18.82 -18.85
C GLY C 223 -27.00 -19.83 -19.78
N GLN C 224 -27.15 -21.11 -19.40
CA GLN C 224 -26.57 -22.19 -20.18
C GLN C 224 -27.16 -22.26 -21.58
N ASP C 225 -28.47 -22.08 -21.69
CA ASP C 225 -29.13 -22.25 -22.99
C ASP C 225 -28.76 -21.13 -23.95
N ILE C 226 -28.51 -19.92 -23.44
CA ILE C 226 -28.04 -18.83 -24.31
C ILE C 226 -26.71 -19.20 -24.96
N SER C 227 -25.77 -19.67 -24.15
CA SER C 227 -24.46 -20.05 -24.67
C SER C 227 -24.57 -21.23 -25.62
N GLU C 228 -25.43 -22.20 -25.29
CA GLU C 228 -25.64 -23.35 -26.17
C GLU C 228 -26.18 -22.90 -27.52
N THR C 229 -27.18 -22.01 -27.52
CA THR C 229 -27.75 -21.52 -28.77
C THR C 229 -26.71 -20.75 -29.57
N PHE C 230 -25.91 -19.91 -28.90
CA PHE C 230 -24.89 -19.14 -29.59
C PHE C 230 -23.86 -20.05 -30.23
N ASN C 231 -23.43 -21.09 -29.50
CA ASN C 231 -22.41 -22.00 -30.02
C ASN C 231 -22.95 -22.81 -31.20
N HIS C 232 -24.18 -23.32 -31.08
CA HIS C 232 -24.73 -24.12 -32.17
C HIS C 232 -25.14 -23.27 -33.37
N ALA C 233 -25.35 -21.97 -33.18
CA ALA C 233 -25.66 -21.08 -34.30
C ALA C 233 -24.41 -20.59 -35.01
N ASN C 234 -23.34 -20.32 -34.26
CA ASN C 234 -22.10 -19.84 -34.85
C ASN C 234 -21.16 -20.96 -35.26
N GLY C 235 -21.47 -22.21 -34.94
CA GLY C 235 -20.65 -23.33 -35.35
C GLY C 235 -19.29 -23.40 -34.69
N LEU C 236 -19.17 -22.93 -33.45
CA LEU C 236 -17.91 -22.90 -32.74
C LEU C 236 -18.01 -23.65 -31.42
N THR C 237 -16.87 -24.18 -30.97
CA THR C 237 -16.85 -25.19 -29.91
C THR C 237 -16.67 -24.62 -28.51
N LEU C 238 -16.23 -23.37 -28.38
CA LEU C 238 -15.96 -22.84 -27.05
C LEU C 238 -16.01 -21.32 -27.09
N VAL C 239 -16.53 -20.72 -26.02
CA VAL C 239 -16.56 -19.27 -25.86
C VAL C 239 -15.64 -18.93 -24.69
N SER C 240 -14.46 -18.40 -24.99
CA SER C 240 -13.52 -18.01 -23.95
C SER C 240 -13.83 -16.60 -23.50
N ARG C 241 -13.60 -16.33 -22.21
CA ARG C 241 -13.88 -15.01 -21.66
C ARG C 241 -13.01 -14.77 -20.45
N ALA C 242 -13.22 -13.62 -19.81
CA ALA C 242 -12.48 -13.15 -18.64
C ALA C 242 -13.42 -12.28 -17.81
N HIS C 243 -12.85 -11.39 -17.00
CA HIS C 243 -13.55 -10.29 -16.34
C HIS C 243 -14.26 -10.74 -15.06
N GLN C 244 -14.27 -12.03 -14.76
CA GLN C 244 -14.84 -12.52 -13.51
C GLN C 244 -13.73 -13.16 -12.68
N LEU C 245 -13.68 -12.80 -11.41
CA LEU C 245 -12.70 -13.40 -10.51
C LEU C 245 -13.07 -14.85 -10.24
N VAL C 246 -12.11 -15.76 -10.46
CA VAL C 246 -12.30 -17.18 -10.24
C VAL C 246 -11.21 -17.66 -9.30
N MET C 247 -11.60 -18.42 -8.28
CA MET C 247 -10.66 -18.82 -7.23
C MET C 247 -9.54 -19.69 -7.78
N GLU C 248 -9.87 -20.63 -8.67
CA GLU C 248 -8.89 -21.58 -9.18
C GLU C 248 -8.11 -21.06 -10.37
N GLY C 249 -8.32 -19.80 -10.76
CA GLY C 249 -7.68 -19.22 -11.92
C GLY C 249 -8.48 -19.37 -13.19
N TYR C 250 -9.08 -20.54 -13.40
CA TYR C 250 -9.94 -20.78 -14.54
C TYR C 250 -11.16 -21.56 -14.08
N ASN C 251 -12.26 -21.40 -14.80
CA ASN C 251 -13.50 -22.07 -14.46
C ASN C 251 -14.26 -22.43 -15.72
N TRP C 252 -15.00 -23.53 -15.66
CA TRP C 252 -15.85 -23.98 -16.75
C TRP C 252 -17.31 -23.76 -16.40
N CYS C 253 -18.08 -23.25 -17.35
CA CYS C 253 -19.47 -22.91 -17.10
C CYS C 253 -20.35 -23.45 -18.23
N HIS C 254 -21.65 -23.55 -17.93
CA HIS C 254 -22.66 -23.96 -18.90
C HIS C 254 -22.33 -25.32 -19.52
N ASP C 255 -21.91 -26.26 -18.68
CA ASP C 255 -21.53 -27.61 -19.10
C ASP C 255 -20.45 -27.52 -20.17
N ARG C 256 -19.30 -26.98 -19.77
CA ARG C 256 -18.09 -26.92 -20.60
C ARG C 256 -18.40 -26.26 -21.95
N ASN C 257 -19.19 -25.20 -21.92
CA ASN C 257 -19.48 -24.43 -23.13
C ASN C 257 -18.71 -23.12 -23.17
N VAL C 258 -18.54 -22.45 -22.03
CA VAL C 258 -17.72 -21.26 -21.93
C VAL C 258 -16.72 -21.48 -20.80
N VAL C 259 -15.63 -20.73 -20.85
CA VAL C 259 -14.57 -20.83 -19.84
C VAL C 259 -14.13 -19.43 -19.45
N THR C 260 -14.02 -19.19 -18.15
CA THR C 260 -13.52 -17.93 -17.63
C THR C 260 -12.06 -18.08 -17.27
N ILE C 261 -11.23 -17.19 -17.82
CA ILE C 261 -9.78 -17.22 -17.60
C ILE C 261 -9.42 -15.88 -16.97
N PHE C 262 -9.21 -15.88 -15.65
CA PHE C 262 -8.80 -14.70 -14.92
C PHE C 262 -7.34 -14.89 -14.53
N SER C 263 -6.46 -14.07 -15.12
CA SER C 263 -5.02 -14.28 -15.03
C SER C 263 -4.33 -13.27 -14.12
N ALA C 264 -5.04 -12.72 -13.15
CA ALA C 264 -4.43 -11.81 -12.17
C ALA C 264 -4.49 -12.47 -10.80
N PRO C 265 -3.39 -13.04 -10.31
CA PRO C 265 -3.45 -13.72 -9.01
C PRO C 265 -3.32 -12.77 -7.84
N ASN C 266 -3.81 -13.24 -6.69
CA ASN C 266 -3.91 -12.44 -5.48
C ASN C 266 -4.66 -11.15 -5.75
N TYR C 267 -5.76 -11.26 -6.49
CA TYR C 267 -6.62 -10.10 -6.74
C TYR C 267 -7.28 -9.67 -5.44
N CYS C 268 -7.36 -8.35 -5.24
CA CYS C 268 -7.82 -7.71 -4.01
C CYS C 268 -6.89 -7.95 -2.83
N TYR C 269 -5.80 -8.70 -3.02
CA TYR C 269 -4.77 -9.01 -2.04
C TYR C 269 -5.31 -9.76 -0.84
N ARG C 270 -6.61 -10.08 -0.80
CA ARG C 270 -7.19 -10.80 0.31
C ARG C 270 -8.10 -11.94 -0.11
N CYS C 271 -8.45 -12.04 -1.40
CA CYS C 271 -9.15 -13.20 -1.91
C CYS C 271 -8.24 -14.40 -2.10
N GLY C 272 -6.95 -14.17 -2.40
CA GLY C 272 -5.99 -15.25 -2.55
C GLY C 272 -6.13 -16.06 -3.81
N ASN C 273 -6.85 -15.57 -4.81
CA ASN C 273 -7.10 -16.34 -6.01
C ASN C 273 -5.82 -16.58 -6.78
N GLN C 274 -5.77 -17.72 -7.47
CA GLN C 274 -4.68 -18.01 -8.38
C GLN C 274 -4.94 -17.36 -9.73
N ALA C 275 -4.00 -17.53 -10.65
CA ALA C 275 -4.15 -17.08 -12.01
C ALA C 275 -4.04 -18.27 -12.95
N ALA C 276 -4.65 -18.14 -14.12
CA ALA C 276 -4.57 -19.20 -15.11
C ALA C 276 -4.44 -18.60 -16.51
N ILE C 277 -3.77 -19.33 -17.39
CA ILE C 277 -3.75 -19.04 -18.81
C ILE C 277 -4.12 -20.32 -19.55
N MET C 278 -4.66 -20.14 -20.76
CA MET C 278 -5.20 -21.24 -21.55
C MET C 278 -4.40 -21.37 -22.82
N GLU C 279 -3.76 -22.52 -23.01
CA GLU C 279 -2.89 -22.75 -24.16
C GLU C 279 -3.59 -23.63 -25.19
N LEU C 280 -3.47 -23.25 -26.45
CA LEU C 280 -4.09 -23.97 -27.56
C LEU C 280 -3.00 -24.37 -28.55
N ASP C 281 -3.08 -25.59 -29.06
CA ASP C 281 -2.27 -26.05 -30.17
C ASP C 281 -3.18 -26.36 -31.36
N ASP C 282 -2.59 -26.83 -32.46
CA ASP C 282 -3.43 -27.18 -33.62
C ASP C 282 -4.26 -28.42 -33.36
N THR C 283 -3.92 -29.20 -32.33
CA THR C 283 -4.82 -30.24 -31.85
C THR C 283 -5.94 -29.66 -31.00
N LEU C 284 -5.93 -28.35 -30.75
CA LEU C 284 -6.96 -27.63 -30.03
C LEU C 284 -7.13 -28.14 -28.60
N LYS C 285 -6.09 -28.74 -28.03
CA LYS C 285 -6.16 -29.19 -26.64
C LYS C 285 -6.04 -27.99 -25.70
N TYR C 286 -6.96 -27.91 -24.75
CA TYR C 286 -6.95 -26.82 -23.77
C TYR C 286 -6.07 -27.25 -22.58
N SER C 287 -4.88 -26.67 -22.49
CA SER C 287 -3.97 -26.93 -21.39
C SER C 287 -3.93 -25.68 -20.51
N PHE C 288 -4.56 -25.77 -19.34
CA PHE C 288 -4.65 -24.62 -18.44
C PHE C 288 -3.48 -24.66 -17.47
N LEU C 289 -2.62 -23.66 -17.54
CA LEU C 289 -1.54 -23.47 -16.57
C LEU C 289 -2.00 -22.54 -15.47
N GLN C 290 -1.41 -22.70 -14.28
CA GLN C 290 -1.75 -21.85 -13.14
C GLN C 290 -0.48 -21.35 -12.47
N PHE C 291 -0.58 -20.17 -11.87
CA PHE C 291 0.56 -19.56 -11.18
C PHE C 291 0.01 -18.58 -10.14
N ASP C 292 0.10 -18.93 -8.87
CA ASP C 292 -0.30 -17.98 -7.85
C ASP C 292 0.76 -16.94 -7.45
N PRO C 293 2.07 -17.26 -7.38
CA PRO C 293 2.97 -16.36 -6.65
C PRO C 293 3.53 -15.25 -7.54
N ALA C 294 4.21 -14.29 -6.93
CA ALA C 294 5.09 -13.33 -7.61
C ALA C 294 6.00 -12.69 -6.58
N PRO C 295 7.24 -13.19 -6.33
CA PRO C 295 8.12 -12.64 -5.27
C PRO C 295 8.97 -11.49 -5.81
N THR C 306 1.53 -8.01 9.57
CA THR C 306 1.59 -6.67 10.19
C THR C 306 2.25 -5.71 9.23
N PRO C 307 1.89 -4.41 9.24
CA PRO C 307 2.51 -3.39 8.36
C PRO C 307 3.71 -2.76 9.06
N ASP C 308 4.45 -1.93 8.33
CA ASP C 308 5.64 -1.26 8.93
C ASP C 308 5.19 -0.46 10.15
N TYR C 309 4.19 0.41 9.98
CA TYR C 309 3.77 1.28 11.11
C TYR C 309 3.53 0.39 12.35
N PHE C 310 2.87 -0.75 12.16
CA PHE C 310 2.60 -1.67 13.30
C PHE C 310 3.61 -2.81 13.26
N LEU C 311 4.89 -2.50 13.28
CA LEU C 311 5.94 -3.55 13.33
C LEU C 311 6.98 -3.19 14.38
#